data_3CD0
#
_entry.id   3CD0
#
_cell.length_a   73.681
_cell.length_b   173.957
_cell.length_c   76.399
_cell.angle_alpha   90.00
_cell.angle_beta   119.06
_cell.angle_gamma   90.00
#
_symmetry.space_group_name_H-M   'P 1 21 1'
#
loop_
_entity.id
_entity.type
_entity.pdbx_description
1 polymer '3-hydroxy-3-methylglutaryl-coenzyme A reductase'
2 non-polymer '(3R,5R)-7-{2-[(4-fluorobenzyl)carbamoyl]-4-(4-fluorophenyl)-1-(1-methylethyl)-1H-imidazol-5-yl}-3,5-dihydroxyheptanoic acid'
3 water water
#
_entity_poly.entity_id   1
_entity_poly.type   'polypeptide(L)'
_entity_poly.pdbx_seq_one_letter_code
;HHHHHHEPRPNEECLQILGNAEKGAKFLSDAEIIQLVNAKHIPAYKLETLIETHERGVSIRRQLLSKKLSEPSSLQYLPY
RDYNYSLVMGACCENVIGYMPIPVGVAGPLCLDEKEFQVPMATTEGCLVASTNRGCRAIGLGGGASSRVLADGMTRGPVV
RLPRACDSAEVKAWLETSEGFAVIKEAFDSTSRFARLQKLHTSIAGRNLYIRFQSRSGDAMGMNMISKGTEKALSKLHEY
FPEMQILAVSGNYCTDKKPAAINWIEGRGKSVVCEAVIPAKVVREVLKTTTEAMIEVNINKNLVGSAMAGSIGGYNAHAA
NIVTAIYIACGQDAAQNVGSSNCITLMEASGPTNEDLYISCTMPSIEIGTVGGGTNLLPQQACLQMLGVQGACKDNPGEN
ARQLARIVCGTVMAGELSLMAALAAGHLVKSHMIHNRSKIN
;
_entity_poly.pdbx_strand_id   A,B,C,D
#
loop_
_chem_comp.id
_chem_comp.type
_chem_comp.name
_chem_comp.formula
6HI non-polymer '(3R,5R)-7-{2-[(4-fluorobenzyl)carbamoyl]-4-(4-fluorophenyl)-1-(1-methylethyl)-1H-imidazol-5-yl}-3,5-dihydroxyheptanoic acid' 'C27 H31 F2 N3 O5'
#
# COMPACT_ATOMS: atom_id res chain seq x y z
N GLU A 7 -21.68 55.47 25.19
CA GLU A 7 -21.52 55.93 23.77
C GLU A 7 -22.29 55.04 22.77
N PRO A 8 -22.18 53.71 22.88
CA PRO A 8 -22.92 52.80 21.99
C PRO A 8 -24.45 52.85 22.20
N ARG A 9 -25.14 53.51 21.29
CA ARG A 9 -26.60 53.67 21.38
C ARG A 9 -27.34 52.33 21.19
N PRO A 10 -28.58 52.23 21.70
CA PRO A 10 -29.34 50.98 21.71
C PRO A 10 -29.39 50.21 20.39
N ASN A 11 -29.61 48.90 20.49
CA ASN A 11 -29.66 48.02 19.33
C ASN A 11 -30.80 48.35 18.37
N GLU A 12 -31.88 48.92 18.91
CA GLU A 12 -33.05 49.30 18.12
C GLU A 12 -32.68 50.28 17.01
N GLU A 13 -32.08 51.40 17.41
CA GLU A 13 -31.70 52.45 16.48
C GLU A 13 -30.64 51.97 15.49
N CYS A 14 -29.70 51.15 15.98
CA CYS A 14 -28.59 50.64 15.16
C CYS A 14 -29.05 49.79 13.98
N LEU A 15 -30.14 49.04 14.16
CA LEU A 15 -30.71 48.20 13.09
C LEU A 15 -31.39 49.04 12.02
N GLN A 16 -32.04 50.12 12.44
CA GLN A 16 -32.70 51.05 11.52
C GLN A 16 -31.70 51.73 10.59
N ILE A 17 -30.51 52.04 11.12
CA ILE A 17 -29.46 52.74 10.39
C ILE A 17 -28.79 51.78 9.40
N LEU A 18 -28.74 50.50 9.76
CA LEU A 18 -28.14 49.47 8.92
C LEU A 18 -29.06 49.11 7.74
N GLY A 19 -30.36 49.06 7.99
CA GLY A 19 -31.36 48.79 6.96
C GLY A 19 -31.59 49.94 6.00
N ASN A 20 -31.17 51.15 6.40
CA ASN A 20 -31.26 52.33 5.54
C ASN A 20 -30.15 52.31 4.48
N ALA A 21 -30.55 52.20 3.21
CA ALA A 21 -29.59 52.07 2.09
C ALA A 21 -28.72 53.32 1.87
N GLU A 22 -29.27 54.51 2.14
CA GLU A 22 -28.52 55.75 1.99
C GLU A 22 -27.48 55.92 3.10
N LYS A 23 -27.68 55.20 4.20
CA LYS A 23 -26.73 55.17 5.32
C LYS A 23 -25.86 53.90 5.29
N GLY A 24 -26.34 52.81 5.91
CA GLY A 24 -25.64 51.53 5.93
C GLY A 24 -24.82 51.29 7.18
N ALA A 25 -23.83 50.40 7.06
CA ALA A 25 -22.95 50.06 8.18
C ALA A 25 -21.90 51.13 8.43
N LYS A 26 -21.62 51.95 7.42
CA LYS A 26 -20.67 53.05 7.52
C LYS A 26 -21.01 54.00 8.68
N PHE A 27 -22.30 54.13 8.99
CA PHE A 27 -22.79 55.09 9.98
C PHE A 27 -22.81 54.54 11.42
N LEU A 28 -22.22 53.36 11.64
CA LEU A 28 -22.12 52.77 12.96
C LEU A 28 -20.66 52.66 13.41
N SER A 29 -20.47 52.52 14.73
CA SER A 29 -19.15 52.39 15.33
C SER A 29 -18.70 50.94 15.31
N ASP A 30 -17.40 50.69 15.53
CA ASP A 30 -16.92 49.32 15.71
C ASP A 30 -17.69 48.67 16.87
N ALA A 31 -17.88 49.42 17.94
CA ALA A 31 -18.54 48.91 19.15
C ALA A 31 -20.03 48.57 18.96
N GLU A 32 -20.70 49.27 18.06
CA GLU A 32 -22.13 49.03 17.80
C GLU A 32 -22.36 47.82 16.91
N ILE A 33 -21.47 47.62 15.94
CA ILE A 33 -21.49 46.43 15.09
C ILE A 33 -21.26 45.20 15.97
N ILE A 34 -20.32 45.31 16.91
CA ILE A 34 -20.00 44.24 17.87
C ILE A 34 -21.15 44.01 18.87
N GLN A 35 -21.89 45.07 19.18
CA GLN A 35 -23.01 44.97 20.12
C GLN A 35 -24.15 44.13 19.52
N LEU A 36 -24.37 44.32 18.21
CA LEU A 36 -25.41 43.61 17.48
C LEU A 36 -25.07 42.14 17.31
N VAL A 37 -23.80 41.83 17.08
CA VAL A 37 -23.34 40.46 16.91
C VAL A 37 -23.53 39.71 18.23
N ASN A 38 -23.08 40.34 19.32
CA ASN A 38 -23.28 39.81 20.68
C ASN A 38 -24.74 40.01 21.11
N ALA A 39 -25.55 38.96 20.90
CA ALA A 39 -27.02 38.97 21.08
C ALA A 39 -27.77 39.01 19.74
N LYS A 40 -27.27 38.25 18.76
CA LYS A 40 -27.96 37.95 17.50
C LYS A 40 -28.36 39.19 16.69
N HIS A 41 -29.14 39.00 15.62
CA HIS A 41 -29.52 40.07 14.67
C HIS A 41 -28.57 40.03 13.48
N ILE A 42 -27.28 39.96 13.77
CA ILE A 42 -26.24 39.65 12.78
C ILE A 42 -25.48 38.41 13.26
N PRO A 43 -25.28 37.42 12.38
CA PRO A 43 -24.51 36.22 12.75
C PRO A 43 -23.01 36.47 12.96
N ALA A 44 -22.30 36.82 11.88
CA ALA A 44 -20.83 36.98 11.89
C ALA A 44 -20.32 36.84 10.46
N TYR A 45 -20.82 35.82 9.77
CA TYR A 45 -20.50 35.59 8.36
C TYR A 45 -21.13 36.64 7.45
N LYS A 46 -22.21 37.29 7.93
CA LYS A 46 -22.88 38.35 7.17
C LYS A 46 -22.07 39.65 7.13
N LEU A 47 -21.08 39.77 8.02
CA LEU A 47 -20.15 40.89 8.00
C LEU A 47 -19.45 41.05 6.63
N GLU A 48 -19.24 39.92 5.93
CA GLU A 48 -18.69 39.90 4.57
C GLU A 48 -19.39 40.90 3.66
N THR A 49 -20.73 40.82 3.67
CA THR A 49 -21.56 41.49 2.69
C THR A 49 -22.24 42.76 3.22
N LEU A 50 -22.23 42.97 4.53
CA LEU A 50 -22.91 44.11 5.16
C LEU A 50 -22.00 45.32 5.36
N ILE A 51 -20.79 45.10 5.86
CA ILE A 51 -19.90 46.21 6.24
C ILE A 51 -19.35 46.94 5.02
N GLU A 52 -19.16 48.26 5.19
CA GLU A 52 -18.62 49.16 4.16
C GLU A 52 -17.45 48.61 3.33
N THR A 53 -16.39 48.12 3.99
CA THR A 53 -15.25 47.54 3.28
C THR A 53 -14.91 46.13 3.76
N HIS A 54 -14.11 45.40 2.96
CA HIS A 54 -13.66 44.06 3.33
C HIS A 54 -12.72 44.10 4.52
N GLU A 55 -11.80 45.07 4.54
CA GLU A 55 -10.78 45.17 5.58
C GLU A 55 -11.37 45.52 6.96
N ARG A 56 -12.43 46.30 6.98
CA ARG A 56 -13.13 46.61 8.23
C ARG A 56 -13.88 45.37 8.75
N GLY A 57 -14.40 44.55 7.85
CA GLY A 57 -15.02 43.30 8.25
C GLY A 57 -14.03 42.38 8.97
N VAL A 58 -12.82 42.33 8.44
CA VAL A 58 -11.72 41.55 9.01
C VAL A 58 -11.38 42.10 10.39
N SER A 59 -11.25 43.42 10.50
CA SER A 59 -10.96 44.07 11.78
C SER A 59 -12.05 43.76 12.82
N ILE A 60 -13.32 43.81 12.43
CA ILE A 60 -14.41 43.52 13.36
C ILE A 60 -14.35 42.06 13.81
N ARG A 61 -14.09 41.16 12.86
CA ARG A 61 -13.98 39.73 13.15
C ARG A 61 -12.78 39.44 14.05
N ARG A 62 -11.68 40.18 13.86
CA ARG A 62 -10.52 40.04 14.75
C ARG A 62 -10.85 40.48 16.17
N GLN A 63 -11.62 41.57 16.31
CA GLN A 63 -11.99 42.11 17.63
C GLN A 63 -12.93 41.18 18.38
N LEU A 64 -13.89 40.57 17.67
CA LEU A 64 -14.76 39.55 18.25
C LEU A 64 -13.93 38.36 18.73
N LEU A 65 -13.11 37.82 17.83
CA LEU A 65 -12.28 36.65 18.13
C LEU A 65 -11.32 36.87 19.30
N SER A 66 -10.82 38.08 19.48
CA SER A 66 -9.83 38.40 20.51
C SER A 66 -10.40 38.31 21.93
N LYS A 67 -11.66 38.69 22.12
CA LYS A 67 -12.32 38.59 23.43
C LYS A 67 -12.62 37.14 23.83
N LYS A 68 -12.64 36.25 22.85
CA LYS A 68 -12.86 34.83 23.10
C LYS A 68 -11.56 34.12 23.52
N LEU A 69 -10.42 34.68 23.13
CA LEU A 69 -9.11 34.07 23.39
C LEU A 69 -8.62 34.31 24.81
N SER A 70 -7.81 33.37 25.33
CA SER A 70 -7.30 33.50 26.69
C SER A 70 -6.02 34.34 26.74
N GLU A 71 -5.62 34.89 25.60
CA GLU A 71 -4.61 35.95 25.56
C GLU A 71 -5.11 36.95 24.52
N PRO A 72 -5.77 38.03 24.97
CA PRO A 72 -6.35 39.02 24.06
C PRO A 72 -5.40 39.62 23.02
N SER A 73 -4.09 39.58 23.29
CA SER A 73 -3.10 40.14 22.36
C SER A 73 -2.52 39.11 21.37
N SER A 74 -3.16 37.95 21.22
CA SER A 74 -2.63 36.86 20.39
C SER A 74 -2.47 37.26 18.93
N LEU A 75 -3.41 38.05 18.43
CA LEU A 75 -3.42 38.45 17.01
C LEU A 75 -2.50 39.62 16.68
N GLN A 76 -1.91 40.25 17.70
CA GLN A 76 -0.99 41.39 17.54
C GLN A 76 -0.10 41.33 16.29
N TYR A 77 0.51 40.18 16.04
CA TYR A 77 1.51 40.03 14.98
C TYR A 77 1.02 39.26 13.74
N LEU A 78 -0.25 38.86 13.74
CA LEU A 78 -0.90 38.33 12.56
C LEU A 78 -1.34 39.52 11.69
N PRO A 79 -0.70 39.75 10.56
CA PRO A 79 -1.03 40.91 9.74
C PRO A 79 -2.39 40.80 9.03
N TYR A 80 -3.00 41.94 8.71
CA TYR A 80 -4.27 41.96 7.95
C TYR A 80 -4.48 43.20 7.08
N ARG A 81 -3.88 44.33 7.45
CA ARG A 81 -4.09 45.59 6.75
C ARG A 81 -3.50 45.59 5.35
N ASP A 82 -4.21 46.23 4.42
CA ASP A 82 -3.72 46.56 3.08
C ASP A 82 -3.54 45.37 2.13
N TYR A 83 -4.06 44.21 2.53
CA TYR A 83 -4.09 43.04 1.68
C TYR A 83 -5.33 43.13 0.79
N ASN A 84 -5.21 42.64 -0.45
CA ASN A 84 -6.29 42.71 -1.43
C ASN A 84 -7.31 41.59 -1.23
N TYR A 85 -8.27 41.82 -0.34
CA TYR A 85 -9.27 40.82 0.01
C TYR A 85 -10.39 40.68 -1.02
N SER A 86 -10.52 41.63 -1.94
CA SER A 86 -11.61 41.61 -2.92
C SER A 86 -11.64 40.26 -3.64
N LEU A 87 -10.46 39.75 -3.99
CA LEU A 87 -10.33 38.49 -4.73
C LEU A 87 -10.51 37.23 -3.86
N VAL A 88 -10.52 37.41 -2.54
CA VAL A 88 -10.58 36.30 -1.58
C VAL A 88 -12.00 36.06 -1.04
N MET A 89 -12.77 37.12 -0.79
CA MET A 89 -14.08 36.95 -0.15
C MET A 89 -15.04 36.32 -1.16
N GLY A 90 -15.70 35.24 -0.76
CA GLY A 90 -16.60 34.50 -1.64
C GLY A 90 -15.93 33.57 -2.64
N ALA A 91 -14.60 33.42 -2.54
CA ALA A 91 -13.82 32.68 -3.54
C ALA A 91 -12.85 31.67 -2.93
N CYS A 92 -11.98 32.13 -2.03
CA CYS A 92 -10.84 31.35 -1.56
C CYS A 92 -10.83 30.99 -0.07
N CYS A 93 -11.54 31.78 0.75
CA CYS A 93 -11.49 31.62 2.20
C CYS A 93 -12.68 32.28 2.88
N GLU A 94 -13.03 31.80 4.07
CA GLU A 94 -14.13 32.38 4.87
C GLU A 94 -13.68 32.69 6.31
N ASN A 95 -14.51 33.45 7.04
CA ASN A 95 -14.17 33.95 8.38
C ASN A 95 -12.74 34.49 8.47
N VAL A 96 -12.41 35.40 7.57
CA VAL A 96 -11.03 35.77 7.32
C VAL A 96 -10.53 36.77 8.33
N ILE A 97 -9.48 36.41 9.06
CA ILE A 97 -8.90 37.27 10.10
C ILE A 97 -7.53 37.85 9.71
N GLY A 98 -7.07 37.58 8.49
CA GLY A 98 -5.80 38.10 8.04
C GLY A 98 -5.14 37.24 6.97
N TYR A 99 -3.81 37.29 6.93
CA TYR A 99 -3.03 36.45 6.04
C TYR A 99 -1.76 35.95 6.74
N MET A 100 -1.19 34.87 6.22
CA MET A 100 0.02 34.28 6.76
C MET A 100 1.17 34.43 5.75
N PRO A 101 2.14 35.29 6.03
CA PRO A 101 3.33 35.40 5.18
C PRO A 101 4.22 34.15 5.19
N ILE A 102 4.42 33.58 4.01
CA ILE A 102 5.33 32.45 3.82
C ILE A 102 6.50 32.95 2.97
N PRO A 103 7.72 32.94 3.52
CA PRO A 103 8.87 33.43 2.75
C PRO A 103 8.98 32.72 1.41
N VAL A 104 9.37 33.46 0.37
CA VAL A 104 9.55 32.91 -0.97
C VAL A 104 10.98 33.15 -1.43
N GLY A 105 11.69 32.07 -1.74
CA GLY A 105 13.02 32.15 -2.32
C GLY A 105 12.99 31.64 -3.73
N VAL A 106 14.02 31.98 -4.51
CA VAL A 106 14.11 31.55 -5.90
C VAL A 106 15.25 30.54 -6.06
N ALA A 107 15.01 29.56 -6.92
CA ALA A 107 15.96 28.50 -7.21
C ALA A 107 16.08 28.41 -8.71
N GLY A 108 17.24 28.79 -9.24
CA GLY A 108 17.53 28.64 -10.65
C GLY A 108 18.87 29.25 -11.04
N PRO A 109 19.14 29.37 -12.35
CA PRO A 109 18.24 28.95 -13.41
C PRO A 109 18.09 27.43 -13.48
N LEU A 110 16.88 26.97 -13.78
CA LEU A 110 16.60 25.56 -13.99
C LEU A 110 16.61 25.35 -15.48
N CYS A 111 17.59 24.61 -15.97
CA CYS A 111 17.73 24.37 -17.38
C CYS A 111 16.91 23.16 -17.73
N LEU A 112 15.81 23.39 -18.44
CA LEU A 112 14.82 22.37 -18.74
C LEU A 112 14.26 22.60 -20.15
N ASP A 113 14.39 21.59 -21.01
CA ASP A 113 13.94 21.66 -22.40
C ASP A 113 14.47 22.91 -23.12
N GLU A 114 15.78 23.12 -23.01
CA GLU A 114 16.50 24.22 -23.69
C GLU A 114 15.97 25.62 -23.35
N LYS A 115 15.29 25.73 -22.21
CA LYS A 115 14.86 27.00 -21.66
C LYS A 115 15.42 27.11 -20.26
N GLU A 116 15.27 28.27 -19.64
CA GLU A 116 15.69 28.49 -18.27
C GLU A 116 14.51 28.98 -17.44
N PHE A 117 14.44 28.53 -16.20
CA PHE A 117 13.32 28.86 -15.32
C PHE A 117 13.85 29.29 -13.96
N GLN A 118 13.39 30.44 -13.51
CA GLN A 118 13.64 30.92 -12.15
C GLN A 118 12.44 30.47 -11.34
N VAL A 119 12.62 29.42 -10.55
CA VAL A 119 11.52 28.72 -9.89
C VAL A 119 11.24 29.27 -8.50
N PRO A 120 10.03 29.79 -8.27
CA PRO A 120 9.68 30.32 -6.95
C PRO A 120 9.32 29.21 -5.97
N MET A 121 9.63 29.38 -4.70
CA MET A 121 9.48 28.33 -3.68
C MET A 121 9.16 28.93 -2.32
N ALA A 122 7.98 28.64 -1.80
CA ALA A 122 7.51 29.22 -0.54
C ALA A 122 7.71 28.21 0.58
N THR A 123 8.63 28.51 1.49
CA THR A 123 8.96 27.56 2.54
C THR A 123 9.47 28.23 3.82
N THR A 124 9.48 27.46 4.90
CA THR A 124 10.11 27.86 6.16
C THR A 124 11.20 26.90 6.63
N GLU A 125 11.49 25.87 5.84
CA GLU A 125 12.60 24.96 6.14
C GLU A 125 13.94 25.56 5.69
N GLY A 126 14.84 25.77 6.66
CA GLY A 126 16.16 26.25 6.38
C GLY A 126 16.89 25.32 5.42
N CYS A 127 17.56 25.91 4.45
CA CYS A 127 18.41 25.23 3.48
C CYS A 127 17.71 24.54 2.32
N LEU A 128 16.38 24.52 2.30
CA LEU A 128 15.66 23.85 1.21
C LEU A 128 15.88 24.56 -0.14
N VAL A 129 15.73 25.88 -0.17
CA VAL A 129 15.90 26.65 -1.40
C VAL A 129 17.34 26.66 -1.90
N ALA A 130 18.30 26.78 -0.99
CA ALA A 130 19.73 26.77 -1.34
C ALA A 130 20.16 25.39 -1.84
N SER A 131 19.62 24.32 -1.23
CA SER A 131 19.92 22.97 -1.65
C SER A 131 19.39 22.69 -3.06
N THR A 132 18.14 23.06 -3.31
CA THR A 132 17.54 22.88 -4.63
C THR A 132 18.33 23.65 -5.69
N ASN A 133 18.75 24.86 -5.31
CA ASN A 133 19.55 25.74 -6.16
C ASN A 133 20.89 25.10 -6.55
N ARG A 134 21.47 24.31 -5.65
CA ARG A 134 22.69 23.57 -5.97
C ARG A 134 22.41 22.47 -7.00
N GLY A 135 21.29 21.77 -6.82
CA GLY A 135 20.85 20.79 -7.80
C GLY A 135 20.66 21.39 -9.19
N CYS A 136 20.21 22.64 -9.23
CA CYS A 136 19.99 23.34 -10.50
C CYS A 136 21.33 23.61 -11.20
N ARG A 137 22.33 24.04 -10.44
CA ARG A 137 23.66 24.33 -10.97
C ARG A 137 24.26 23.06 -11.58
N ALA A 138 24.12 21.94 -10.87
CA ALA A 138 24.62 20.66 -11.36
C ALA A 138 23.97 20.24 -12.68
N ILE A 139 22.67 20.50 -12.79
CA ILE A 139 21.92 20.22 -14.02
C ILE A 139 22.37 21.16 -15.14
N GLY A 140 22.58 22.44 -14.81
CA GLY A 140 22.93 23.44 -15.80
C GLY A 140 24.30 23.21 -16.41
N LEU A 141 25.27 22.85 -15.56
CA LEU A 141 26.61 22.51 -16.03
C LEU A 141 26.67 21.14 -16.71
N GLY A 142 25.62 20.34 -16.52
CA GLY A 142 25.54 19.04 -17.17
C GLY A 142 24.86 19.00 -18.52
N GLY A 143 24.55 20.16 -19.11
CA GLY A 143 23.90 20.23 -20.42
C GLY A 143 22.39 20.40 -20.38
N GLY A 144 21.80 20.35 -19.19
CA GLY A 144 20.39 20.62 -18.99
C GLY A 144 19.53 19.36 -18.84
N ALA A 145 18.31 19.59 -18.35
CA ALA A 145 17.33 18.52 -18.13
C ALA A 145 16.30 18.52 -19.25
N SER A 146 15.74 17.34 -19.51
CA SER A 146 14.69 17.15 -20.50
C SER A 146 13.47 16.53 -19.85
N SER A 147 12.28 16.80 -20.37
CA SER A 147 11.07 16.28 -19.79
C SER A 147 9.96 16.08 -20.83
N ARG A 148 9.06 15.16 -20.50
CA ARG A 148 7.89 14.88 -21.32
C ARG A 148 6.66 14.68 -20.43
N VAL A 149 5.52 15.20 -20.86
CA VAL A 149 4.25 14.92 -20.22
C VAL A 149 3.70 13.68 -20.91
N LEU A 150 3.44 12.65 -20.09
CA LEU A 150 3.04 11.34 -20.58
C LEU A 150 1.54 11.17 -20.63
N ALA A 151 0.83 11.85 -19.74
CA ALA A 151 -0.63 11.78 -19.67
C ALA A 151 -1.20 13.03 -19.02
N ASP A 152 -2.49 13.26 -19.26
CA ASP A 152 -3.14 14.49 -18.79
C ASP A 152 -4.63 14.23 -18.67
N GLY A 153 -5.13 14.26 -17.44
CA GLY A 153 -6.53 14.06 -17.16
C GLY A 153 -6.82 14.00 -15.68
N MET A 154 -7.48 15.05 -15.17
CA MET A 154 -7.99 15.09 -13.80
C MET A 154 -9.13 14.09 -13.70
N THR A 155 -9.33 13.46 -12.53
CA THR A 155 -10.36 12.44 -12.38
C THR A 155 -11.36 12.71 -11.23
N ARG A 156 -12.50 12.02 -11.31
CA ARG A 156 -13.46 11.95 -10.22
C ARG A 156 -14.02 10.55 -10.17
N GLY A 157 -14.14 9.99 -8.98
CA GLY A 157 -14.41 8.57 -8.82
C GLY A 157 -15.64 8.27 -7.97
N PRO A 158 -16.84 8.61 -8.46
CA PRO A 158 -18.08 8.37 -7.71
C PRO A 158 -18.32 6.89 -7.40
N VAL A 159 -19.06 6.64 -6.32
CA VAL A 159 -19.58 5.31 -6.04
C VAL A 159 -21.11 5.32 -6.17
N VAL A 160 -21.63 4.40 -6.97
CA VAL A 160 -23.07 4.16 -7.09
C VAL A 160 -23.38 2.75 -6.59
N ARG A 161 -24.62 2.51 -6.19
CA ARG A 161 -25.08 1.15 -5.87
C ARG A 161 -26.31 0.76 -6.67
N LEU A 162 -26.35 -0.50 -7.10
CA LEU A 162 -27.52 -1.11 -7.68
C LEU A 162 -28.05 -2.06 -6.59
N PRO A 163 -29.25 -2.63 -6.76
CA PRO A 163 -29.81 -3.53 -5.75
C PRO A 163 -29.01 -4.83 -5.58
N ARG A 164 -28.43 -5.32 -6.67
CA ARG A 164 -27.65 -6.56 -6.66
C ARG A 164 -26.33 -6.38 -7.40
N ALA A 165 -25.36 -7.22 -7.07
CA ALA A 165 -24.07 -7.26 -7.76
C ALA A 165 -24.23 -7.67 -9.23
N CYS A 166 -25.26 -8.47 -9.51
CA CYS A 166 -25.57 -8.82 -10.90
C CYS A 166 -25.94 -7.59 -11.70
N ASP A 167 -26.64 -6.66 -11.06
CA ASP A 167 -27.07 -5.41 -11.69
C ASP A 167 -25.88 -4.48 -11.88
N SER A 168 -25.06 -4.34 -10.85
CA SER A 168 -23.86 -3.51 -10.95
C SER A 168 -22.95 -4.04 -12.05
N ALA A 169 -22.90 -5.37 -12.18
CA ALA A 169 -22.19 -6.05 -13.29
C ALA A 169 -22.79 -5.71 -14.66
N GLU A 170 -24.11 -5.59 -14.74
CA GLU A 170 -24.77 -5.20 -15.98
C GLU A 170 -24.42 -3.76 -16.37
N VAL A 171 -24.28 -2.89 -15.37
CA VAL A 171 -23.96 -1.48 -15.60
C VAL A 171 -22.51 -1.34 -16.07
N LYS A 172 -21.61 -2.16 -15.51
CA LYS A 172 -20.21 -2.18 -15.92
C LYS A 172 -20.07 -2.59 -17.38
N ALA A 173 -20.79 -3.64 -17.77
CA ALA A 173 -20.75 -4.17 -19.14
C ALA A 173 -21.35 -3.21 -20.17
N TRP A 174 -22.42 -2.53 -19.81
CA TRP A 174 -23.06 -1.53 -20.67
C TRP A 174 -22.11 -0.34 -20.86
N LEU A 175 -21.43 0.06 -19.78
CA LEU A 175 -20.43 1.12 -19.83
C LEU A 175 -19.20 0.76 -20.69
N GLU A 176 -18.96 -0.54 -20.86
CA GLU A 176 -17.85 -1.04 -21.67
C GLU A 176 -18.20 -1.26 -23.15
N THR A 177 -19.49 -1.18 -23.49
CA THR A 177 -19.89 -1.16 -24.88
C THR A 177 -19.54 0.19 -25.47
N SER A 178 -19.33 0.23 -26.78
CA SER A 178 -18.96 1.46 -27.46
C SER A 178 -20.10 2.48 -27.44
N GLU A 179 -21.32 1.98 -27.56
CA GLU A 179 -22.50 2.82 -27.65
C GLU A 179 -22.89 3.34 -26.28
N GLY A 180 -22.71 2.53 -25.25
CA GLY A 180 -22.94 2.94 -23.87
C GLY A 180 -21.98 4.04 -23.45
N PHE A 181 -20.69 3.85 -23.71
CA PHE A 181 -19.69 4.87 -23.43
C PHE A 181 -19.95 6.16 -24.21
N ALA A 182 -20.46 6.03 -25.44
CA ALA A 182 -20.68 7.21 -26.29
C ALA A 182 -21.81 8.09 -25.76
N VAL A 183 -22.84 7.48 -25.20
CA VAL A 183 -23.94 8.19 -24.58
C VAL A 183 -23.46 8.95 -23.34
N ILE A 184 -22.63 8.28 -22.55
CA ILE A 184 -22.11 8.84 -21.31
C ILE A 184 -21.10 9.95 -21.62
N LYS A 185 -20.34 9.76 -22.70
CA LYS A 185 -19.36 10.73 -23.14
C LYS A 185 -20.05 11.99 -23.63
N GLU A 186 -21.17 11.84 -24.34
CA GLU A 186 -21.94 12.98 -24.82
C GLU A 186 -22.53 13.79 -23.67
N ALA A 187 -23.01 13.12 -22.62
CA ALA A 187 -23.57 13.83 -21.48
C ALA A 187 -22.47 14.57 -20.72
N PHE A 188 -21.34 13.91 -20.51
CA PHE A 188 -20.20 14.48 -19.81
C PHE A 188 -19.67 15.70 -20.55
N ASP A 189 -19.47 15.54 -21.85
CA ASP A 189 -18.81 16.55 -22.70
C ASP A 189 -19.64 17.80 -22.96
N SER A 190 -20.95 17.73 -22.72
CA SER A 190 -21.86 18.87 -22.95
C SER A 190 -21.80 19.91 -21.83
N THR A 191 -21.14 19.59 -20.72
CA THR A 191 -21.16 20.46 -19.52
C THR A 191 -20.14 21.60 -19.59
N SER A 192 -19.15 21.49 -20.46
CA SER A 192 -18.08 22.48 -20.56
C SER A 192 -17.26 22.28 -21.84
N ARG A 193 -16.62 23.35 -22.30
CA ARG A 193 -15.89 23.29 -23.58
C ARG A 193 -14.63 22.41 -23.51
N PHE A 194 -14.04 22.27 -22.33
CA PHE A 194 -12.87 21.42 -22.13
C PHE A 194 -13.20 19.98 -21.70
N ALA A 195 -14.46 19.73 -21.36
CA ALA A 195 -14.88 18.39 -20.93
C ALA A 195 -14.82 17.42 -22.10
N ARG A 196 -13.77 16.61 -22.13
CA ARG A 196 -13.59 15.59 -23.17
C ARG A 196 -13.26 14.25 -22.51
N LEU A 197 -14.29 13.44 -22.27
CA LEU A 197 -14.17 12.23 -21.46
C LEU A 197 -13.27 11.22 -22.15
N GLN A 198 -12.30 10.72 -21.40
CA GLN A 198 -11.38 9.70 -21.86
C GLN A 198 -11.92 8.32 -21.47
N LYS A 199 -11.12 7.29 -21.70
CA LYS A 199 -11.51 5.91 -21.38
C LYS A 199 -11.95 5.78 -19.90
N LEU A 200 -13.03 5.05 -19.68
CA LEU A 200 -13.58 4.85 -18.34
C LEU A 200 -12.89 3.67 -17.66
N HIS A 201 -12.55 3.83 -16.39
CA HIS A 201 -12.14 2.70 -15.55
C HIS A 201 -13.16 2.48 -14.44
N THR A 202 -13.66 1.27 -14.34
CA THR A 202 -14.63 0.94 -13.31
C THR A 202 -14.16 -0.26 -12.51
N SER A 203 -14.72 -0.39 -11.31
CA SER A 203 -14.39 -1.50 -10.43
C SER A 203 -15.60 -1.83 -9.54
N ILE A 204 -15.85 -3.11 -9.33
CA ILE A 204 -17.01 -3.54 -8.57
C ILE A 204 -16.60 -4.04 -7.19
N ALA A 205 -17.42 -3.69 -6.20
CA ALA A 205 -17.34 -4.25 -4.86
C ALA A 205 -18.76 -4.71 -4.50
N GLY A 206 -19.14 -5.89 -4.97
CA GLY A 206 -20.47 -6.40 -4.74
C GLY A 206 -21.46 -5.57 -5.52
N ARG A 207 -22.48 -5.05 -4.87
CA ARG A 207 -23.43 -4.19 -5.57
C ARG A 207 -22.96 -2.74 -5.73
N ASN A 208 -21.80 -2.39 -5.18
CA ASN A 208 -21.18 -1.11 -5.46
C ASN A 208 -20.46 -1.09 -6.81
N LEU A 209 -20.49 0.06 -7.46
CA LEU A 209 -19.76 0.26 -8.70
C LEU A 209 -19.07 1.61 -8.62
N TYR A 210 -17.73 1.56 -8.67
CA TYR A 210 -16.89 2.75 -8.66
C TYR A 210 -16.54 3.09 -10.10
N ILE A 211 -16.81 4.32 -10.51
CA ILE A 211 -16.58 4.76 -11.88
C ILE A 211 -15.63 5.96 -11.83
N ARG A 212 -14.49 5.82 -12.50
CA ARG A 212 -13.47 6.84 -12.57
C ARG A 212 -13.60 7.57 -13.91
N PHE A 213 -14.12 8.79 -13.88
CA PHE A 213 -14.21 9.64 -15.05
C PHE A 213 -12.93 10.44 -15.16
N GLN A 214 -12.38 10.53 -16.36
CA GLN A 214 -11.12 11.24 -16.57
C GLN A 214 -11.22 12.18 -17.77
N SER A 215 -10.84 13.43 -17.58
CA SER A 215 -10.75 14.35 -18.70
C SER A 215 -9.75 15.47 -18.46
N ARG A 216 -9.20 15.98 -19.56
CA ARG A 216 -8.45 17.22 -19.54
C ARG A 216 -9.37 18.35 -19.16
N SER A 217 -8.79 19.53 -18.92
CA SER A 217 -9.50 20.60 -18.25
C SER A 217 -8.89 21.97 -18.53
N GLY A 218 -8.39 22.17 -19.75
CA GLY A 218 -7.66 23.37 -20.07
C GLY A 218 -6.49 23.54 -19.11
N ASP A 219 -6.29 24.77 -18.62
CA ASP A 219 -5.20 25.07 -17.70
C ASP A 219 -5.64 25.03 -16.24
N ALA A 220 -6.91 24.73 -16.01
CA ALA A 220 -7.43 24.55 -14.65
C ALA A 220 -7.06 23.15 -14.13
N MET A 221 -6.87 23.03 -12.82
CA MET A 221 -6.60 21.74 -12.20
C MET A 221 -7.78 20.81 -12.47
N GLY A 222 -8.98 21.38 -12.41
CA GLY A 222 -10.15 20.80 -13.05
C GLY A 222 -11.10 20.01 -12.20
N MET A 223 -11.07 20.16 -10.88
CA MET A 223 -11.96 19.35 -10.04
C MET A 223 -13.41 19.78 -10.20
N ASN A 224 -13.68 21.07 -10.15
CA ASN A 224 -15.05 21.56 -10.27
C ASN A 224 -15.69 21.19 -11.62
N MET A 225 -14.92 21.31 -12.70
CA MET A 225 -15.42 20.98 -14.03
C MET A 225 -15.69 19.48 -14.20
N ILE A 226 -14.73 18.64 -13.81
CA ILE A 226 -14.85 17.18 -13.94
C ILE A 226 -16.00 16.62 -13.10
N SER A 227 -16.24 17.22 -11.94
CA SER A 227 -17.30 16.77 -11.05
C SER A 227 -18.65 17.15 -11.63
N LYS A 228 -18.70 18.29 -12.31
CA LYS A 228 -19.92 18.75 -12.98
C LYS A 228 -20.25 17.83 -14.16
N GLY A 229 -19.24 17.51 -14.97
CA GLY A 229 -19.38 16.52 -16.02
C GLY A 229 -19.83 15.18 -15.49
N THR A 230 -19.33 14.81 -14.30
CA THR A 230 -19.66 13.53 -13.67
C THR A 230 -21.12 13.46 -13.25
N GLU A 231 -21.64 14.53 -12.68
CA GLU A 231 -23.03 14.59 -12.25
C GLU A 231 -24.00 14.45 -13.44
N LYS A 232 -23.71 15.12 -14.55
CA LYS A 232 -24.53 15.00 -15.76
C LYS A 232 -24.47 13.58 -16.34
N ALA A 233 -23.29 12.96 -16.26
CA ALA A 233 -23.07 11.62 -16.81
C ALA A 233 -23.80 10.55 -16.03
N LEU A 234 -23.85 10.71 -14.71
CA LEU A 234 -24.53 9.78 -13.84
C LEU A 234 -26.03 9.96 -14.04
N SER A 235 -26.45 11.21 -14.18
CA SER A 235 -27.85 11.52 -14.48
C SER A 235 -28.31 10.79 -15.74
N LYS A 236 -27.47 10.78 -16.77
CA LYS A 236 -27.76 10.06 -18.02
C LYS A 236 -27.73 8.54 -17.84
N LEU A 237 -26.80 8.04 -17.02
CA LEU A 237 -26.72 6.61 -16.73
C LEU A 237 -27.98 6.11 -16.01
N HIS A 238 -28.55 6.97 -15.16
CA HIS A 238 -29.78 6.67 -14.43
C HIS A 238 -31.00 6.51 -15.34
N GLU A 239 -31.00 7.19 -16.48
CA GLU A 239 -32.06 7.02 -17.49
C GLU A 239 -32.10 5.58 -18.01
N TYR A 240 -30.94 4.99 -18.24
CA TYR A 240 -30.84 3.60 -18.70
C TYR A 240 -30.94 2.59 -17.55
N PHE A 241 -30.66 3.03 -16.34
CA PHE A 241 -30.70 2.18 -15.16
C PHE A 241 -31.37 2.90 -14.00
N PRO A 242 -32.70 2.99 -14.02
CA PRO A 242 -33.46 3.76 -13.02
C PRO A 242 -33.30 3.30 -11.55
N GLU A 243 -32.92 2.05 -11.32
CA GLU A 243 -32.68 1.54 -9.96
C GLU A 243 -31.32 1.93 -9.36
N MET A 244 -30.45 2.57 -10.15
CA MET A 244 -29.14 3.02 -9.67
C MET A 244 -29.28 4.17 -8.68
N GLN A 245 -28.65 4.02 -7.51
CA GLN A 245 -28.49 5.09 -6.53
C GLN A 245 -27.07 5.66 -6.60
N ILE A 246 -26.96 6.98 -6.69
CA ILE A 246 -25.68 7.64 -6.55
C ILE A 246 -25.43 7.82 -5.06
N LEU A 247 -24.49 7.07 -4.51
CA LEU A 247 -24.22 7.13 -3.07
C LEU A 247 -23.39 8.37 -2.71
N ALA A 248 -22.42 8.68 -3.56
CA ALA A 248 -21.56 9.83 -3.36
C ALA A 248 -20.84 10.18 -4.66
N VAL A 249 -20.72 11.47 -4.95
CA VAL A 249 -20.11 11.92 -6.21
C VAL A 249 -18.60 11.65 -6.16
N SER A 250 -18.04 11.63 -4.94
CA SER A 250 -16.71 11.07 -4.73
C SER A 250 -16.82 9.85 -3.82
N GLY A 251 -16.43 8.70 -4.35
CA GLY A 251 -16.37 7.47 -3.60
C GLY A 251 -14.95 7.08 -3.21
N ASN A 252 -14.06 8.06 -3.17
CA ASN A 252 -12.62 7.84 -2.89
C ASN A 252 -11.87 7.02 -3.96
N TYR A 253 -12.45 6.91 -5.15
CA TYR A 253 -11.85 6.18 -6.25
C TYR A 253 -11.12 7.11 -7.23
N CYS A 254 -11.13 8.40 -6.93
CA CYS A 254 -10.52 9.38 -7.82
C CYS A 254 -9.00 9.18 -8.04
N THR A 255 -8.16 9.13 -7.00
CA THR A 255 -8.45 9.43 -5.60
C THR A 255 -7.86 10.80 -5.21
N ASP A 256 -8.65 11.59 -4.48
CA ASP A 256 -8.26 12.96 -4.19
C ASP A 256 -7.79 13.17 -2.75
N LYS A 257 -6.57 13.71 -2.62
CA LYS A 257 -5.97 14.11 -1.33
C LYS A 257 -5.80 12.98 -0.30
N LYS A 258 -5.78 11.73 -0.77
CA LYS A 258 -5.42 10.57 0.06
C LYS A 258 -4.45 9.70 -0.74
N PRO A 259 -3.53 9.02 -0.08
CA PRO A 259 -2.63 8.10 -0.78
C PRO A 259 -3.40 6.93 -1.37
N ALA A 260 -3.08 6.56 -2.61
CA ALA A 260 -3.81 5.51 -3.32
C ALA A 260 -2.99 4.94 -4.47
N ALA A 261 -2.89 3.62 -4.54
CA ALA A 261 -2.19 2.94 -5.62
C ALA A 261 -2.75 3.27 -7.01
N ILE A 262 -4.01 3.64 -7.11
CA ILE A 262 -4.62 3.88 -8.42
C ILE A 262 -4.07 5.14 -9.09
N ASN A 263 -3.66 6.13 -8.30
CA ASN A 263 -3.05 7.35 -8.86
C ASN A 263 -1.65 7.05 -9.35
N TRP A 264 -0.95 6.22 -8.58
CA TRP A 264 0.37 5.75 -8.95
C TRP A 264 0.35 4.94 -10.25
N ILE A 265 -0.67 4.11 -10.44
CA ILE A 265 -0.71 3.18 -11.57
C ILE A 265 -1.40 3.75 -12.82
N GLU A 266 -2.50 4.47 -12.63
CA GLU A 266 -3.26 5.04 -13.75
C GLU A 266 -2.88 6.48 -14.03
N GLY A 267 -2.31 7.15 -13.05
CA GLY A 267 -2.07 8.58 -13.14
C GLY A 267 -3.27 9.42 -12.73
N ARG A 268 -3.00 10.68 -12.38
CA ARG A 268 -4.05 11.64 -12.10
C ARG A 268 -3.49 13.04 -12.35
N GLY A 269 -4.23 13.86 -13.07
CA GLY A 269 -3.71 15.13 -13.54
C GLY A 269 -2.62 14.88 -14.57
N LYS A 270 -1.42 15.41 -14.34
CA LYS A 270 -0.30 15.25 -15.27
C LYS A 270 0.71 14.20 -14.81
N SER A 271 0.93 13.18 -15.64
CA SER A 271 2.04 12.25 -15.48
C SER A 271 3.24 12.84 -16.23
N VAL A 272 4.40 12.87 -15.58
CA VAL A 272 5.56 13.54 -16.13
C VAL A 272 6.83 12.75 -15.85
N VAL A 273 7.73 12.68 -16.83
CA VAL A 273 9.07 12.18 -16.60
C VAL A 273 10.10 13.27 -16.92
N CYS A 274 11.18 13.29 -16.14
CA CYS A 274 12.28 14.23 -16.32
C CYS A 274 13.62 13.49 -16.19
N GLU A 275 14.66 14.03 -16.82
CA GLU A 275 15.98 13.39 -16.81
C GLU A 275 17.14 14.36 -17.03
N ALA A 276 18.34 13.86 -16.82
CA ALA A 276 19.57 14.62 -17.05
C ALA A 276 20.78 13.73 -16.82
N VAL A 277 21.82 13.94 -17.62
CA VAL A 277 23.12 13.33 -17.37
C VAL A 277 24.06 14.40 -16.78
N ILE A 278 24.55 14.13 -15.58
CA ILE A 278 25.48 14.99 -14.85
C ILE A 278 26.90 14.44 -15.03
N PRO A 279 27.78 15.18 -15.72
CA PRO A 279 29.19 14.76 -15.88
C PRO A 279 29.88 14.49 -14.54
N ALA A 280 30.80 13.53 -14.51
CA ALA A 280 31.45 13.06 -13.27
C ALA A 280 32.18 14.19 -12.54
N LYS A 281 32.78 15.08 -13.31
CA LYS A 281 33.46 16.28 -12.82
C LYS A 281 32.50 17.18 -12.03
N VAL A 282 31.32 17.40 -12.60
CA VAL A 282 30.30 18.22 -11.95
C VAL A 282 29.79 17.57 -10.64
N VAL A 283 29.67 16.25 -10.61
CA VAL A 283 29.21 15.56 -9.41
C VAL A 283 30.27 15.73 -8.31
N ARG A 284 31.54 15.67 -8.72
CA ARG A 284 32.67 15.87 -7.80
C ARG A 284 32.72 17.29 -7.27
N GLU A 285 32.64 18.26 -8.18
CA GLU A 285 32.92 19.67 -7.87
C GLU A 285 31.74 20.34 -7.18
N VAL A 286 30.58 20.27 -7.83
CA VAL A 286 29.36 20.90 -7.33
C VAL A 286 28.71 20.15 -6.18
N LEU A 287 28.60 18.83 -6.29
CA LEU A 287 27.82 18.02 -5.37
C LEU A 287 28.64 17.32 -4.27
N LYS A 288 29.97 17.38 -4.38
CA LYS A 288 30.89 16.92 -3.32
C LYS A 288 30.81 15.42 -3.07
N THR A 289 30.70 14.64 -4.14
CA THR A 289 30.53 13.19 -4.06
C THR A 289 30.90 12.53 -5.40
N THR A 290 30.63 11.23 -5.53
CA THR A 290 30.88 10.53 -6.79
C THR A 290 29.61 9.92 -7.35
N THR A 291 29.65 9.58 -8.63
CA THR A 291 28.54 8.91 -9.28
C THR A 291 28.28 7.52 -8.69
N GLU A 292 29.35 6.78 -8.46
CA GLU A 292 29.25 5.44 -7.87
C GLU A 292 28.53 5.49 -6.51
N ALA A 293 28.80 6.53 -5.73
CA ALA A 293 28.22 6.71 -4.40
C ALA A 293 26.73 7.08 -4.47
N MET A 294 26.36 7.92 -5.44
CA MET A 294 24.99 8.38 -5.62
C MET A 294 24.06 7.22 -5.96
N ILE A 295 24.54 6.35 -6.82
CA ILE A 295 23.77 5.19 -7.26
C ILE A 295 23.49 4.26 -6.09
N GLU A 296 24.53 4.00 -5.29
CA GLU A 296 24.44 3.07 -4.16
C GLU A 296 23.46 3.57 -3.08
N VAL A 297 23.40 4.88 -2.90
CA VAL A 297 22.45 5.47 -1.94
C VAL A 297 21.03 5.44 -2.52
N ASN A 298 20.90 5.75 -3.81
CA ASN A 298 19.58 5.78 -4.43
C ASN A 298 18.94 4.39 -4.45
N ILE A 299 19.72 3.37 -4.78
CA ILE A 299 19.21 2.02 -4.77
C ILE A 299 18.78 1.68 -3.36
N ASN A 300 19.67 1.85 -2.39
CA ASN A 300 19.44 1.31 -1.06
C ASN A 300 18.58 2.18 -0.13
N LYS A 301 18.39 3.44 -0.50
CA LYS A 301 17.49 4.36 0.20
C LYS A 301 16.14 4.45 -0.52
N ASN A 302 16.18 4.93 -1.76
CA ASN A 302 14.95 5.25 -2.49
C ASN A 302 14.21 4.06 -3.07
N LEU A 303 14.89 2.94 -3.28
CA LEU A 303 14.25 1.71 -3.75
C LEU A 303 14.05 0.71 -2.63
N VAL A 304 15.17 0.22 -2.07
CA VAL A 304 15.15 -0.82 -1.06
C VAL A 304 14.61 -0.30 0.26
N GLY A 305 15.00 0.91 0.64
CA GLY A 305 14.52 1.51 1.87
C GLY A 305 13.01 1.73 1.87
N SER A 306 12.51 2.40 0.84
CA SER A 306 11.08 2.66 0.71
C SER A 306 10.31 1.35 0.65
N ALA A 307 10.89 0.33 0.01
CA ALA A 307 10.26 -1.00 -0.05
C ALA A 307 10.14 -1.66 1.32
N MET A 308 11.21 -1.59 2.11
CA MET A 308 11.20 -2.12 3.49
C MET A 308 10.17 -1.37 4.35
N ALA A 309 9.93 -0.11 4.02
CA ALA A 309 8.97 0.73 4.74
C ALA A 309 7.52 0.49 4.33
N GLY A 310 7.30 -0.22 3.23
CA GLY A 310 5.95 -0.48 2.75
C GLY A 310 5.40 0.75 2.03
N SER A 311 6.21 1.35 1.16
CA SER A 311 5.79 2.54 0.42
C SER A 311 5.12 2.18 -0.90
N ILE A 312 4.01 2.86 -1.19
CA ILE A 312 3.40 2.89 -2.51
C ILE A 312 3.61 4.30 -3.05
N GLY A 313 4.46 4.43 -4.07
CA GLY A 313 4.64 5.69 -4.76
C GLY A 313 5.64 6.65 -4.16
N GLY A 314 6.33 6.21 -3.10
CA GLY A 314 7.24 7.08 -2.35
C GLY A 314 8.68 6.66 -2.51
N TYR A 315 9.07 6.34 -3.74
CA TYR A 315 10.43 5.89 -4.04
C TYR A 315 11.36 7.05 -4.42
N ASN A 316 11.46 8.00 -3.50
CA ASN A 316 12.20 9.24 -3.69
C ASN A 316 12.69 9.77 -2.33
N ALA A 317 13.49 10.83 -2.37
CA ALA A 317 14.11 11.38 -1.16
C ALA A 317 13.23 12.42 -0.48
N HIS A 318 12.86 13.45 -1.22
CA HIS A 318 12.07 14.55 -0.65
C HIS A 318 11.38 15.37 -1.73
N ALA A 319 10.73 14.70 -2.69
CA ALA A 319 9.96 15.39 -3.73
C ALA A 319 8.81 16.22 -3.14
N ALA A 320 8.28 15.79 -2.01
CA ALA A 320 7.25 16.54 -1.28
C ALA A 320 7.70 17.94 -0.85
N ASN A 321 8.95 18.10 -0.46
CA ASN A 321 9.46 19.43 -0.15
C ASN A 321 9.34 20.40 -1.32
N ILE A 322 9.74 19.97 -2.52
CA ILE A 322 9.73 20.85 -3.69
C ILE A 322 8.29 21.11 -4.18
N VAL A 323 7.49 20.06 -4.24
CA VAL A 323 6.11 20.18 -4.66
C VAL A 323 5.37 21.15 -3.76
N THR A 324 5.52 20.99 -2.45
CA THR A 324 4.80 21.80 -1.47
C THR A 324 5.18 23.27 -1.59
N ALA A 325 6.47 23.56 -1.76
CA ALA A 325 6.95 24.93 -1.80
C ALA A 325 6.56 25.65 -3.08
N ILE A 326 6.66 24.98 -4.22
CA ILE A 326 6.19 25.54 -5.49
C ILE A 326 4.69 25.72 -5.46
N TYR A 327 3.98 24.79 -4.81
CA TYR A 327 2.52 24.83 -4.78
C TYR A 327 2.02 26.04 -3.98
N ILE A 328 2.62 26.30 -2.83
CA ILE A 328 2.17 27.41 -1.96
C ILE A 328 2.47 28.73 -2.67
N ALA A 329 3.65 28.79 -3.30
CA ALA A 329 4.12 29.99 -3.97
C ALA A 329 3.24 30.33 -5.18
N CYS A 330 2.75 29.30 -5.88
CA CYS A 330 2.04 29.48 -7.15
C CYS A 330 0.51 29.32 -7.06
N GLY A 331 -0.05 29.34 -5.84
CA GLY A 331 -1.48 29.32 -5.64
C GLY A 331 -2.18 28.00 -5.96
N GLN A 332 -1.44 26.89 -5.83
CA GLN A 332 -2.02 25.57 -6.00
C GLN A 332 -2.69 25.14 -4.70
N ASP A 333 -3.45 24.07 -4.77
CA ASP A 333 -4.02 23.46 -3.57
C ASP A 333 -2.93 22.59 -2.91
N ALA A 334 -2.38 23.10 -1.80
CA ALA A 334 -1.28 22.46 -1.11
C ALA A 334 -1.62 21.08 -0.52
N ALA A 335 -2.89 20.86 -0.25
CA ALA A 335 -3.37 19.54 0.21
C ALA A 335 -3.19 18.45 -0.85
N GLN A 336 -3.10 18.84 -2.13
CA GLN A 336 -2.86 17.89 -3.19
C GLN A 336 -1.40 17.41 -3.29
N ASN A 337 -0.55 17.94 -2.41
CA ASN A 337 0.78 17.42 -2.17
C ASN A 337 0.78 15.91 -1.89
N VAL A 338 -0.26 15.45 -1.20
CA VAL A 338 -0.36 14.03 -0.85
C VAL A 338 -0.10 13.13 -2.08
N GLY A 339 -0.86 13.32 -3.15
CA GLY A 339 -0.68 12.55 -4.37
C GLY A 339 0.32 13.11 -5.36
N SER A 340 0.45 14.43 -5.40
CA SER A 340 1.32 15.10 -6.36
C SER A 340 2.80 14.85 -6.11
N SER A 341 3.15 14.47 -4.89
CA SER A 341 4.53 14.16 -4.51
C SER A 341 4.96 12.76 -4.90
N ASN A 342 4.03 11.95 -5.40
CA ASN A 342 4.36 10.62 -5.89
C ASN A 342 5.51 10.71 -6.90
N CYS A 343 6.57 9.94 -6.64
CA CYS A 343 7.79 10.04 -7.40
C CYS A 343 8.69 8.81 -7.24
N ILE A 344 9.20 8.30 -8.36
CA ILE A 344 10.30 7.34 -8.36
C ILE A 344 11.55 8.02 -8.94
N THR A 345 12.63 8.01 -8.17
CA THR A 345 13.90 8.62 -8.54
C THR A 345 14.88 7.49 -8.85
N LEU A 346 15.48 7.52 -10.05
CA LEU A 346 16.40 6.47 -10.49
C LEU A 346 17.73 7.04 -10.94
N MET A 347 18.80 6.29 -10.68
CA MET A 347 20.15 6.76 -10.95
C MET A 347 21.00 5.59 -11.44
N GLU A 348 21.79 5.85 -12.48
CA GLU A 348 22.67 4.84 -13.03
C GLU A 348 23.87 5.42 -13.76
N ALA A 349 24.88 4.57 -13.94
CA ALA A 349 26.08 4.93 -14.67
C ALA A 349 25.74 5.28 -16.12
N SER A 350 26.51 6.19 -16.70
CA SER A 350 26.24 6.67 -18.06
C SER A 350 27.52 7.20 -18.72
N GLY A 351 27.52 7.21 -20.07
CA GLY A 351 28.64 7.74 -20.84
C GLY A 351 29.70 6.70 -21.21
N PRO A 352 30.73 7.12 -21.94
CA PRO A 352 31.80 6.19 -22.39
C PRO A 352 32.63 5.59 -21.25
N THR A 353 33.02 6.42 -20.28
CA THR A 353 33.69 5.95 -19.07
C THR A 353 32.77 5.12 -18.17
N ASN A 354 31.46 5.38 -18.27
CA ASN A 354 30.48 4.80 -17.35
C ASN A 354 30.61 5.42 -15.95
N GLU A 355 31.00 6.69 -15.92
CA GLU A 355 31.28 7.43 -14.69
C GLU A 355 30.39 8.67 -14.53
N ASP A 356 29.55 8.94 -15.53
CA ASP A 356 28.61 10.05 -15.47
C ASP A 356 27.27 9.55 -14.89
N LEU A 357 26.62 10.40 -14.10
CA LEU A 357 25.37 10.08 -13.41
C LEU A 357 24.14 10.35 -14.26
N TYR A 358 23.45 9.30 -14.69
CA TYR A 358 22.11 9.45 -15.26
C TYR A 358 21.10 9.54 -14.13
N ILE A 359 20.13 10.45 -14.25
CA ILE A 359 19.08 10.59 -13.24
C ILE A 359 17.73 10.84 -13.89
N SER A 360 16.70 10.21 -13.34
CA SER A 360 15.33 10.45 -13.76
C SER A 360 14.39 10.49 -12.55
N CYS A 361 13.46 11.44 -12.58
CA CYS A 361 12.31 11.41 -11.70
C CYS A 361 11.05 11.24 -12.56
N THR A 362 10.21 10.28 -12.19
CA THR A 362 8.93 10.04 -12.83
C THR A 362 7.83 10.28 -11.82
N MET A 363 6.87 11.13 -12.18
CA MET A 363 5.84 11.62 -11.27
C MET A 363 4.46 11.49 -11.92
N PRO A 364 3.80 10.37 -11.69
CA PRO A 364 2.55 10.02 -12.39
C PRO A 364 1.34 10.89 -12.10
N SER A 365 1.32 11.59 -10.96
CA SER A 365 0.10 12.25 -10.50
C SER A 365 0.27 13.67 -9.97
N ILE A 366 0.85 14.54 -10.80
CA ILE A 366 0.93 15.96 -10.51
C ILE A 366 -0.42 16.67 -10.75
N GLU A 367 -1.03 17.14 -9.67
CA GLU A 367 -2.34 17.76 -9.73
C GLU A 367 -2.15 19.26 -9.68
N ILE A 368 -2.36 19.91 -10.82
CA ILE A 368 -1.87 21.27 -11.00
C ILE A 368 -2.72 22.08 -11.96
N GLY A 369 -2.62 23.39 -11.86
CA GLY A 369 -3.41 24.30 -12.68
C GLY A 369 -2.92 25.74 -12.57
N THR A 370 -3.07 26.49 -13.65
CA THR A 370 -2.64 27.89 -13.66
C THR A 370 -3.83 28.84 -13.78
N VAL A 371 -5.04 28.28 -13.75
CA VAL A 371 -6.28 29.05 -13.63
C VAL A 371 -7.13 28.43 -12.51
N GLY A 372 -7.85 29.28 -11.78
CA GLY A 372 -8.74 28.82 -10.71
C GLY A 372 -8.14 28.85 -9.32
N GLY A 373 -8.99 28.72 -8.32
CA GLY A 373 -8.57 28.66 -6.93
C GLY A 373 -7.59 29.75 -6.55
N GLY A 374 -6.47 29.35 -5.96
CA GLY A 374 -5.45 30.28 -5.50
C GLY A 374 -4.70 31.05 -6.57
N THR A 375 -4.72 30.56 -7.81
CA THR A 375 -4.05 31.25 -8.92
C THR A 375 -4.80 32.51 -9.37
N ASN A 376 -6.01 32.74 -8.84
CA ASN A 376 -6.76 33.98 -9.09
C ASN A 376 -6.21 35.17 -8.31
N LEU A 377 -5.36 34.92 -7.31
CA LEU A 377 -4.81 35.96 -6.44
C LEU A 377 -3.52 36.52 -7.03
N LEU A 378 -3.28 37.81 -6.83
CA LEU A 378 -2.20 38.50 -7.55
C LEU A 378 -0.80 38.09 -7.12
N PRO A 379 -0.52 38.00 -5.82
CA PRO A 379 0.80 37.53 -5.37
C PRO A 379 1.16 36.18 -5.98
N GLN A 380 0.28 35.18 -5.90
CA GLN A 380 0.61 33.87 -6.47
C GLN A 380 0.60 33.91 -8.01
N GLN A 381 -0.09 34.88 -8.61
CA GLN A 381 0.00 35.12 -10.05
C GLN A 381 1.38 35.64 -10.44
N ALA A 382 2.00 36.44 -9.58
CA ALA A 382 3.33 36.96 -9.79
C ALA A 382 4.36 35.84 -9.90
N CYS A 383 4.24 34.83 -9.04
CA CYS A 383 5.09 33.64 -9.11
C CYS A 383 4.81 32.80 -10.36
N LEU A 384 3.54 32.70 -10.75
CA LEU A 384 3.19 32.03 -12.00
C LEU A 384 3.81 32.78 -13.19
N GLN A 385 3.87 34.10 -13.10
CA GLN A 385 4.37 34.92 -14.19
C GLN A 385 5.88 34.77 -14.34
N MET A 386 6.58 34.54 -13.23
CA MET A 386 8.03 34.27 -13.28
C MET A 386 8.28 33.11 -14.25
N LEU A 387 7.47 32.07 -14.12
CA LEU A 387 7.64 30.86 -14.92
C LEU A 387 7.02 30.96 -16.32
N GLY A 388 6.29 32.03 -16.58
CA GLY A 388 5.67 32.26 -17.87
C GLY A 388 4.41 31.44 -18.10
N VAL A 389 3.83 30.91 -17.02
CA VAL A 389 2.68 30.00 -17.09
C VAL A 389 1.40 30.56 -16.45
N GLN A 390 1.36 31.86 -16.20
CA GLN A 390 0.20 32.45 -15.55
C GLN A 390 -1.04 32.37 -16.45
N GLY A 391 -2.15 31.95 -15.87
CA GLY A 391 -3.44 31.94 -16.56
C GLY A 391 -3.54 30.97 -17.72
N ALA A 392 -4.60 31.14 -18.51
CA ALA A 392 -4.88 30.28 -19.64
C ALA A 392 -4.01 30.61 -20.86
N CYS A 393 -3.73 29.57 -21.64
CA CYS A 393 -3.04 29.73 -22.92
C CYS A 393 -4.07 29.57 -24.04
N LYS A 394 -4.40 30.68 -24.70
CA LYS A 394 -5.47 30.73 -25.71
C LYS A 394 -5.09 29.98 -26.99
N ASP A 395 -3.84 30.13 -27.42
CA ASP A 395 -3.35 29.45 -28.62
C ASP A 395 -3.34 27.93 -28.46
N ASN A 396 -3.13 27.45 -27.24
CA ASN A 396 -2.90 26.02 -26.99
C ASN A 396 -3.39 25.60 -25.59
N PRO A 397 -4.70 25.57 -25.39
CA PRO A 397 -5.29 25.25 -24.08
C PRO A 397 -4.63 24.05 -23.39
N GLY A 398 -4.28 24.23 -22.12
CA GLY A 398 -3.56 23.22 -21.35
C GLY A 398 -2.05 23.44 -21.26
N GLU A 399 -1.49 24.28 -22.12
CA GLU A 399 -0.03 24.36 -22.24
C GLU A 399 0.65 24.95 -21.01
N ASN A 400 0.03 25.93 -20.38
CA ASN A 400 0.62 26.51 -19.17
C ASN A 400 0.66 25.53 -18.02
N ALA A 401 -0.42 24.77 -17.81
CA ALA A 401 -0.49 23.77 -16.76
C ALA A 401 0.50 22.62 -17.01
N ARG A 402 0.71 22.28 -18.28
CA ARG A 402 1.66 21.25 -18.66
C ARG A 402 3.08 21.71 -18.36
N GLN A 403 3.38 22.94 -18.77
CA GLN A 403 4.68 23.56 -18.54
C GLN A 403 4.97 23.60 -17.04
N LEU A 404 3.99 24.00 -16.24
CA LEU A 404 4.16 24.08 -14.78
C LEU A 404 4.42 22.71 -14.16
N ALA A 405 3.80 21.67 -14.70
CA ALA A 405 4.05 20.30 -14.24
C ALA A 405 5.44 19.80 -14.62
N ARG A 406 5.95 20.24 -15.77
CA ARG A 406 7.30 19.88 -16.21
C ARG A 406 8.32 20.52 -15.28
N ILE A 407 8.08 21.77 -14.93
CA ILE A 407 8.94 22.55 -14.05
C ILE A 407 8.97 21.95 -12.65
N VAL A 408 7.82 21.46 -12.19
CA VAL A 408 7.73 20.82 -10.88
C VAL A 408 8.59 19.56 -10.87
N CYS A 409 8.47 18.74 -11.90
CA CYS A 409 9.20 17.48 -11.97
C CYS A 409 10.70 17.71 -12.13
N GLY A 410 11.06 18.77 -12.84
CA GLY A 410 12.45 19.19 -12.97
C GLY A 410 13.04 19.74 -11.69
N THR A 411 12.29 20.56 -10.97
CA THR A 411 12.78 21.12 -9.72
C THR A 411 12.90 20.04 -8.64
N VAL A 412 12.07 19.00 -8.75
CA VAL A 412 12.12 17.85 -7.86
C VAL A 412 13.42 17.10 -8.13
N MET A 413 13.70 16.88 -9.40
CA MET A 413 14.94 16.21 -9.80
C MET A 413 16.17 16.98 -9.31
N ALA A 414 16.13 18.30 -9.40
CA ALA A 414 17.18 19.15 -8.86
C ALA A 414 17.37 18.90 -7.37
N GLY A 415 16.26 18.97 -6.63
CA GLY A 415 16.26 18.74 -5.20
C GLY A 415 16.70 17.34 -4.83
N GLU A 416 16.40 16.36 -5.68
CA GLU A 416 16.81 14.99 -5.41
C GLU A 416 18.32 14.88 -5.54
N LEU A 417 18.91 15.54 -6.53
CA LEU A 417 20.35 15.50 -6.74
C LEU A 417 21.12 16.01 -5.52
N SER A 418 20.65 17.11 -4.94
CA SER A 418 21.39 17.80 -3.87
C SER A 418 21.24 17.15 -2.50
N LEU A 419 20.04 16.71 -2.14
CA LEU A 419 19.86 16.00 -0.87
C LEU A 419 20.53 14.63 -0.88
N MET A 420 20.47 13.95 -2.03
CA MET A 420 21.06 12.62 -2.16
C MET A 420 22.59 12.69 -2.06
N ALA A 421 23.18 13.74 -2.63
CA ALA A 421 24.62 13.98 -2.53
C ALA A 421 25.03 14.28 -1.10
N ALA A 422 24.19 15.02 -0.38
CA ALA A 422 24.48 15.38 1.00
C ALA A 422 24.48 14.15 1.89
N LEU A 423 23.49 13.28 1.71
CA LEU A 423 23.38 12.05 2.50
C LEU A 423 24.51 11.07 2.18
N ALA A 424 24.89 11.01 0.90
CA ALA A 424 25.96 10.14 0.44
C ALA A 424 27.32 10.57 1.03
N ALA A 425 27.54 11.88 1.14
CA ALA A 425 28.80 12.41 1.65
C ALA A 425 28.85 12.50 3.18
N GLY A 426 27.84 11.96 3.86
CA GLY A 426 27.83 11.94 5.32
C GLY A 426 27.68 13.33 5.89
N HIS A 427 26.56 13.97 5.57
CA HIS A 427 26.28 15.38 5.87
C HIS A 427 27.26 16.34 5.21
N GLU B 7 26.93 60.30 -11.93
CA GLU B 7 26.87 59.89 -10.51
C GLU B 7 27.13 58.38 -10.32
N PRO B 8 26.64 57.52 -11.22
CA PRO B 8 27.05 56.11 -11.22
C PRO B 8 28.52 56.00 -11.57
N ARG B 9 29.32 55.46 -10.67
CA ARG B 9 30.78 55.50 -10.78
C ARG B 9 31.29 54.25 -11.48
N PRO B 10 32.54 54.28 -11.96
CA PRO B 10 33.14 53.10 -12.61
C PRO B 10 33.30 51.93 -11.64
N ASN B 11 33.49 50.73 -12.18
CA ASN B 11 33.60 49.52 -11.34
C ASN B 11 34.73 49.60 -10.31
N GLU B 12 35.88 50.10 -10.75
CA GLU B 12 37.09 50.14 -9.93
C GLU B 12 36.95 51.05 -8.72
N GLU B 13 36.33 52.22 -8.91
CA GLU B 13 36.02 53.12 -7.79
C GLU B 13 34.94 52.52 -6.87
N CYS B 14 33.95 51.86 -7.46
CA CYS B 14 32.87 51.25 -6.69
C CYS B 14 33.39 50.07 -5.85
N LEU B 15 34.43 49.42 -6.34
CA LEU B 15 34.98 48.24 -5.68
C LEU B 15 35.85 48.61 -4.49
N GLN B 16 36.57 49.72 -4.58
CA GLN B 16 37.41 50.17 -3.48
C GLN B 16 36.54 50.73 -2.35
N ILE B 17 35.37 51.28 -2.69
CA ILE B 17 34.38 51.68 -1.69
C ILE B 17 33.77 50.44 -1.03
N LEU B 18 33.52 49.42 -1.84
CA LEU B 18 33.03 48.13 -1.34
C LEU B 18 34.01 47.48 -0.37
N GLY B 19 35.30 47.56 -0.68
CA GLY B 19 36.35 46.98 0.13
C GLY B 19 36.79 47.86 1.30
N ASN B 20 36.30 49.09 1.34
CA ASN B 20 36.56 50.01 2.44
C ASN B 20 35.66 49.63 3.62
N ALA B 21 36.28 49.31 4.75
CA ALA B 21 35.58 48.75 5.90
C ALA B 21 34.64 49.71 6.62
N GLU B 22 34.88 51.03 6.54
CA GLU B 22 33.94 51.98 7.13
C GLU B 22 33.00 52.62 6.09
N LYS B 23 32.98 52.07 4.89
CA LYS B 23 31.99 52.41 3.88
C LYS B 23 31.16 51.16 3.57
N GLY B 24 31.53 50.42 2.51
CA GLY B 24 30.83 49.22 2.11
C GLY B 24 29.74 49.50 1.09
N ALA B 25 28.74 48.62 1.06
CA ALA B 25 27.64 48.69 0.08
C ALA B 25 26.65 49.82 0.38
N LYS B 26 26.59 50.23 1.65
CA LYS B 26 25.75 51.35 2.10
C LYS B 26 26.06 52.66 1.38
N PHE B 27 27.32 52.80 0.96
CA PHE B 27 27.77 53.99 0.22
C PHE B 27 27.71 53.82 -1.30
N LEU B 28 27.09 52.75 -1.78
CA LEU B 28 26.84 52.58 -3.22
C LEU B 28 25.33 52.62 -3.50
N SER B 29 24.97 52.98 -4.73
CA SER B 29 23.58 52.96 -5.18
C SER B 29 23.20 51.55 -5.63
N ASP B 30 21.89 51.31 -5.75
CA ASP B 30 21.37 50.02 -6.24
C ASP B 30 21.98 49.72 -7.61
N ALA B 31 22.01 50.71 -8.48
CA ALA B 31 22.53 50.53 -9.84
C ALA B 31 24.02 50.25 -9.88
N GLU B 32 24.77 50.72 -8.89
CA GLU B 32 26.21 50.46 -8.81
C GLU B 32 26.50 49.03 -8.34
N ILE B 33 25.76 48.55 -7.35
CA ILE B 33 25.89 47.16 -6.90
C ILE B 33 25.48 46.20 -8.01
N ILE B 34 24.39 46.52 -8.70
CA ILE B 34 23.92 45.75 -9.85
C ILE B 34 24.95 45.77 -10.99
N GLN B 35 25.60 46.91 -11.20
CA GLN B 35 26.65 47.03 -12.22
C GLN B 35 27.83 46.12 -11.91
N LEU B 36 28.18 46.02 -10.63
CA LEU B 36 29.26 45.16 -10.16
C LEU B 36 28.91 43.68 -10.33
N VAL B 37 27.63 43.35 -10.11
CA VAL B 37 27.17 41.97 -10.22
C VAL B 37 27.19 41.54 -11.68
N ASN B 38 26.80 42.43 -12.58
CA ASN B 38 26.74 42.12 -14.00
C ASN B 38 28.11 42.09 -14.66
N ALA B 39 29.10 42.74 -14.05
CA ALA B 39 30.48 42.71 -14.53
C ALA B 39 31.31 41.60 -13.85
N LYS B 40 30.65 40.77 -13.04
CA LYS B 40 31.24 39.58 -12.41
C LYS B 40 32.30 39.89 -11.33
N HIS B 41 32.14 41.04 -10.67
CA HIS B 41 32.99 41.43 -9.54
C HIS B 41 32.44 40.94 -8.21
N ILE B 42 31.11 40.88 -8.09
CA ILE B 42 30.45 40.27 -6.95
C ILE B 42 29.57 39.11 -7.44
N PRO B 43 29.81 37.90 -6.93
CA PRO B 43 28.85 36.80 -7.14
C PRO B 43 27.48 37.12 -6.50
N ALA B 44 26.41 36.67 -7.15
CA ALA B 44 25.06 36.97 -6.69
C ALA B 44 24.77 36.46 -5.28
N TYR B 45 25.36 35.32 -4.91
CA TYR B 45 25.13 34.72 -3.60
C TYR B 45 25.79 35.50 -2.44
N LYS B 46 26.82 36.29 -2.77
CA LYS B 46 27.50 37.12 -1.77
C LYS B 46 26.71 38.36 -1.36
N LEU B 47 25.65 38.69 -2.10
CA LEU B 47 24.79 39.83 -1.79
C LEU B 47 24.34 39.84 -0.33
N GLU B 48 23.95 38.67 0.17
CA GLU B 48 23.37 38.52 1.51
C GLU B 48 24.28 39.11 2.60
N THR B 49 25.53 38.67 2.64
CA THR B 49 26.48 39.10 3.67
C THR B 49 27.10 40.50 3.43
N LEU B 50 27.05 40.99 2.19
CA LEU B 50 27.62 42.28 1.84
C LEU B 50 26.69 43.44 2.18
N ILE B 51 25.41 43.26 1.88
CA ILE B 51 24.42 44.33 2.03
C ILE B 51 23.99 44.43 3.49
N GLU B 52 23.75 45.66 3.91
CA GLU B 52 23.60 46.02 5.33
C GLU B 52 22.24 45.64 5.86
N THR B 53 21.23 45.94 5.05
CA THR B 53 19.84 45.70 5.42
C THR B 53 19.34 44.44 4.72
N HIS B 54 18.49 43.68 5.40
CA HIS B 54 17.91 42.48 4.80
C HIS B 54 16.95 42.87 3.67
N GLU B 55 16.12 43.88 3.90
CA GLU B 55 15.18 44.33 2.87
C GLU B 55 15.87 44.83 1.61
N ARG B 56 17.03 45.46 1.75
CA ARG B 56 17.76 45.97 0.60
C ARG B 56 18.37 44.83 -0.22
N GLY B 57 18.81 43.78 0.47
CA GLY B 57 19.27 42.57 -0.18
C GLY B 57 18.18 41.97 -1.04
N VAL B 58 16.97 41.88 -0.48
CA VAL B 58 15.79 41.40 -1.19
C VAL B 58 15.46 42.32 -2.39
N SER B 59 15.50 43.62 -2.18
CA SER B 59 15.22 44.60 -3.23
C SER B 59 16.15 44.42 -4.42
N ILE B 60 17.44 44.19 -4.16
CA ILE B 60 18.44 44.09 -5.21
C ILE B 60 18.36 42.72 -5.90
N ARG B 61 18.09 41.66 -5.13
CA ARG B 61 17.87 40.34 -5.73
C ARG B 61 16.68 40.39 -6.68
N ARG B 62 15.62 41.09 -6.28
CA ARG B 62 14.43 41.25 -7.10
C ARG B 62 14.74 42.00 -8.38
N GLN B 63 15.55 43.05 -8.29
CA GLN B 63 15.90 43.84 -9.46
C GLN B 63 16.70 43.03 -10.47
N LEU B 64 17.64 42.24 -9.97
CA LEU B 64 18.48 41.38 -10.83
C LEU B 64 17.64 40.29 -11.50
N LEU B 65 16.77 39.68 -10.71
CA LEU B 65 15.85 38.65 -11.17
C LEU B 65 14.94 39.15 -12.29
N SER B 66 14.44 40.38 -12.14
CA SER B 66 13.45 40.95 -13.06
C SER B 66 13.97 41.08 -14.48
N LYS B 67 15.25 41.44 -14.63
CA LYS B 67 15.88 41.56 -15.95
C LYS B 67 16.04 40.22 -16.66
N LYS B 68 16.03 39.12 -15.89
CA LYS B 68 16.13 37.77 -16.46
C LYS B 68 14.79 37.16 -16.90
N LEU B 69 13.68 37.81 -16.54
CA LEU B 69 12.35 37.27 -16.84
C LEU B 69 11.86 37.75 -18.20
N SER B 70 11.00 36.94 -18.81
CA SER B 70 10.41 37.29 -20.10
C SER B 70 9.44 38.46 -19.98
N GLU B 71 8.89 38.65 -18.79
CA GLU B 71 8.08 39.82 -18.46
C GLU B 71 8.70 40.56 -17.27
N PRO B 72 9.31 41.72 -17.52
CA PRO B 72 10.06 42.44 -16.48
C PRO B 72 9.27 42.81 -15.22
N SER B 73 7.96 43.03 -15.33
CA SER B 73 7.14 43.46 -14.20
C SER B 73 6.40 42.33 -13.47
N SER B 74 6.79 41.08 -13.71
CA SER B 74 6.05 39.95 -13.12
C SER B 74 6.08 39.91 -11.59
N LEU B 75 7.06 40.55 -10.95
CA LEU B 75 7.15 40.57 -9.49
C LEU B 75 6.40 41.72 -8.84
N GLN B 76 5.80 42.60 -9.64
CA GLN B 76 5.12 43.78 -9.14
C GLN B 76 4.20 43.50 -7.94
N TYR B 77 3.43 42.42 -8.02
CA TYR B 77 2.42 42.12 -7.00
C TYR B 77 2.86 41.06 -5.99
N LEU B 78 4.10 40.57 -6.11
CA LEU B 78 4.72 39.80 -5.03
C LEU B 78 5.26 40.78 -3.98
N PRO B 79 4.66 40.82 -2.80
CA PRO B 79 5.08 41.78 -1.77
C PRO B 79 6.41 41.39 -1.12
N TYR B 80 7.15 42.37 -0.61
CA TYR B 80 8.40 42.13 0.13
C TYR B 80 8.73 43.13 1.25
N ARG B 81 8.17 44.34 1.18
CA ARG B 81 8.51 45.39 2.14
C ARG B 81 7.93 45.17 3.52
N ASP B 82 8.64 45.68 4.51
CA ASP B 82 8.20 45.74 5.90
C ASP B 82 7.82 44.40 6.53
N TYR B 83 8.50 43.34 6.10
CA TYR B 83 8.38 42.02 6.71
C TYR B 83 9.66 41.73 7.48
N ASN B 84 9.56 40.94 8.55
CA ASN B 84 10.68 40.67 9.43
C ASN B 84 11.60 39.56 8.88
N TYR B 85 12.49 39.94 7.97
CA TYR B 85 13.47 39.01 7.40
C TYR B 85 14.56 38.60 8.40
N SER B 86 14.60 39.22 9.58
CA SER B 86 15.61 38.88 10.58
C SER B 86 15.45 37.45 11.10
N LEU B 87 14.22 36.95 11.15
CA LEU B 87 13.95 35.61 11.64
C LEU B 87 13.95 34.56 10.54
N VAL B 88 14.05 35.01 9.29
CA VAL B 88 14.01 34.14 8.12
C VAL B 88 15.39 33.88 7.50
N MET B 89 16.20 34.93 7.33
CA MET B 89 17.51 34.75 6.68
C MET B 89 18.44 33.90 7.54
N GLY B 90 18.98 32.85 6.96
CA GLY B 90 19.89 31.96 7.66
C GLY B 90 19.21 31.04 8.66
N ALA B 91 17.89 30.87 8.53
CA ALA B 91 17.13 29.98 9.43
C ALA B 91 15.95 29.28 8.75
N CYS B 92 15.18 30.02 7.94
CA CYS B 92 13.95 29.51 7.33
C CYS B 92 13.92 29.48 5.80
N CYS B 93 14.70 30.33 5.14
CA CYS B 93 14.63 30.46 3.69
C CYS B 93 15.83 31.19 3.11
N GLU B 94 16.18 30.87 1.87
CA GLU B 94 17.29 31.50 1.17
C GLU B 94 16.84 32.08 -0.16
N ASN B 95 17.72 32.89 -0.77
CA ASN B 95 17.46 33.59 -2.03
C ASN B 95 16.10 34.28 -2.03
N VAL B 96 15.84 35.03 -0.97
CA VAL B 96 14.50 35.55 -0.68
C VAL B 96 14.14 36.75 -1.55
N ILE B 97 13.00 36.64 -2.24
CA ILE B 97 12.49 37.71 -3.11
C ILE B 97 11.17 38.30 -2.59
N GLY B 98 10.74 37.90 -1.40
CA GLY B 98 9.52 38.42 -0.80
C GLY B 98 8.83 37.41 0.09
N TYR B 99 7.50 37.51 0.16
CA TYR B 99 6.67 36.56 0.89
C TYR B 99 5.33 36.37 0.17
N MET B 100 4.72 35.21 0.41
CA MET B 100 3.46 34.81 -0.23
C MET B 100 2.37 34.78 0.83
N PRO B 101 1.42 35.72 0.78
CA PRO B 101 0.33 35.77 1.76
C PRO B 101 -0.74 34.72 1.48
N ILE B 102 -1.04 33.90 2.47
CA ILE B 102 -2.09 32.90 2.40
C ILE B 102 -3.22 33.36 3.33
N PRO B 103 -4.44 33.52 2.81
CA PRO B 103 -5.55 33.97 3.64
C PRO B 103 -5.76 33.03 4.84
N VAL B 104 -6.03 33.60 6.01
CA VAL B 104 -6.25 32.83 7.22
C VAL B 104 -7.69 33.02 7.66
N GLY B 105 -8.39 31.92 7.90
CA GLY B 105 -9.75 31.95 8.40
C GLY B 105 -9.84 31.17 9.70
N VAL B 106 -10.93 31.33 10.42
CA VAL B 106 -11.10 30.70 11.73
C VAL B 106 -12.35 29.83 11.78
N ALA B 107 -12.16 28.59 12.21
CA ALA B 107 -13.24 27.65 12.42
C ALA B 107 -13.29 27.34 13.91
N GLY B 108 -14.48 27.48 14.48
CA GLY B 108 -14.68 27.30 15.90
C GLY B 108 -16.00 27.89 16.40
N PRO B 109 -16.28 27.77 17.70
CA PRO B 109 -15.42 27.08 18.66
C PRO B 109 -15.40 25.56 18.44
N LEU B 110 -14.21 24.95 18.55
CA LEU B 110 -14.07 23.49 18.51
C LEU B 110 -14.08 22.99 19.96
N CYS B 111 -15.09 22.22 20.31
CA CYS B 111 -15.29 21.80 21.68
C CYS B 111 -14.60 20.48 21.90
N LEU B 112 -13.40 20.53 22.49
CA LEU B 112 -12.50 19.38 22.57
C LEU B 112 -11.94 19.24 23.98
N ASP B 113 -12.18 18.08 24.59
CA ASP B 113 -11.71 17.77 25.95
C ASP B 113 -12.13 18.82 26.99
N GLU B 114 -13.39 19.24 26.87
CA GLU B 114 -14.03 20.21 27.76
C GLU B 114 -13.45 21.63 27.67
N LYS B 115 -12.67 21.88 26.63
CA LYS B 115 -12.17 23.22 26.31
C LYS B 115 -12.80 23.70 25.01
N GLU B 116 -12.49 24.94 24.63
CA GLU B 116 -12.96 25.50 23.38
C GLU B 116 -11.79 26.14 22.64
N PHE B 117 -11.63 25.79 21.36
CA PHE B 117 -10.51 26.25 20.56
C PHE B 117 -10.99 27.02 19.34
N GLN B 118 -10.31 28.11 19.05
CA GLN B 118 -10.51 28.86 17.82
C GLN B 118 -9.34 28.51 16.91
N VAL B 119 -9.64 27.80 15.83
CA VAL B 119 -8.62 27.11 15.04
C VAL B 119 -8.31 27.85 13.74
N PRO B 120 -7.07 28.32 13.59
CA PRO B 120 -6.66 29.05 12.39
C PRO B 120 -6.37 28.12 11.22
N MET B 121 -6.78 28.54 10.03
CA MET B 121 -6.73 27.71 8.84
C MET B 121 -6.33 28.59 7.64
N ALA B 122 -5.13 28.34 7.13
CA ALA B 122 -4.62 29.08 5.99
C ALA B 122 -4.83 28.27 4.73
N THR B 123 -5.73 28.75 3.88
CA THR B 123 -6.07 28.07 2.66
C THR B 123 -6.52 29.05 1.58
N THR B 124 -6.55 28.59 0.33
CA THR B 124 -7.16 29.32 -0.77
C THR B 124 -8.26 28.51 -1.43
N GLU B 125 -8.77 27.49 -0.73
CA GLU B 125 -9.86 26.66 -1.23
C GLU B 125 -11.19 27.17 -0.68
N GLY B 126 -12.04 27.65 -1.58
CA GLY B 126 -13.36 28.12 -1.21
C GLY B 126 -14.19 27.04 -0.54
N CYS B 127 -14.91 27.46 0.51
CA CYS B 127 -15.80 26.64 1.33
C CYS B 127 -15.16 25.74 2.38
N LEU B 128 -13.83 25.61 2.41
CA LEU B 128 -13.18 24.70 3.37
C LEU B 128 -13.31 25.20 4.81
N VAL B 129 -13.10 26.48 5.04
CA VAL B 129 -13.20 27.02 6.38
C VAL B 129 -14.65 26.99 6.85
N ALA B 130 -15.58 27.42 5.99
CA ALA B 130 -17.00 27.46 6.34
C ALA B 130 -17.53 26.06 6.63
N SER B 131 -17.13 25.10 5.81
CA SER B 131 -17.55 23.71 5.98
C SER B 131 -16.98 23.09 7.25
N THR B 132 -15.75 23.42 7.61
CA THR B 132 -15.13 22.88 8.82
C THR B 132 -15.79 23.49 10.05
N ASN B 133 -16.23 24.73 9.89
CA ASN B 133 -16.90 25.48 10.92
C ASN B 133 -18.31 24.95 11.17
N ARG B 134 -18.95 24.43 10.13
CA ARG B 134 -20.22 23.71 10.30
C ARG B 134 -19.99 22.42 11.05
N GLY B 135 -18.85 21.76 10.78
CA GLY B 135 -18.49 20.54 11.48
C GLY B 135 -18.32 20.79 12.96
N CYS B 136 -17.67 21.90 13.31
CA CYS B 136 -17.46 22.29 14.70
C CYS B 136 -18.78 22.50 15.43
N ARG B 137 -19.74 23.10 14.72
CA ARG B 137 -21.07 23.38 15.27
C ARG B 137 -21.77 22.09 15.65
N ALA B 138 -21.78 21.13 14.72
CA ALA B 138 -22.36 19.81 14.98
C ALA B 138 -21.74 19.11 16.19
N ILE B 139 -20.43 19.29 16.37
CA ILE B 139 -19.72 18.72 17.51
C ILE B 139 -20.11 19.46 18.80
N GLY B 140 -20.17 20.79 18.74
CA GLY B 140 -20.47 21.63 19.89
C GLY B 140 -21.87 21.42 20.44
N LEU B 141 -22.87 21.40 19.55
CA LEU B 141 -24.25 21.08 19.92
C LEU B 141 -24.45 19.60 20.23
N GLY B 142 -23.49 18.76 19.84
CA GLY B 142 -23.52 17.35 20.14
C GLY B 142 -22.89 16.95 21.46
N GLY B 143 -22.46 17.93 22.27
CA GLY B 143 -21.89 17.65 23.58
C GLY B 143 -20.36 17.73 23.66
N GLY B 144 -19.70 17.88 22.50
CA GLY B 144 -18.25 17.99 22.46
C GLY B 144 -17.53 16.70 22.11
N ALA B 145 -16.25 16.84 21.83
CA ALA B 145 -15.39 15.74 21.41
C ALA B 145 -14.38 15.43 22.50
N SER B 146 -13.92 14.19 22.53
CA SER B 146 -12.83 13.77 23.41
C SER B 146 -11.73 13.13 22.58
N SER B 147 -10.49 13.34 23.01
CA SER B 147 -9.32 12.83 22.29
C SER B 147 -8.24 12.34 23.26
N ARG B 148 -7.36 11.50 22.74
CA ARG B 148 -6.23 10.97 23.48
C ARG B 148 -5.00 10.85 22.57
N VAL B 149 -3.84 11.21 23.10
CA VAL B 149 -2.58 10.93 22.43
C VAL B 149 -2.15 9.52 22.85
N LEU B 150 -2.04 8.62 21.88
CA LEU B 150 -1.78 7.20 22.14
C LEU B 150 -0.28 6.88 22.15
N ALA B 151 0.49 7.64 21.38
CA ALA B 151 1.95 7.50 21.34
C ALA B 151 2.61 8.83 20.94
N ASP B 152 3.92 8.92 21.13
CA ASP B 152 4.65 10.16 20.87
C ASP B 152 6.14 9.85 20.66
N GLY B 153 6.67 10.28 19.51
CA GLY B 153 8.06 10.02 19.16
C GLY B 153 8.36 10.15 17.68
N MET B 154 9.13 11.18 17.33
CA MET B 154 9.65 11.37 15.97
C MET B 154 10.65 10.26 15.68
N THR B 155 10.86 9.95 14.40
CA THR B 155 11.81 8.91 14.04
C THR B 155 12.81 9.32 12.96
N ARG B 156 13.89 8.56 12.92
CA ARG B 156 14.85 8.61 11.85
C ARG B 156 15.28 7.17 11.56
N GLY B 157 15.37 6.82 10.28
CA GLY B 157 15.56 5.46 9.86
C GLY B 157 16.74 5.34 8.91
N PRO B 158 17.96 5.48 9.43
CA PRO B 158 19.17 5.35 8.62
C PRO B 158 19.36 3.94 8.07
N VAL B 159 20.11 3.85 6.97
CA VAL B 159 20.54 2.57 6.41
C VAL B 159 22.05 2.42 6.58
N VAL B 160 22.47 1.30 7.17
CA VAL B 160 23.89 0.96 7.26
C VAL B 160 24.14 -0.36 6.53
N ARG B 161 25.34 -0.53 6.01
CA ARG B 161 25.74 -1.75 5.30
C ARG B 161 26.85 -2.46 6.05
N LEU B 162 26.77 -3.79 6.09
CA LEU B 162 27.83 -4.64 6.61
C LEU B 162 28.43 -5.40 5.43
N PRO B 163 29.60 -6.02 5.61
CA PRO B 163 30.22 -6.80 4.52
C PRO B 163 29.38 -7.98 4.06
N ARG B 164 28.75 -8.69 5.00
CA ARG B 164 27.83 -9.79 4.69
C ARG B 164 26.52 -9.67 5.45
N ALA B 165 25.47 -10.29 4.90
CA ALA B 165 24.18 -10.46 5.56
C ALA B 165 24.29 -11.12 6.92
N CYS B 166 25.28 -12.00 7.07
CA CYS B 166 25.55 -12.67 8.35
C CYS B 166 25.99 -11.68 9.42
N ASP B 167 26.74 -10.66 9.01
CA ASP B 167 27.21 -9.59 9.90
C ASP B 167 26.11 -8.59 10.24
N SER B 168 25.14 -8.41 9.35
CA SER B 168 24.03 -7.51 9.64
C SER B 168 23.08 -8.19 10.63
N ALA B 169 22.91 -9.50 10.50
CA ALA B 169 22.17 -10.28 11.48
C ALA B 169 22.80 -10.18 12.88
N GLU B 170 24.13 -10.08 12.91
CA GLU B 170 24.90 -9.99 14.14
C GLU B 170 24.65 -8.67 14.84
N VAL B 171 24.67 -7.59 14.08
CA VAL B 171 24.40 -6.24 14.61
C VAL B 171 22.96 -6.13 15.09
N LYS B 172 22.05 -6.69 14.31
CA LYS B 172 20.63 -6.68 14.66
C LYS B 172 20.40 -7.34 16.01
N ALA B 173 20.99 -8.52 16.22
CA ALA B 173 20.81 -9.28 17.46
C ALA B 173 21.53 -8.63 18.64
N TRP B 174 22.64 -7.95 18.35
CA TRP B 174 23.37 -7.18 19.35
C TRP B 174 22.53 -6.01 19.86
N LEU B 175 21.80 -5.38 18.94
CA LEU B 175 20.96 -4.22 19.26
C LEU B 175 19.74 -4.60 20.08
N GLU B 176 19.32 -5.86 19.97
CA GLU B 176 18.18 -6.36 20.74
C GLU B 176 18.53 -6.91 22.13
N THR B 177 19.83 -7.13 22.42
CA THR B 177 20.23 -7.47 23.78
C THR B 177 20.09 -6.22 24.61
N SER B 178 19.73 -6.39 25.88
CA SER B 178 19.52 -5.23 26.76
C SER B 178 20.78 -4.41 26.92
N GLU B 179 21.93 -5.05 26.93
CA GLU B 179 23.21 -4.36 27.19
C GLU B 179 23.69 -3.59 25.96
N GLY B 180 23.45 -4.13 24.77
CA GLY B 180 23.79 -3.44 23.54
C GLY B 180 22.88 -2.26 23.31
N PHE B 181 21.59 -2.43 23.56
CA PHE B 181 20.61 -1.34 23.44
C PHE B 181 20.96 -0.20 24.39
N ALA B 182 21.39 -0.56 25.59
CA ALA B 182 21.68 0.42 26.66
C ALA B 182 22.88 1.30 26.30
N VAL B 183 23.86 0.72 25.61
CA VAL B 183 25.03 1.46 25.15
C VAL B 183 24.66 2.47 24.08
N ILE B 184 23.72 2.08 23.21
CA ILE B 184 23.26 2.92 22.12
C ILE B 184 22.34 4.01 22.67
N LYS B 185 21.49 3.63 23.61
CA LYS B 185 20.59 4.55 24.29
C LYS B 185 21.34 5.66 25.03
N GLU B 186 22.45 5.33 25.70
CA GLU B 186 23.22 6.34 26.43
C GLU B 186 23.87 7.34 25.48
N ALA B 187 24.37 6.86 24.35
CA ALA B 187 24.91 7.74 23.31
C ALA B 187 23.84 8.67 22.73
N PHE B 188 22.64 8.14 22.49
CA PHE B 188 21.54 8.91 21.90
C PHE B 188 21.05 9.99 22.85
N ASP B 189 20.80 9.60 24.10
CA ASP B 189 20.18 10.46 25.10
C ASP B 189 21.09 11.58 25.57
N SER B 190 22.40 11.43 25.36
CA SER B 190 23.38 12.43 25.77
C SER B 190 23.36 13.70 24.91
N THR B 191 22.75 13.63 23.72
CA THR B 191 22.74 14.76 22.77
C THR B 191 21.71 15.85 23.06
N SER B 192 20.73 15.56 23.92
CA SER B 192 19.69 16.54 24.25
C SER B 192 18.91 16.12 25.50
N ARG B 193 18.37 17.11 26.20
CA ARG B 193 17.65 16.82 27.44
C ARG B 193 16.31 16.13 27.24
N PHE B 194 15.78 16.16 26.02
CA PHE B 194 14.51 15.51 25.69
C PHE B 194 14.69 14.12 25.08
N ALA B 195 15.90 13.84 24.60
CA ALA B 195 16.23 12.56 23.99
C ALA B 195 16.03 11.38 24.93
N ARG B 196 14.98 10.61 24.68
CA ARG B 196 14.67 9.40 25.43
C ARG B 196 14.38 8.28 24.41
N LEU B 197 15.39 7.47 24.11
CA LEU B 197 15.29 6.47 23.05
C LEU B 197 14.37 5.35 23.48
N GLN B 198 13.39 5.02 22.64
CA GLN B 198 12.44 3.95 22.91
C GLN B 198 13.01 2.68 22.30
N LYS B 199 12.32 1.55 22.48
CA LYS B 199 12.79 0.29 21.91
C LYS B 199 13.10 0.47 20.42
N LEU B 200 14.22 -0.13 20.00
CA LEU B 200 14.71 -0.03 18.62
C LEU B 200 13.91 -0.99 17.73
N HIS B 201 13.45 -0.50 16.57
CA HIS B 201 12.87 -1.35 15.54
C HIS B 201 13.83 -1.42 14.36
N THR B 202 14.15 -2.64 13.90
CA THR B 202 15.13 -2.84 12.83
C THR B 202 14.65 -3.86 11.80
N SER B 203 15.31 -3.84 10.64
CA SER B 203 14.89 -4.64 9.50
C SER B 203 16.05 -4.82 8.51
N ILE B 204 16.28 -6.06 8.12
CA ILE B 204 17.39 -6.44 7.27
C ILE B 204 16.92 -6.64 5.82
N ALA B 205 17.74 -6.18 4.88
CA ALA B 205 17.60 -6.50 3.47
C ALA B 205 18.99 -6.89 2.98
N GLY B 206 19.31 -8.17 3.15
CA GLY B 206 20.62 -8.68 2.76
C GLY B 206 21.65 -8.13 3.72
N ARG B 207 22.68 -7.49 3.18
CA ARG B 207 23.72 -6.92 4.03
C ARG B 207 23.42 -5.49 4.48
N ASN B 208 22.27 -4.96 4.06
CA ASN B 208 21.73 -3.72 4.62
C ASN B 208 21.03 -3.96 5.95
N LEU B 209 21.08 -2.96 6.82
CA LEU B 209 20.28 -2.95 8.03
C LEU B 209 19.67 -1.58 8.19
N TYR B 210 18.35 -1.55 8.34
CA TYR B 210 17.61 -0.33 8.54
C TYR B 210 17.24 -0.29 10.02
N ILE B 211 17.64 0.80 10.67
CA ILE B 211 17.44 0.98 12.11
C ILE B 211 16.55 2.20 12.32
N ARG B 212 15.48 2.02 13.10
CA ARG B 212 14.48 3.06 13.34
C ARG B 212 14.56 3.58 14.77
N PHE B 213 15.30 4.67 14.96
CA PHE B 213 15.39 5.36 16.25
C PHE B 213 14.16 6.21 16.47
N GLN B 214 13.47 5.99 17.58
CA GLN B 214 12.30 6.79 17.96
C GLN B 214 12.54 7.46 19.31
N SER B 215 12.04 8.69 19.46
CA SER B 215 12.17 9.39 20.73
C SER B 215 11.33 10.66 20.76
N ARG B 216 10.85 10.98 21.95
CA ARG B 216 10.24 12.27 22.23
C ARG B 216 11.23 13.37 21.93
N SER B 217 10.71 14.60 21.80
CA SER B 217 11.53 15.76 21.42
C SER B 217 11.03 17.04 22.06
N GLY B 218 10.47 16.93 23.26
CA GLY B 218 9.82 18.07 23.89
C GLY B 218 8.64 18.56 23.04
N ASP B 219 8.56 19.86 22.83
CA ASP B 219 7.54 20.45 21.99
C ASP B 219 8.04 20.73 20.57
N ALA B 220 9.30 20.41 20.29
CA ALA B 220 9.81 20.47 18.92
C ALA B 220 9.27 19.32 18.09
N MET B 221 9.15 19.52 16.79
CA MET B 221 8.77 18.43 15.87
C MET B 221 9.83 17.34 15.98
N GLY B 222 11.09 17.74 16.00
CA GLY B 222 12.18 16.89 16.42
C GLY B 222 13.02 16.22 15.34
N MET B 223 12.98 16.72 14.10
CA MET B 223 13.84 16.14 13.06
C MET B 223 15.29 16.32 13.46
N ASN B 224 15.70 17.58 13.57
CA ASN B 224 17.09 17.92 13.87
C ASN B 224 17.61 17.26 15.15
N MET B 225 16.76 17.19 16.18
CA MET B 225 17.14 16.62 17.46
C MET B 225 17.36 15.10 17.37
N ILE B 226 16.42 14.41 16.74
CA ILE B 226 16.49 12.95 16.55
C ILE B 226 17.64 12.58 15.61
N SER B 227 17.93 13.45 14.65
CA SER B 227 18.94 13.17 13.65
C SER B 227 20.33 13.31 14.26
N LYS B 228 20.49 14.33 15.10
CA LYS B 228 21.73 14.58 15.84
C LYS B 228 22.00 13.44 16.83
N GLY B 229 20.96 12.93 17.47
CA GLY B 229 21.07 11.79 18.37
C GLY B 229 21.31 10.48 17.64
N THR B 230 20.87 10.41 16.38
CA THR B 230 21.04 9.21 15.57
C THR B 230 22.49 9.10 15.13
N GLU B 231 23.11 10.22 14.76
CA GLU B 231 24.48 10.23 14.29
C GLU B 231 25.45 9.80 15.39
N LYS B 232 25.22 10.30 16.60
CA LYS B 232 26.00 9.94 17.78
C LYS B 232 25.79 8.47 18.16
N ALA B 233 24.57 7.98 17.99
CA ALA B 233 24.23 6.61 18.31
C ALA B 233 24.91 5.61 17.38
N LEU B 234 25.02 5.97 16.11
CA LEU B 234 25.67 5.13 15.10
C LEU B 234 27.19 5.20 15.23
N SER B 235 27.68 6.28 15.84
CA SER B 235 29.11 6.45 16.08
C SER B 235 29.55 5.44 17.12
N LYS B 236 28.72 5.25 18.15
CA LYS B 236 28.99 4.27 19.20
C LYS B 236 28.91 2.86 18.63
N LEU B 237 27.90 2.59 17.81
CA LEU B 237 27.73 1.28 17.17
C LEU B 237 28.93 0.90 16.28
N HIS B 238 29.57 1.91 15.69
CA HIS B 238 30.73 1.70 14.82
C HIS B 238 31.99 1.27 15.59
N GLU B 239 32.11 1.72 16.84
CA GLU B 239 33.18 1.25 17.71
C GLU B 239 33.09 -0.26 17.94
N TYR B 240 31.86 -0.79 18.04
CA TYR B 240 31.64 -2.23 18.22
C TYR B 240 31.66 -3.02 16.92
N PHE B 241 31.49 -2.34 15.79
CA PHE B 241 31.39 -2.99 14.48
C PHE B 241 32.05 -2.09 13.44
N PRO B 242 33.38 -2.06 13.41
CA PRO B 242 34.11 -1.13 12.56
C PRO B 242 34.05 -1.42 11.05
N GLU B 243 33.62 -2.62 10.66
CA GLU B 243 33.36 -2.90 9.24
C GLU B 243 32.03 -2.30 8.75
N MET B 244 31.24 -1.71 9.65
CA MET B 244 29.95 -1.14 9.29
C MET B 244 30.13 0.17 8.55
N GLN B 245 29.33 0.37 7.51
CA GLN B 245 29.36 1.56 6.68
C GLN B 245 28.04 2.30 6.89
N ILE B 246 28.13 3.55 7.33
CA ILE B 246 26.95 4.40 7.43
C ILE B 246 26.66 4.99 6.05
N LEU B 247 25.74 4.36 5.32
CA LEU B 247 25.43 4.74 3.94
C LEU B 247 24.62 6.03 3.87
N ALA B 248 23.58 6.14 4.68
CA ALA B 248 22.74 7.34 4.72
C ALA B 248 22.05 7.47 6.08
N VAL B 249 22.04 8.68 6.62
CA VAL B 249 21.44 8.92 7.94
C VAL B 249 19.91 8.85 7.86
N SER B 250 19.39 9.01 6.63
CA SER B 250 18.03 8.59 6.32
C SER B 250 18.06 7.60 5.15
N GLY B 251 17.65 6.38 5.42
CA GLY B 251 17.45 5.35 4.41
C GLY B 251 15.98 5.17 4.05
N ASN B 252 15.20 6.24 4.18
CA ASN B 252 13.75 6.20 3.90
C ASN B 252 12.96 5.21 4.76
N TYR B 253 13.48 4.86 5.93
CA TYR B 253 12.80 3.94 6.82
C TYR B 253 12.22 4.70 8.01
N CYS B 254 12.28 6.02 7.97
CA CYS B 254 11.80 6.86 9.07
C CYS B 254 10.28 6.73 9.30
N THR B 255 9.41 6.97 8.30
CA THR B 255 9.71 7.50 6.97
C THR B 255 9.23 8.95 6.94
N ASP B 256 9.99 9.82 6.29
CA ASP B 256 9.73 11.24 6.33
C ASP B 256 9.32 11.78 4.97
N LYS B 257 8.12 12.37 4.93
CA LYS B 257 7.61 13.07 3.75
C LYS B 257 7.43 12.20 2.49
N LYS B 258 7.24 10.89 2.69
CA LYS B 258 6.76 9.97 1.64
C LYS B 258 5.72 9.01 2.24
N PRO B 259 4.78 8.52 1.44
CA PRO B 259 3.86 7.48 1.92
C PRO B 259 4.59 6.20 2.34
N ALA B 260 4.20 5.62 3.48
CA ALA B 260 4.82 4.39 3.97
C ALA B 260 3.97 3.72 5.04
N ALA B 261 3.81 2.40 4.89
CA ALA B 261 3.01 1.61 5.80
C ALA B 261 3.57 1.60 7.22
N ILE B 262 4.88 1.79 7.34
CA ILE B 262 5.53 1.77 8.64
C ILE B 262 5.07 2.92 9.54
N ASN B 263 4.84 4.10 9.00
CA ASN B 263 4.28 5.20 9.77
C ASN B 263 2.86 4.92 10.23
N TRP B 264 2.09 4.27 9.37
CA TRP B 264 0.70 3.86 9.65
C TRP B 264 0.59 2.81 10.78
N ILE B 265 1.55 1.88 10.83
CA ILE B 265 1.47 0.72 11.69
C ILE B 265 2.21 0.91 13.02
N GLU B 266 3.34 1.63 12.96
CA GLU B 266 4.18 1.86 14.12
C GLU B 266 3.92 3.23 14.70
N GLY B 267 3.52 4.17 13.85
CA GLY B 267 3.25 5.53 14.24
C GLY B 267 4.49 6.36 14.01
N ARG B 268 4.29 7.67 13.86
CA ARG B 268 5.41 8.60 13.78
C ARG B 268 4.94 9.95 14.25
N GLY B 269 5.74 10.62 15.06
CA GLY B 269 5.28 11.80 15.76
C GLY B 269 4.21 11.41 16.77
N LYS B 270 3.10 12.14 16.78
CA LYS B 270 1.98 11.88 17.69
C LYS B 270 0.92 11.01 17.03
N SER B 271 0.52 9.94 17.70
CA SER B 271 -0.63 9.13 17.32
C SER B 271 -1.82 9.57 18.17
N VAL B 272 -2.94 9.89 17.52
CA VAL B 272 -4.07 10.52 18.17
C VAL B 272 -5.36 9.84 17.78
N VAL B 273 -6.33 9.85 18.67
CA VAL B 273 -7.67 9.39 18.36
C VAL B 273 -8.66 10.40 18.92
N CYS B 274 -9.73 10.64 18.17
CA CYS B 274 -10.71 11.64 18.55
C CYS B 274 -12.10 11.03 18.36
N GLU B 275 -13.09 11.52 19.10
CA GLU B 275 -14.43 10.94 18.99
C GLU B 275 -15.54 11.91 19.42
N ALA B 276 -16.77 11.51 19.09
CA ALA B 276 -17.95 12.31 19.39
C ALA B 276 -19.19 11.51 19.06
N VAL B 277 -20.28 11.83 19.76
CA VAL B 277 -21.58 11.29 19.44
C VAL B 277 -22.48 12.46 19.11
N ILE B 278 -23.03 12.46 17.90
CA ILE B 278 -23.88 13.52 17.38
C ILE B 278 -25.33 13.06 17.49
N PRO B 279 -26.13 13.65 18.39
CA PRO B 279 -27.55 13.29 18.50
C PRO B 279 -28.30 13.47 17.17
N ALA B 280 -29.36 12.70 16.96
CA ALA B 280 -30.10 12.72 15.69
C ALA B 280 -30.60 14.11 15.36
N LYS B 281 -30.98 14.85 16.39
CA LYS B 281 -31.45 16.22 16.24
C LYS B 281 -30.40 17.09 15.56
N VAL B 282 -29.17 17.03 16.05
CA VAL B 282 -28.07 17.84 15.53
C VAL B 282 -27.67 17.43 14.11
N VAL B 283 -27.67 16.13 13.82
CA VAL B 283 -27.39 15.63 12.47
C VAL B 283 -28.42 16.21 11.49
N ARG B 284 -29.66 16.34 11.96
CA ARG B 284 -30.77 16.89 11.17
C ARG B 284 -30.60 18.39 10.89
N GLU B 285 -30.37 19.16 11.94
CA GLU B 285 -30.46 20.62 11.87
C GLU B 285 -29.18 21.26 11.36
N VAL B 286 -28.03 20.72 11.77
CA VAL B 286 -26.74 21.25 11.36
C VAL B 286 -26.30 20.64 10.02
N LEU B 287 -26.27 19.31 9.93
CA LEU B 287 -25.69 18.60 8.78
C LEU B 287 -26.69 18.20 7.69
N LYS B 288 -27.98 18.46 7.92
CA LYS B 288 -29.03 18.34 6.89
C LYS B 288 -29.26 16.92 6.37
N THR B 289 -28.98 15.92 7.20
CA THR B 289 -29.08 14.54 6.78
C THR B 289 -29.39 13.62 7.96
N THR B 290 -29.29 12.31 7.74
CA THR B 290 -29.50 11.33 8.81
C THR B 290 -28.23 10.52 9.08
N THR B 291 -28.15 10.00 10.29
CA THR B 291 -27.06 9.13 10.70
C THR B 291 -26.90 7.94 9.75
N GLU B 292 -28.02 7.37 9.32
CA GLU B 292 -28.04 6.22 8.42
C GLU B 292 -27.34 6.53 7.10
N ALA B 293 -27.66 7.68 6.52
CA ALA B 293 -27.09 8.07 5.23
C ALA B 293 -25.58 8.30 5.37
N MET B 294 -25.18 8.82 6.52
CA MET B 294 -23.78 9.12 6.77
C MET B 294 -22.95 7.86 6.91
N ILE B 295 -23.50 6.85 7.56
CA ILE B 295 -22.79 5.59 7.78
C ILE B 295 -22.62 4.84 6.46
N GLU B 296 -23.63 4.93 5.60
CA GLU B 296 -23.60 4.27 4.31
C GLU B 296 -22.52 4.85 3.42
N VAL B 297 -22.44 6.18 3.38
CA VAL B 297 -21.41 6.86 2.61
C VAL B 297 -20.05 6.54 3.19
N ASN B 298 -19.92 6.58 4.52
CA ASN B 298 -18.62 6.40 5.16
C ASN B 298 -18.06 5.02 4.95
N ILE B 299 -18.92 4.01 5.01
CA ILE B 299 -18.47 2.65 4.80
C ILE B 299 -18.01 2.52 3.36
N ASN B 300 -18.83 3.01 2.43
CA ASN B 300 -18.63 2.68 1.03
C ASN B 300 -17.68 3.63 0.28
N LYS B 301 -17.37 4.77 0.89
CA LYS B 301 -16.39 5.72 0.36
C LYS B 301 -15.07 5.54 1.08
N ASN B 302 -15.09 5.76 2.40
CA ASN B 302 -13.89 5.85 3.19
C ASN B 302 -13.23 4.52 3.55
N LEU B 303 -14.00 3.44 3.65
CA LEU B 303 -13.42 2.11 3.84
C LEU B 303 -13.32 1.39 2.51
N VAL B 304 -14.46 1.16 1.87
CA VAL B 304 -14.53 0.28 0.69
C VAL B 304 -13.94 0.94 -0.56
N GLY B 305 -14.21 2.24 -0.74
CA GLY B 305 -13.65 2.98 -1.85
C GLY B 305 -12.15 3.10 -1.76
N SER B 306 -11.66 3.62 -0.64
CA SER B 306 -10.24 3.65 -0.34
C SER B 306 -9.59 2.27 -0.50
N ALA B 307 -10.32 1.20 -0.19
CA ALA B 307 -9.78 -0.15 -0.36
C ALA B 307 -9.66 -0.52 -1.84
N MET B 308 -10.67 -0.20 -2.64
CA MET B 308 -10.64 -0.49 -4.07
C MET B 308 -9.53 0.30 -4.78
N ALA B 309 -9.23 1.49 -4.26
CA ALA B 309 -8.21 2.39 -4.80
C ALA B 309 -6.79 1.95 -4.43
N GLY B 310 -6.67 0.98 -3.53
CA GLY B 310 -5.39 0.47 -3.09
C GLY B 310 -4.66 1.44 -2.19
N SER B 311 -5.38 2.00 -1.20
CA SER B 311 -4.86 3.00 -0.30
C SER B 311 -4.25 2.39 0.95
N ILE B 312 -3.11 2.93 1.35
CA ILE B 312 -2.52 2.65 2.65
C ILE B 312 -2.68 3.96 3.46
N GLY B 313 -3.57 3.93 4.45
CA GLY B 313 -3.69 5.02 5.40
C GLY B 313 -4.62 6.16 5.02
N GLY B 314 -5.28 6.05 3.86
CA GLY B 314 -6.13 7.11 3.34
C GLY B 314 -7.62 6.77 3.40
N TYR B 315 -8.04 6.30 4.57
CA TYR B 315 -9.41 5.88 4.80
C TYR B 315 -10.21 7.05 5.39
N ASN B 316 -10.27 8.14 4.63
CA ASN B 316 -10.86 9.40 5.06
C ASN B 316 -11.28 10.24 3.84
N ALA B 317 -12.01 11.32 4.09
CA ALA B 317 -12.56 12.10 2.99
C ALA B 317 -11.59 13.18 2.54
N HIS B 318 -11.16 14.03 3.46
CA HIS B 318 -10.30 15.15 3.11
C HIS B 318 -9.51 15.62 4.35
N ALA B 319 -9.01 14.68 5.14
CA ALA B 319 -8.21 15.03 6.31
C ALA B 319 -7.06 15.96 5.96
N ALA B 320 -6.46 15.75 4.80
CA ALA B 320 -5.31 16.54 4.36
C ALA B 320 -5.64 18.01 4.17
N ASN B 321 -6.88 18.31 3.80
CA ASN B 321 -7.33 19.70 3.71
C ASN B 321 -7.13 20.45 5.03
N ILE B 322 -7.63 19.86 6.12
CA ILE B 322 -7.56 20.48 7.44
C ILE B 322 -6.12 20.51 7.95
N VAL B 323 -5.41 19.39 7.81
CA VAL B 323 -4.01 19.30 8.22
C VAL B 323 -3.18 20.38 7.53
N THR B 324 -3.34 20.49 6.21
CA THR B 324 -2.57 21.44 5.43
C THR B 324 -2.85 22.88 5.85
N ALA B 325 -4.12 23.19 6.09
CA ALA B 325 -4.53 24.54 6.44
C ALA B 325 -3.97 24.95 7.81
N ILE B 326 -4.10 24.08 8.80
CA ILE B 326 -3.55 24.36 10.13
C ILE B 326 -2.03 24.46 10.07
N TYR B 327 -1.38 23.57 9.35
CA TYR B 327 0.08 23.53 9.28
C TYR B 327 0.67 24.84 8.77
N ILE B 328 0.15 25.31 7.64
CA ILE B 328 0.59 26.59 7.08
C ILE B 328 0.36 27.77 8.04
N ALA B 329 -0.79 27.78 8.71
CA ALA B 329 -1.11 28.86 9.64
C ALA B 329 -0.22 28.84 10.88
N CYS B 330 0.17 27.65 11.31
CA CYS B 330 0.87 27.49 12.59
C CYS B 330 2.37 27.21 12.46
N GLY B 331 2.94 27.53 11.31
CA GLY B 331 4.38 27.40 11.10
C GLY B 331 4.93 26.00 11.05
N GLN B 332 4.08 25.02 10.73
CA GLN B 332 4.56 23.64 10.56
C GLN B 332 5.23 23.47 9.19
N ASP B 333 5.82 22.29 9.00
CA ASP B 333 6.38 21.89 7.72
C ASP B 333 5.23 21.28 6.93
N ALA B 334 4.72 22.02 5.95
CA ALA B 334 3.53 21.61 5.21
C ALA B 334 3.74 20.35 4.38
N ALA B 335 4.99 20.05 4.02
CA ALA B 335 5.29 18.85 3.24
C ALA B 335 5.09 17.59 4.06
N GLN B 336 5.09 17.73 5.38
CA GLN B 336 4.82 16.59 6.27
C GLN B 336 3.34 16.25 6.36
N ASN B 337 2.48 16.97 5.63
CA ASN B 337 1.10 16.55 5.50
C ASN B 337 0.95 15.24 4.71
N VAL B 338 1.97 14.84 3.96
CA VAL B 338 1.98 13.55 3.28
C VAL B 338 1.64 12.41 4.26
N GLY B 339 2.45 12.27 5.30
CA GLY B 339 2.17 11.31 6.36
C GLY B 339 1.21 11.76 7.47
N SER B 340 1.20 13.06 7.77
CA SER B 340 0.40 13.57 8.90
C SER B 340 -1.11 13.51 8.66
N SER B 341 -1.50 13.51 7.38
CA SER B 341 -2.91 13.36 6.96
C SER B 341 -3.40 11.91 7.00
N ASN B 342 -2.51 10.96 7.27
CA ASN B 342 -2.94 9.57 7.49
C ASN B 342 -4.08 9.58 8.49
N CYS B 343 -5.21 9.00 8.12
CA CYS B 343 -6.40 9.01 8.95
C CYS B 343 -7.40 7.92 8.52
N ILE B 344 -8.01 7.25 9.51
CA ILE B 344 -9.18 6.41 9.26
C ILE B 344 -10.40 6.94 10.03
N THR B 345 -11.45 7.22 9.28
CA THR B 345 -12.67 7.81 9.80
C THR B 345 -13.73 6.73 9.89
N LEU B 346 -14.25 6.52 11.10
CA LEU B 346 -15.27 5.50 11.35
C LEU B 346 -16.57 6.14 11.80
N MET B 347 -17.69 5.56 11.35
CA MET B 347 -19.03 6.08 11.61
C MET B 347 -19.96 4.94 11.94
N GLU B 348 -20.62 5.06 13.09
CA GLU B 348 -21.41 4.01 13.69
C GLU B 348 -22.75 4.55 14.15
N ALA B 349 -23.76 3.69 14.17
CA ALA B 349 -25.03 4.03 14.78
C ALA B 349 -24.92 3.92 16.31
N SER B 350 -25.45 4.91 17.00
CA SER B 350 -25.60 4.85 18.45
C SER B 350 -27.04 5.20 18.83
N GLY B 351 -27.41 4.89 20.07
CA GLY B 351 -28.73 5.24 20.58
C GLY B 351 -29.72 4.11 20.41
N PRO B 352 -30.93 4.26 20.96
CA PRO B 352 -31.94 3.20 20.96
C PRO B 352 -32.52 2.86 19.60
N THR B 353 -32.67 3.85 18.72
CA THR B 353 -33.15 3.60 17.36
C THR B 353 -32.05 3.69 16.29
N ASN B 354 -30.78 3.62 16.70
CA ASN B 354 -29.64 3.78 15.78
C ASN B 354 -29.65 5.08 14.96
N GLU B 355 -30.12 6.17 15.57
CA GLU B 355 -30.25 7.47 14.89
C GLU B 355 -29.22 8.52 15.32
N ASP B 356 -28.42 8.23 16.34
CA ASP B 356 -27.25 9.06 16.68
C ASP B 356 -26.00 8.53 15.95
N LEU B 357 -25.08 9.43 15.67
CA LEU B 357 -23.87 9.12 14.92
C LEU B 357 -22.66 9.14 15.85
N TYR B 358 -22.13 7.95 16.18
CA TYR B 358 -20.77 7.87 16.72
C TYR B 358 -19.78 8.09 15.58
N ILE B 359 -18.89 9.07 15.73
CA ILE B 359 -17.82 9.30 14.76
C ILE B 359 -16.47 9.30 15.48
N SER B 360 -15.45 8.72 14.85
CA SER B 360 -14.07 8.85 15.33
C SER B 360 -13.09 9.01 14.18
N CYS B 361 -12.01 9.73 14.45
CA CYS B 361 -10.86 9.75 13.57
C CYS B 361 -9.62 9.28 14.31
N THR B 362 -8.92 8.32 13.74
CA THR B 362 -7.65 7.88 14.27
C THR B 362 -6.56 8.31 13.30
N MET B 363 -5.59 9.05 13.81
CA MET B 363 -4.50 9.57 13.01
C MET B 363 -3.19 9.17 13.70
N PRO B 364 -2.54 8.12 13.22
CA PRO B 364 -1.36 7.59 13.92
C PRO B 364 -0.04 8.33 13.69
N SER B 365 0.00 9.34 12.82
CA SER B 365 1.29 9.89 12.43
C SER B 365 1.32 11.40 12.17
N ILE B 366 0.80 12.17 13.12
CA ILE B 366 0.81 13.63 13.08
C ILE B 366 2.18 14.17 13.44
N GLU B 367 2.85 14.78 12.46
CA GLU B 367 4.21 15.26 12.65
C GLU B 367 4.19 16.75 12.88
N ILE B 368 4.28 17.12 14.15
CA ILE B 368 3.98 18.48 14.57
C ILE B 368 4.88 18.98 15.70
N GLY B 369 4.92 20.31 15.86
CA GLY B 369 5.72 20.96 16.89
C GLY B 369 5.27 22.39 17.14
N THR B 370 5.62 22.95 18.30
CA THR B 370 5.38 24.37 18.60
C THR B 370 6.66 25.19 18.85
N VAL B 371 7.82 24.52 18.76
CA VAL B 371 9.13 25.20 18.83
C VAL B 371 9.93 24.85 17.58
N GLY B 372 10.70 25.80 17.07
CA GLY B 372 11.55 25.59 15.90
C GLY B 372 10.85 25.77 14.57
N GLY B 373 11.65 25.83 13.50
CA GLY B 373 11.16 25.92 12.13
C GLY B 373 10.38 27.20 11.91
N GLY B 374 9.26 27.09 11.21
CA GLY B 374 8.39 28.20 10.94
C GLY B 374 7.66 28.74 12.15
N THR B 375 7.65 27.97 13.25
CA THR B 375 7.03 28.43 14.50
C THR B 375 7.89 29.45 15.25
N ASN B 376 9.07 29.76 14.71
CA ASN B 376 9.91 30.82 15.24
C ASN B 376 9.42 32.20 14.76
N LEU B 377 8.68 32.23 13.65
CA LEU B 377 8.23 33.47 13.04
C LEU B 377 6.96 33.97 13.72
N LEU B 378 6.82 35.29 13.82
CA LEU B 378 5.82 35.92 14.68
C LEU B 378 4.35 35.81 14.21
N PRO B 379 4.08 35.95 12.92
CA PRO B 379 2.71 35.69 12.42
C PRO B 379 2.26 34.25 12.69
N GLN B 380 3.16 33.30 12.45
CA GLN B 380 2.89 31.89 12.73
C GLN B 380 2.70 31.68 14.24
N GLN B 381 3.45 32.41 15.05
CA GLN B 381 3.31 32.36 16.51
C GLN B 381 1.95 32.92 16.99
N ALA B 382 1.39 33.86 16.24
CA ALA B 382 0.09 34.45 16.56
C ALA B 382 -1.04 33.41 16.47
N CYS B 383 -0.95 32.55 15.46
CA CYS B 383 -1.91 31.47 15.27
C CYS B 383 -1.72 30.38 16.33
N LEU B 384 -0.47 30.19 16.77
CA LEU B 384 -0.20 29.24 17.85
C LEU B 384 -0.72 29.77 19.19
N GLN B 385 -0.58 31.08 19.41
CA GLN B 385 -1.13 31.75 20.59
C GLN B 385 -2.66 31.68 20.65
N MET B 386 -3.31 31.68 19.48
CA MET B 386 -4.77 31.53 19.42
C MET B 386 -5.21 30.28 20.16
N LEU B 387 -4.42 29.22 20.02
CA LEU B 387 -4.78 27.92 20.58
C LEU B 387 -4.16 27.65 21.95
N GLY B 388 -3.33 28.58 22.43
CA GLY B 388 -2.66 28.44 23.72
C GLY B 388 -1.55 27.40 23.72
N VAL B 389 -0.88 27.24 22.58
CA VAL B 389 0.14 26.20 22.41
C VAL B 389 1.51 26.73 21.92
N GLN B 390 1.65 28.04 21.80
CA GLN B 390 2.89 28.62 21.28
C GLN B 390 4.08 28.28 22.17
N GLY B 391 5.20 27.90 21.54
CA GLY B 391 6.44 27.67 22.26
C GLY B 391 6.47 26.48 23.20
N ALA B 392 7.56 26.35 23.92
CA ALA B 392 7.76 25.27 24.88
C ALA B 392 6.92 25.46 26.15
N CYS B 393 6.57 24.33 26.78
CA CYS B 393 5.88 24.31 28.06
C CYS B 393 6.91 23.97 29.15
N LYS B 394 7.18 24.91 30.04
CA LYS B 394 8.26 24.74 31.04
C LYS B 394 8.04 23.56 31.98
N ASP B 395 6.81 23.42 32.48
CA ASP B 395 6.49 22.50 33.58
C ASP B 395 5.93 21.13 33.16
N ASN B 396 5.70 20.97 31.86
CA ASN B 396 5.22 19.71 31.32
C ASN B 396 5.61 19.62 29.83
N PRO B 397 6.89 19.30 29.57
CA PRO B 397 7.44 19.36 28.21
C PRO B 397 6.76 18.40 27.25
N GLY B 398 6.34 18.93 26.10
CA GLY B 398 5.64 18.16 25.09
C GLY B 398 4.14 18.40 25.07
N GLU B 399 3.61 19.01 26.14
CA GLU B 399 2.17 19.25 26.26
C GLU B 399 1.62 20.17 25.17
N ASN B 400 2.42 21.14 24.74
CA ASN B 400 1.98 22.09 23.73
C ASN B 400 1.86 21.47 22.35
N ALA B 401 2.87 20.67 21.97
CA ALA B 401 2.83 19.90 20.74
C ALA B 401 1.74 18.83 20.79
N ARG B 402 1.55 18.23 21.96
CA ARG B 402 0.52 17.19 22.16
C ARG B 402 -0.87 17.77 22.04
N GLN B 403 -1.04 19.01 22.52
CA GLN B 403 -2.32 19.68 22.50
C GLN B 403 -2.65 20.11 21.08
N LEU B 404 -1.66 20.63 20.36
CA LEU B 404 -1.86 21.04 18.96
C LEU B 404 -2.23 19.83 18.10
N ALA B 405 -1.61 18.69 18.35
CA ALA B 405 -1.92 17.45 17.64
C ALA B 405 -3.34 16.95 17.92
N ARG B 406 -3.82 17.13 19.16
CA ARG B 406 -5.20 16.78 19.48
C ARG B 406 -6.18 17.67 18.72
N ILE B 407 -5.87 18.96 18.67
CA ILE B 407 -6.66 19.93 17.94
C ILE B 407 -6.70 19.63 16.44
N VAL B 408 -5.60 19.14 15.88
CA VAL B 408 -5.57 18.80 14.46
C VAL B 408 -6.53 17.63 14.20
N CYS B 409 -6.53 16.63 15.07
CA CYS B 409 -7.36 15.44 14.88
C CYS B 409 -8.85 15.74 15.05
N GLY B 410 -9.16 16.59 16.03
CA GLY B 410 -10.52 17.05 16.24
C GLY B 410 -11.07 17.97 15.17
N THR B 411 -10.21 18.80 14.60
CA THR B 411 -10.60 19.64 13.47
C THR B 411 -10.76 18.80 12.21
N VAL B 412 -9.94 17.76 12.07
CA VAL B 412 -10.10 16.83 10.96
C VAL B 412 -11.47 16.16 11.07
N MET B 413 -11.84 15.77 12.28
CA MET B 413 -13.13 15.12 12.54
C MET B 413 -14.28 16.05 12.22
N ALA B 414 -14.13 17.33 12.54
CA ALA B 414 -15.13 18.34 12.18
C ALA B 414 -15.27 18.44 10.66
N GLY B 415 -14.13 18.44 9.96
CA GLY B 415 -14.11 18.48 8.52
C GLY B 415 -14.76 17.24 7.95
N GLU B 416 -14.49 16.08 8.55
CA GLU B 416 -15.07 14.83 8.07
C GLU B 416 -16.59 14.87 8.19
N LEU B 417 -17.09 15.35 9.34
CA LEU B 417 -18.54 15.42 9.57
C LEU B 417 -19.24 16.20 8.46
N SER B 418 -18.67 17.35 8.11
CA SER B 418 -19.32 18.29 7.21
C SER B 418 -19.29 17.81 5.76
N LEU B 419 -18.13 17.35 5.29
CA LEU B 419 -18.00 16.91 3.90
C LEU B 419 -18.81 15.63 3.67
N MET B 420 -18.74 14.70 4.60
CA MET B 420 -19.53 13.47 4.50
C MET B 420 -21.04 13.72 4.46
N ALA B 421 -21.51 14.77 5.15
CA ALA B 421 -22.92 15.13 5.12
C ALA B 421 -23.31 15.72 3.77
N ALA B 422 -22.46 16.58 3.23
CA ALA B 422 -22.69 17.18 1.91
C ALA B 422 -22.69 16.13 0.80
N LEU B 423 -21.87 15.10 0.94
CA LEU B 423 -21.80 14.02 -0.03
C LEU B 423 -23.03 13.11 0.06
N ALA B 424 -23.55 12.93 1.28
CA ALA B 424 -24.72 12.11 1.51
C ALA B 424 -25.98 12.81 1.02
N ALA B 425 -25.98 14.13 1.09
CA ALA B 425 -27.16 14.96 0.81
C ALA B 425 -27.53 14.91 -0.66
N GLY B 426 -26.57 15.29 -1.49
CA GLY B 426 -26.77 15.51 -2.92
C GLY B 426 -26.35 16.91 -3.32
N HIS B 427 -26.90 17.39 -4.44
CA HIS B 427 -26.55 18.70 -5.02
C HIS B 427 -25.19 18.65 -5.74
N PRO C 10 -32.56 -57.36 1.61
CA PRO C 10 -33.80 -57.00 2.37
C PRO C 10 -33.57 -55.82 3.32
N ASN C 11 -34.59 -54.98 3.49
CA ASN C 11 -34.43 -53.69 4.17
C ASN C 11 -34.36 -53.82 5.69
N GLU C 12 -35.41 -54.39 6.29
CA GLU C 12 -35.50 -54.50 7.75
C GLU C 12 -34.61 -55.61 8.31
N GLU C 13 -34.18 -56.53 7.45
CA GLU C 13 -33.19 -57.55 7.82
C GLU C 13 -31.81 -56.89 7.96
N CYS C 14 -31.52 -55.91 7.12
CA CYS C 14 -30.25 -55.18 7.16
C CYS C 14 -30.13 -54.23 8.36
N LEU C 15 -31.24 -53.65 8.77
CA LEU C 15 -31.30 -52.82 9.97
C LEU C 15 -31.06 -53.65 11.24
N GLN C 16 -31.49 -54.93 11.19
CA GLN C 16 -31.27 -55.86 12.29
C GLN C 16 -29.79 -56.20 12.46
N ILE C 17 -29.06 -56.29 11.35
CA ILE C 17 -27.64 -56.63 11.38
C ILE C 17 -26.81 -55.42 11.84
N LEU C 18 -27.37 -54.21 11.69
CA LEU C 18 -26.72 -53.00 12.18
C LEU C 18 -26.77 -52.90 13.71
N GLY C 19 -27.75 -53.56 14.34
CA GLY C 19 -27.92 -53.53 15.79
C GLY C 19 -26.97 -54.40 16.62
N ASN C 20 -26.19 -55.27 15.97
CA ASN C 20 -25.27 -56.15 16.68
C ASN C 20 -24.01 -55.43 17.16
N GLY C 24 -23.16 -56.18 12.62
CA GLY C 24 -22.81 -54.78 12.37
C GLY C 24 -22.87 -54.39 10.90
N ALA C 25 -22.38 -53.20 10.60
CA ALA C 25 -22.30 -52.72 9.21
C ALA C 25 -21.24 -53.48 8.40
N LYS C 26 -20.19 -53.93 9.09
CA LYS C 26 -19.13 -54.75 8.47
C LYS C 26 -19.68 -56.03 7.85
N PHE C 27 -20.74 -56.58 8.45
CA PHE C 27 -21.40 -57.77 7.92
C PHE C 27 -22.18 -57.47 6.64
N LEU C 28 -22.73 -56.26 6.53
CA LEU C 28 -23.55 -55.86 5.36
C LEU C 28 -22.75 -55.73 4.05
N SER C 29 -23.51 -55.54 2.96
CA SER C 29 -22.93 -55.31 1.62
C SER C 29 -23.11 -53.86 1.17
N ASP C 30 -22.28 -53.41 0.23
CA ASP C 30 -22.30 -52.03 -0.27
C ASP C 30 -23.67 -51.64 -0.81
N ALA C 31 -24.24 -52.48 -1.68
CA ALA C 31 -25.52 -52.18 -2.33
C ALA C 31 -26.68 -52.08 -1.34
N GLU C 32 -26.59 -52.81 -0.23
CA GLU C 32 -27.65 -52.82 0.77
C GLU C 32 -27.61 -51.57 1.65
N ILE C 33 -26.41 -51.12 2.02
CA ILE C 33 -26.25 -49.85 2.73
C ILE C 33 -26.77 -48.67 1.90
N ILE C 34 -26.48 -48.70 0.59
CA ILE C 34 -26.91 -47.66 -0.33
C ILE C 34 -28.43 -47.72 -0.57
N GLN C 35 -29.01 -48.92 -0.52
CA GLN C 35 -30.46 -49.10 -0.61
C GLN C 35 -31.15 -48.46 0.60
N LEU C 36 -30.50 -48.58 1.75
CA LEU C 36 -31.03 -48.07 3.02
C LEU C 36 -31.06 -46.54 3.06
N VAL C 37 -30.17 -45.89 2.33
CA VAL C 37 -30.13 -44.43 2.27
C VAL C 37 -31.11 -43.87 1.23
N ASN C 38 -31.13 -44.48 0.05
CA ASN C 38 -31.96 -44.01 -1.07
C ASN C 38 -33.45 -44.06 -0.71
N ALA C 39 -33.89 -45.22 -0.25
CA ALA C 39 -35.14 -45.32 0.51
C ALA C 39 -34.75 -44.86 1.92
N LYS C 40 -35.56 -43.99 2.52
CA LYS C 40 -35.08 -43.18 3.65
C LYS C 40 -35.20 -43.85 5.03
N HIS C 41 -34.82 -45.12 5.10
CA HIS C 41 -34.76 -45.85 6.38
C HIS C 41 -33.72 -45.23 7.30
N ILE C 42 -32.56 -44.88 6.74
CA ILE C 42 -31.47 -44.30 7.51
C ILE C 42 -30.91 -43.04 6.79
N PRO C 43 -30.74 -41.95 7.54
CA PRO C 43 -30.13 -40.74 6.97
C PRO C 43 -28.62 -40.89 6.73
N ALA C 44 -28.10 -40.12 5.77
CA ALA C 44 -26.73 -40.28 5.28
C ALA C 44 -25.65 -39.82 6.26
N TYR C 45 -25.98 -38.92 7.19
CA TYR C 45 -25.00 -38.45 8.17
C TYR C 45 -24.68 -39.49 9.26
N LYS C 46 -25.53 -40.51 9.39
CA LYS C 46 -25.32 -41.58 10.37
C LYS C 46 -24.29 -42.61 9.95
N LEU C 47 -23.92 -42.64 8.66
CA LEU C 47 -23.01 -43.67 8.15
C LEU C 47 -21.54 -43.49 8.56
N GLU C 48 -21.17 -42.30 9.02
CA GLU C 48 -19.80 -42.03 9.46
C GLU C 48 -19.36 -42.95 10.61
N THR C 49 -20.27 -43.18 11.57
CA THR C 49 -19.96 -43.95 12.77
C THR C 49 -20.32 -45.44 12.63
N LEU C 50 -21.45 -45.71 12.00
CA LEU C 50 -21.94 -47.09 11.83
C LEU C 50 -20.93 -47.97 11.10
N ILE C 51 -20.45 -47.50 9.94
CA ILE C 51 -19.40 -48.20 9.21
C ILE C 51 -18.11 -48.12 10.03
N GLU C 52 -17.40 -49.25 10.13
CA GLU C 52 -16.27 -49.38 11.04
C GLU C 52 -14.95 -48.92 10.39
N THR C 53 -14.58 -49.57 9.29
CA THR C 53 -13.33 -49.23 8.57
C THR C 53 -13.45 -47.89 7.82
N HIS C 54 -12.36 -47.14 7.74
CA HIS C 54 -12.37 -45.81 7.12
C HIS C 54 -12.38 -45.84 5.59
N GLU C 55 -11.66 -46.78 4.99
CA GLU C 55 -11.60 -46.89 3.53
C GLU C 55 -12.95 -47.19 2.90
N ARG C 56 -13.75 -48.03 3.58
CA ARG C 56 -15.09 -48.35 3.10
C ARG C 56 -16.04 -47.18 3.31
N GLY C 57 -15.78 -46.35 4.32
CA GLY C 57 -16.52 -45.12 4.51
C GLY C 57 -16.32 -44.18 3.32
N VAL C 58 -15.07 -44.00 2.93
CA VAL C 58 -14.70 -43.21 1.76
C VAL C 58 -15.37 -43.75 0.51
N SER C 59 -15.38 -45.08 0.38
CA SER C 59 -15.93 -45.77 -0.79
C SER C 59 -17.42 -45.54 -0.96
N ILE C 60 -18.17 -45.67 0.14
CA ILE C 60 -19.62 -45.47 0.13
C ILE C 60 -19.94 -44.00 -0.15
N ARG C 61 -19.18 -43.08 0.43
CA ARG C 61 -19.39 -41.64 0.18
C ARG C 61 -19.18 -41.31 -1.30
N ARG C 62 -18.21 -41.97 -1.94
CA ARG C 62 -17.94 -41.78 -3.37
C ARG C 62 -19.07 -42.27 -4.24
N GLN C 63 -19.66 -43.39 -3.87
CA GLN C 63 -20.72 -44.02 -4.63
C GLN C 63 -22.02 -43.22 -4.50
N LEU C 64 -22.27 -42.72 -3.28
CA LEU C 64 -23.42 -41.86 -3.03
C LEU C 64 -23.27 -40.52 -3.76
N LEU C 65 -22.04 -40.03 -3.84
CA LEU C 65 -21.76 -38.76 -4.50
C LEU C 65 -21.83 -38.90 -6.03
N SER C 66 -21.37 -40.04 -6.53
CA SER C 66 -21.28 -40.29 -7.97
C SER C 66 -22.64 -40.27 -8.66
N LYS C 67 -23.66 -40.82 -8.01
CA LYS C 67 -25.02 -40.84 -8.57
C LYS C 67 -25.60 -39.45 -8.72
N LYS C 68 -25.18 -38.52 -7.85
CA LYS C 68 -25.61 -37.12 -7.89
C LYS C 68 -24.87 -36.27 -8.94
N LEU C 69 -23.83 -36.83 -9.57
CA LEU C 69 -23.04 -36.09 -10.56
C LEU C 69 -23.64 -36.24 -11.95
N SER C 70 -23.44 -35.23 -12.79
CA SER C 70 -23.95 -35.26 -14.16
C SER C 70 -23.17 -36.26 -15.02
N GLU C 71 -21.94 -36.53 -14.61
CA GLU C 71 -21.12 -37.57 -15.21
C GLU C 71 -20.71 -38.52 -14.08
N PRO C 72 -21.52 -39.56 -13.83
CA PRO C 72 -21.31 -40.44 -12.66
C PRO C 72 -19.99 -41.21 -12.61
N SER C 73 -19.28 -41.31 -13.73
CA SER C 73 -17.94 -41.88 -13.76
C SER C 73 -16.84 -40.81 -13.57
N SER C 74 -17.14 -39.75 -12.83
CA SER C 74 -16.20 -38.65 -12.67
C SER C 74 -15.00 -39.07 -11.85
N LEU C 75 -15.27 -39.80 -10.76
CA LEU C 75 -14.26 -40.15 -9.79
C LEU C 75 -13.41 -41.37 -10.15
N GLN C 76 -13.59 -41.93 -11.35
CA GLN C 76 -12.86 -43.12 -11.76
C GLN C 76 -11.35 -43.03 -11.45
N TYR C 77 -10.70 -41.94 -11.86
CA TYR C 77 -9.25 -41.82 -11.73
C TYR C 77 -8.76 -41.01 -10.51
N LEU C 78 -9.68 -40.56 -9.67
CA LEU C 78 -9.33 -40.08 -8.34
C LEU C 78 -9.05 -41.32 -7.47
N PRO C 79 -7.81 -41.50 -7.00
CA PRO C 79 -7.48 -42.66 -6.19
C PRO C 79 -7.96 -42.52 -4.74
N TYR C 80 -8.21 -43.64 -4.07
CA TYR C 80 -8.60 -43.64 -2.65
C TYR C 80 -8.13 -44.87 -1.83
N ARG C 81 -7.74 -45.94 -2.51
CA ARG C 81 -7.36 -47.19 -1.85
C ARG C 81 -5.93 -47.15 -1.30
N ASP C 82 -5.73 -47.87 -0.20
CA ASP C 82 -4.41 -48.10 0.37
C ASP C 82 -3.70 -46.78 0.71
N TYR C 83 -4.36 -46.03 1.59
CA TYR C 83 -3.86 -44.77 2.10
C TYR C 83 -4.33 -44.64 3.56
N ASN C 84 -3.48 -44.03 4.38
CA ASN C 84 -3.71 -44.02 5.84
C ASN C 84 -4.72 -42.95 6.27
N TYR C 85 -6.00 -43.31 6.26
CA TYR C 85 -7.06 -42.36 6.62
C TYR C 85 -7.19 -42.14 8.13
N SER C 86 -6.59 -42.99 8.96
CA SER C 86 -6.71 -42.86 10.42
C SER C 86 -6.09 -41.57 10.94
N LEU C 87 -5.05 -41.08 10.27
CA LEU C 87 -4.44 -39.81 10.64
C LEU C 87 -5.17 -38.62 10.03
N VAL C 88 -5.86 -38.84 8.91
CA VAL C 88 -6.61 -37.79 8.23
C VAL C 88 -7.97 -37.52 8.87
N MET C 89 -8.65 -38.57 9.31
CA MET C 89 -10.02 -38.47 9.82
C MET C 89 -10.01 -37.77 11.18
N GLY C 90 -10.75 -36.67 11.27
CA GLY C 90 -10.90 -35.93 12.51
C GLY C 90 -9.75 -35.00 12.87
N ALA C 91 -8.82 -34.76 11.93
CA ALA C 91 -7.65 -33.92 12.19
C ALA C 91 -7.16 -33.08 10.99
N CYS C 92 -7.26 -33.62 9.77
CA CYS C 92 -6.75 -32.96 8.56
C CYS C 92 -7.79 -32.66 7.49
N CYS C 93 -8.87 -33.46 7.44
CA CYS C 93 -9.87 -33.35 6.37
C CYS C 93 -11.20 -34.02 6.73
N GLU C 94 -12.28 -33.54 6.10
CA GLU C 94 -13.62 -34.12 6.27
C GLU C 94 -14.30 -34.37 4.93
N ASN C 95 -15.38 -35.15 4.94
CA ASN C 95 -16.13 -35.53 3.74
C ASN C 95 -15.18 -36.11 2.68
N VAL C 96 -14.30 -37.00 3.10
CA VAL C 96 -13.16 -37.43 2.30
C VAL C 96 -13.56 -38.43 1.24
N ILE C 97 -13.17 -38.15 -0.01
CA ILE C 97 -13.53 -38.99 -1.14
C ILE C 97 -12.29 -39.59 -1.81
N GLY C 98 -11.11 -39.35 -1.26
CA GLY C 98 -9.89 -39.84 -1.85
C GLY C 98 -8.69 -38.96 -1.57
N TYR C 99 -7.72 -38.97 -2.48
CA TYR C 99 -6.55 -38.12 -2.38
C TYR C 99 -6.01 -37.73 -3.75
N MET C 100 -5.23 -36.65 -3.75
CA MET C 100 -4.70 -36.04 -4.97
C MET C 100 -3.19 -36.16 -4.98
N PRO C 101 -2.64 -37.01 -5.85
CA PRO C 101 -1.19 -37.13 -5.99
C PRO C 101 -0.54 -35.91 -6.64
N ILE C 102 0.46 -35.34 -5.98
CA ILE C 102 1.22 -34.23 -6.55
C ILE C 102 2.64 -34.73 -6.78
N PRO C 103 3.09 -34.77 -8.03
CA PRO C 103 4.47 -35.18 -8.31
C PRO C 103 5.46 -34.49 -7.36
N VAL C 104 6.41 -35.24 -6.83
CA VAL C 104 7.48 -34.71 -6.00
C VAL C 104 8.81 -34.92 -6.75
N GLY C 105 9.47 -33.83 -7.08
CA GLY C 105 10.81 -33.86 -7.62
C GLY C 105 11.79 -33.30 -6.62
N VAL C 106 13.09 -33.45 -6.89
CA VAL C 106 14.14 -33.08 -5.95
C VAL C 106 15.19 -32.15 -6.58
N ALA C 107 15.50 -31.09 -5.85
CA ALA C 107 16.49 -30.11 -6.27
C ALA C 107 17.61 -30.13 -5.24
N GLY C 108 18.83 -30.36 -5.71
CA GLY C 108 19.96 -30.48 -4.83
C GLY C 108 21.20 -31.04 -5.51
N PRO C 109 22.33 -31.04 -4.81
CA PRO C 109 22.41 -30.62 -3.40
C PRO C 109 22.38 -29.11 -3.18
N LEU C 110 21.62 -28.68 -2.17
CA LEU C 110 21.63 -27.30 -1.71
C LEU C 110 22.69 -27.16 -0.64
N CYS C 111 23.65 -26.29 -0.87
CA CYS C 111 24.80 -26.14 0.00
C CYS C 111 24.57 -24.96 0.93
N LEU C 112 24.04 -25.26 2.11
CA LEU C 112 23.58 -24.23 3.03
C LEU C 112 24.18 -24.46 4.44
N ASP C 113 24.91 -23.45 4.92
CA ASP C 113 25.57 -23.48 6.23
C ASP C 113 26.32 -24.78 6.51
N GLU C 114 27.27 -25.11 5.65
CA GLU C 114 28.15 -26.28 5.83
C GLU C 114 27.46 -27.65 5.69
N LYS C 115 26.14 -27.64 5.45
CA LYS C 115 25.40 -28.87 5.23
C LYS C 115 24.97 -28.95 3.77
N GLU C 116 24.39 -30.08 3.41
CA GLU C 116 23.90 -30.29 2.05
C GLU C 116 22.49 -30.88 2.12
N PHE C 117 21.55 -30.23 1.45
CA PHE C 117 20.16 -30.64 1.53
C PHE C 117 19.66 -31.10 0.16
N GLN C 118 18.89 -32.18 0.17
CA GLN C 118 18.14 -32.61 -0.99
C GLN C 118 16.71 -32.15 -0.74
N VAL C 119 16.31 -31.11 -1.47
CA VAL C 119 15.05 -30.42 -1.20
C VAL C 119 13.91 -31.00 -2.04
N PRO C 120 12.91 -31.58 -1.37
CA PRO C 120 11.73 -32.09 -2.08
C PRO C 120 10.79 -30.96 -2.48
N MET C 121 10.13 -31.10 -3.62
CA MET C 121 9.28 -30.03 -4.16
C MET C 121 8.08 -30.64 -4.88
N ALA C 122 6.90 -30.44 -4.31
CA ALA C 122 5.66 -30.95 -4.90
C ALA C 122 5.05 -29.93 -5.86
N THR C 123 4.97 -30.26 -7.14
CA THR C 123 4.55 -29.30 -8.15
C THR C 123 4.11 -29.98 -9.44
N THR C 124 3.37 -29.24 -10.26
CA THR C 124 3.00 -29.67 -11.62
C THR C 124 3.41 -28.66 -12.69
N GLU C 125 4.28 -27.72 -12.33
CA GLU C 125 4.84 -26.78 -13.29
C GLU C 125 6.14 -27.35 -13.87
N GLY C 126 6.15 -27.59 -15.17
CA GLY C 126 7.32 -28.10 -15.85
C GLY C 126 8.46 -27.13 -15.70
N CYS C 127 9.69 -27.67 -15.65
CA CYS C 127 10.93 -26.92 -15.51
C CYS C 127 11.18 -26.22 -14.17
N LEU C 128 10.23 -26.27 -13.24
CA LEU C 128 10.41 -25.56 -11.96
C LEU C 128 11.48 -26.24 -11.12
N VAL C 129 11.38 -27.55 -10.98
CA VAL C 129 12.35 -28.33 -10.20
C VAL C 129 13.74 -28.31 -10.84
N ALA C 130 13.82 -28.45 -12.16
CA ALA C 130 15.09 -28.43 -12.88
C ALA C 130 15.75 -27.07 -12.80
N SER C 131 14.94 -26.01 -12.94
CA SER C 131 15.49 -24.67 -12.83
C SER C 131 16.02 -24.40 -11.43
N THR C 132 15.31 -24.89 -10.42
CA THR C 132 15.74 -24.69 -9.03
C THR C 132 17.02 -25.47 -8.78
N ASN C 133 17.13 -26.60 -9.45
CA ASN C 133 18.31 -27.46 -9.37
C ASN C 133 19.53 -26.79 -9.97
N ARG C 134 19.35 -26.06 -11.07
CA ARG C 134 20.44 -25.35 -11.72
C ARG C 134 20.96 -24.20 -10.83
N GLY C 135 20.06 -23.58 -10.08
CA GLY C 135 20.43 -22.58 -9.09
C GLY C 135 21.25 -23.15 -7.94
N CYS C 136 20.90 -24.36 -7.51
CA CYS C 136 21.64 -25.04 -6.46
C CYS C 136 23.06 -25.36 -6.90
N ARG C 137 23.21 -25.67 -8.18
CA ARG C 137 24.49 -26.04 -8.76
C ARG C 137 25.40 -24.81 -8.81
N ALA C 138 24.85 -23.67 -9.19
CA ALA C 138 25.62 -22.43 -9.25
C ALA C 138 26.03 -21.96 -7.86
N ILE C 139 25.18 -22.25 -6.88
CA ILE C 139 25.46 -21.92 -5.48
C ILE C 139 26.58 -22.82 -4.93
N GLY C 140 26.53 -24.11 -5.26
CA GLY C 140 27.50 -25.08 -4.78
C GLY C 140 28.91 -24.80 -5.31
N LEU C 141 28.97 -24.37 -6.57
CA LEU C 141 30.24 -24.01 -7.21
C LEU C 141 30.69 -22.58 -6.88
N GLY C 142 29.89 -21.86 -6.12
CA GLY C 142 30.25 -20.55 -5.64
C GLY C 142 30.71 -20.55 -4.19
N GLY C 143 30.80 -21.73 -3.59
CA GLY C 143 31.28 -21.87 -2.22
C GLY C 143 30.18 -22.03 -1.17
N GLY C 144 28.95 -22.25 -1.62
CA GLY C 144 27.81 -22.42 -0.74
C GLY C 144 27.15 -21.11 -0.32
N ALA C 145 26.02 -21.27 0.35
CA ALA C 145 25.20 -20.17 0.86
C ALA C 145 25.19 -20.17 2.39
N SER C 146 24.99 -19.00 2.98
CA SER C 146 24.85 -18.84 4.43
C SER C 146 23.49 -18.25 4.77
N SER C 147 23.00 -18.47 5.98
CA SER C 147 21.68 -17.99 6.37
C SER C 147 21.55 -17.84 7.87
N ARG C 148 20.66 -16.94 8.29
CA ARG C 148 20.42 -16.65 9.70
C ARG C 148 18.93 -16.41 9.97
N VAL C 149 18.42 -16.98 11.05
CA VAL C 149 17.06 -16.69 11.50
C VAL C 149 17.09 -15.44 12.37
N LEU C 150 16.42 -14.40 11.89
CA LEU C 150 16.49 -13.07 12.49
C LEU C 150 15.47 -12.88 13.60
N ALA C 151 14.33 -13.56 13.48
CA ALA C 151 13.27 -13.47 14.47
C ALA C 151 12.38 -14.70 14.37
N ASP C 152 11.61 -14.97 15.43
CA ASP C 152 10.71 -16.11 15.44
C ASP C 152 9.57 -15.88 16.41
N GLY C 153 8.33 -16.02 15.91
CA GLY C 153 7.15 -15.82 16.71
C GLY C 153 5.89 -15.76 15.86
N MET C 154 5.05 -16.78 15.97
CA MET C 154 3.74 -16.76 15.33
C MET C 154 2.85 -15.72 15.99
N THR C 155 1.87 -15.20 15.25
CA THR C 155 0.96 -14.20 15.80
C THR C 155 -0.52 -14.51 15.60
N ARG C 156 -1.31 -13.89 16.46
CA ARG C 156 -2.75 -13.77 16.28
C ARG C 156 -3.11 -12.35 16.70
N GLY C 157 -4.04 -11.72 15.96
CA GLY C 157 -4.32 -10.31 16.12
C GLY C 157 -5.80 -10.03 16.31
N PRO C 158 -6.35 -10.42 17.47
CA PRO C 158 -7.78 -10.21 17.77
C PRO C 158 -8.21 -8.75 17.75
N VAL C 159 -9.51 -8.52 17.58
CA VAL C 159 -10.08 -7.18 17.68
C VAL C 159 -11.11 -7.13 18.81
N VAL C 160 -10.91 -6.19 19.73
CA VAL C 160 -11.84 -5.96 20.84
C VAL C 160 -12.46 -4.57 20.72
N ARG C 161 -13.70 -4.42 21.16
CA ARG C 161 -14.35 -3.11 21.22
C ARG C 161 -14.56 -2.65 22.65
N LEU C 162 -14.37 -1.36 22.90
CA LEU C 162 -14.80 -0.73 24.14
C LEU C 162 -15.95 0.22 23.82
N PRO C 163 -16.65 0.71 24.84
CA PRO C 163 -17.76 1.66 24.62
C PRO C 163 -17.34 2.96 23.94
N ARG C 164 -16.16 3.45 24.28
CA ARG C 164 -15.63 4.68 23.72
C ARG C 164 -14.14 4.55 23.39
N ALA C 165 -13.65 5.42 22.51
CA ALA C 165 -12.25 5.47 22.13
C ALA C 165 -11.33 5.95 23.27
N CYS C 166 -11.89 6.65 24.25
CA CYS C 166 -11.14 7.04 25.44
C CYS C 166 -10.80 5.81 26.25
N ASP C 167 -11.75 4.88 26.29
CA ASP C 167 -11.61 3.65 27.05
C ASP C 167 -10.60 2.72 26.41
N SER C 168 -10.70 2.53 25.08
CA SER C 168 -9.73 1.72 24.35
C SER C 168 -8.32 2.31 24.44
N ALA C 169 -8.22 3.63 24.46
CA ALA C 169 -6.94 4.30 24.69
C ALA C 169 -6.38 3.94 26.06
N GLU C 170 -7.27 3.87 27.04
CA GLU C 170 -6.91 3.49 28.41
C GLU C 170 -6.38 2.06 28.45
N VAL C 171 -7.02 1.14 27.73
CA VAL C 171 -6.61 -0.26 27.70
C VAL C 171 -5.24 -0.43 27.03
N LYS C 172 -4.97 0.34 25.99
CA LYS C 172 -3.69 0.31 25.30
C LYS C 172 -2.57 0.80 26.24
N ALA C 173 -2.87 1.84 27.01
CA ALA C 173 -1.92 2.38 27.99
C ALA C 173 -1.67 1.40 29.14
N TRP C 174 -2.68 0.62 29.49
CA TRP C 174 -2.59 -0.38 30.55
C TRP C 174 -1.69 -1.52 30.07
N LEU C 175 -1.91 -1.97 28.84
CA LEU C 175 -1.12 -3.04 28.25
C LEU C 175 0.33 -2.62 28.02
N GLU C 176 0.58 -1.31 27.95
CA GLU C 176 1.93 -0.80 27.73
C GLU C 176 2.73 -0.63 29.04
N THR C 177 2.03 -0.58 30.18
CA THR C 177 2.72 -0.56 31.46
C THR C 177 3.35 -1.91 31.74
N SER C 178 4.48 -1.87 32.45
CA SER C 178 5.15 -3.06 32.96
C SER C 178 4.20 -4.01 33.71
N GLU C 179 3.29 -3.43 34.48
CA GLU C 179 2.41 -4.20 35.37
C GLU C 179 1.30 -4.91 34.59
N GLY C 180 0.75 -4.23 33.59
CA GLY C 180 -0.31 -4.80 32.77
C GLY C 180 0.18 -5.93 31.89
N PHE C 181 1.31 -5.72 31.22
CA PHE C 181 1.89 -6.72 30.33
C PHE C 181 2.21 -8.00 31.09
N ALA C 182 2.79 -7.86 32.28
CA ALA C 182 3.18 -9.01 33.09
C ALA C 182 1.99 -9.90 33.43
N VAL C 183 0.85 -9.27 33.74
CA VAL C 183 -0.38 -9.99 34.07
C VAL C 183 -0.96 -10.74 32.87
N ILE C 184 -0.87 -10.13 31.70
CA ILE C 184 -1.34 -10.74 30.46
C ILE C 184 -0.41 -11.86 30.02
N LYS C 185 0.89 -11.67 30.24
CA LYS C 185 1.89 -12.69 29.95
C LYS C 185 1.63 -13.97 30.74
N GLU C 186 1.31 -13.84 32.02
CA GLU C 186 1.13 -15.03 32.87
C GLU C 186 -0.09 -15.83 32.44
N ALA C 187 -1.17 -15.15 32.07
CA ALA C 187 -2.39 -15.82 31.63
C ALA C 187 -2.15 -16.57 30.33
N PHE C 188 -1.53 -15.87 29.37
CA PHE C 188 -1.15 -16.43 28.08
C PHE C 188 -0.27 -17.67 28.23
N ASP C 189 0.72 -17.58 29.11
CA ASP C 189 1.80 -18.56 29.23
C ASP C 189 1.37 -19.84 29.94
N SER C 190 0.32 -19.76 30.75
CA SER C 190 -0.18 -20.92 31.47
C SER C 190 -0.78 -21.99 30.55
N THR C 191 -1.21 -21.59 29.35
CA THR C 191 -1.88 -22.48 28.40
C THR C 191 -0.99 -23.54 27.74
N SER C 192 0.32 -23.28 27.65
CA SER C 192 1.21 -24.19 26.92
C SER C 192 2.68 -24.09 27.35
N ARG C 193 3.42 -25.18 27.14
CA ARG C 193 4.84 -25.27 27.48
C ARG C 193 5.65 -24.17 26.78
N PHE C 194 5.46 -24.05 25.47
CA PHE C 194 6.25 -23.14 24.64
C PHE C 194 5.63 -21.75 24.49
N ALA C 195 4.50 -21.51 25.11
CA ALA C 195 3.82 -20.20 25.05
C ALA C 195 4.53 -19.17 25.92
N ARG C 196 5.42 -18.39 25.32
CA ARG C 196 6.16 -17.32 26.01
C ARG C 196 5.88 -15.98 25.32
N LEU C 197 4.91 -15.24 25.86
CA LEU C 197 4.43 -14.00 25.25
C LEU C 197 5.52 -12.94 25.17
N GLN C 198 5.75 -12.45 23.95
CA GLN C 198 6.72 -11.39 23.67
C GLN C 198 6.00 -10.03 23.71
N LYS C 199 6.75 -8.95 23.47
CA LYS C 199 6.23 -7.59 23.56
C LYS C 199 4.99 -7.41 22.67
N LEU C 200 3.93 -6.83 23.24
CA LEU C 200 2.67 -6.64 22.50
C LEU C 200 2.74 -5.48 21.52
N HIS C 201 2.02 -5.61 20.42
CA HIS C 201 1.86 -4.54 19.45
C HIS C 201 0.37 -4.26 19.26
N THR C 202 -0.05 -3.01 19.48
CA THR C 202 -1.46 -2.65 19.39
C THR C 202 -1.71 -1.46 18.46
N SER C 203 -2.93 -1.38 17.94
CA SER C 203 -3.40 -0.25 17.16
C SER C 203 -4.86 0.05 17.52
N ILE C 204 -5.21 1.32 17.62
CA ILE C 204 -6.58 1.72 17.86
C ILE C 204 -7.18 2.22 16.56
N ALA C 205 -8.42 1.83 16.30
CA ALA C 205 -9.25 2.45 15.28
C ALA C 205 -10.55 2.88 15.96
N GLY C 206 -10.51 4.05 16.61
CA GLY C 206 -11.64 4.56 17.36
C GLY C 206 -11.80 3.78 18.65
N ARG C 207 -12.97 3.18 18.84
CA ARG C 207 -13.22 2.35 20.02
C ARG C 207 -12.81 0.88 19.80
N ASN C 208 -12.30 0.56 18.61
CA ASN C 208 -11.65 -0.72 18.36
C ASN C 208 -10.20 -0.70 18.87
N LEU C 209 -9.76 -1.84 19.37
CA LEU C 209 -8.36 -2.04 19.75
C LEU C 209 -7.93 -3.37 19.15
N TYR C 210 -6.88 -3.32 18.33
CA TYR C 210 -6.32 -4.50 17.71
C TYR C 210 -5.05 -4.86 18.47
N ILE C 211 -4.99 -6.09 18.99
CA ILE C 211 -3.87 -6.51 19.83
C ILE C 211 -3.19 -7.70 19.18
N ARG C 212 -1.91 -7.55 18.91
CA ARG C 212 -1.13 -8.55 18.19
C ARG C 212 -0.27 -9.35 19.17
N PHE C 213 -0.79 -10.50 19.62
CA PHE C 213 -0.05 -11.41 20.48
C PHE C 213 0.97 -12.16 19.64
N GLN C 214 2.21 -12.24 20.12
CA GLN C 214 3.28 -12.92 19.39
C GLN C 214 4.10 -13.79 20.33
N SER C 215 4.28 -15.06 19.98
CA SER C 215 5.11 -15.96 20.76
C SER C 215 5.71 -17.11 19.93
N ARG C 216 6.84 -17.64 20.40
CA ARG C 216 7.40 -18.87 19.84
C ARG C 216 6.43 -20.02 20.10
N SER C 217 6.62 -21.12 19.38
CA SER C 217 5.71 -22.26 19.47
C SER C 217 6.45 -23.60 19.39
N GLY C 218 7.72 -23.62 19.80
CA GLY C 218 8.58 -24.75 19.58
C GLY C 218 8.69 -25.04 18.10
N ASP C 219 8.42 -26.28 17.72
CA ASP C 219 8.53 -26.69 16.32
C ASP C 219 7.19 -26.65 15.60
N ALA C 220 6.10 -26.44 16.32
CA ALA C 220 4.79 -26.30 15.70
C ALA C 220 4.70 -24.95 14.98
N MET C 221 3.87 -24.88 13.95
CA MET C 221 3.63 -23.62 13.24
C MET C 221 3.03 -22.61 14.20
N GLY C 222 2.10 -23.08 15.03
CA GLY C 222 1.70 -22.38 16.24
C GLY C 222 0.33 -21.71 16.26
N MET C 223 -0.46 -21.86 15.20
CA MET C 223 -1.73 -21.12 15.10
C MET C 223 -2.69 -21.47 16.24
N ASN C 224 -2.99 -22.76 16.41
CA ASN C 224 -3.91 -23.21 17.45
C ASN C 224 -3.36 -22.99 18.87
N MET C 225 -2.04 -22.98 19.00
CA MET C 225 -1.41 -22.74 20.29
C MET C 225 -1.48 -21.28 20.72
N ILE C 226 -1.28 -20.35 19.77
CA ILE C 226 -1.31 -18.92 20.06
C ILE C 226 -2.75 -18.44 20.26
N SER C 227 -3.72 -19.12 19.62
CA SER C 227 -5.13 -18.81 19.81
C SER C 227 -5.61 -19.21 21.20
N LYS C 228 -5.10 -20.34 21.68
CA LYS C 228 -5.38 -20.81 23.03
C LYS C 228 -4.86 -19.80 24.05
N GLY C 229 -3.64 -19.34 23.84
CA GLY C 229 -3.03 -18.35 24.72
C GLY C 229 -3.74 -17.02 24.62
N THR C 230 -4.15 -16.65 23.41
CA THR C 230 -4.85 -15.39 23.16
C THR C 230 -6.20 -15.37 23.89
N GLU C 231 -6.94 -16.47 23.82
CA GLU C 231 -8.26 -16.53 24.46
C GLU C 231 -8.18 -16.35 25.97
N LYS C 232 -7.26 -17.06 26.62
CA LYS C 232 -7.08 -16.97 28.07
C LYS C 232 -6.52 -15.61 28.48
N ALA C 233 -5.72 -15.01 27.60
CA ALA C 233 -5.12 -13.70 27.85
C ALA C 233 -6.20 -12.61 27.83
N LEU C 234 -7.10 -12.70 26.86
CA LEU C 234 -8.21 -11.77 26.74
C LEU C 234 -9.26 -11.99 27.83
N SER C 235 -9.27 -13.18 28.42
CA SER C 235 -10.14 -13.48 29.55
C SER C 235 -9.68 -12.75 30.79
N LYS C 236 -8.36 -12.67 30.97
CA LYS C 236 -7.77 -11.93 32.09
C LYS C 236 -7.99 -10.41 31.91
N LEU C 237 -7.88 -9.93 30.68
CA LEU C 237 -8.09 -8.51 30.38
C LEU C 237 -9.52 -8.11 30.68
N HIS C 238 -10.45 -9.02 30.41
CA HIS C 238 -11.89 -8.81 30.65
C HIS C 238 -12.21 -8.54 32.13
N GLU C 239 -11.44 -9.13 33.02
CA GLU C 239 -11.61 -8.93 34.46
C GLU C 239 -11.13 -7.54 34.90
N TYR C 240 -10.09 -7.03 34.24
CA TYR C 240 -9.63 -5.66 34.45
C TYR C 240 -10.49 -4.62 33.73
N PHE C 241 -11.23 -5.04 32.71
CA PHE C 241 -12.04 -4.14 31.89
C PHE C 241 -13.31 -4.89 31.49
N PRO C 242 -14.28 -4.98 32.41
CA PRO C 242 -15.54 -5.69 32.16
C PRO C 242 -16.35 -5.24 30.94
N GLU C 243 -16.34 -3.94 30.63
CA GLU C 243 -17.11 -3.41 29.50
C GLU C 243 -16.51 -3.75 28.12
N MET C 244 -15.35 -4.40 28.10
CA MET C 244 -14.72 -4.84 26.86
C MET C 244 -15.49 -5.98 26.20
N GLN C 245 -15.75 -5.85 24.90
CA GLN C 245 -16.36 -6.90 24.08
C GLN C 245 -15.27 -7.54 23.21
N ILE C 246 -15.25 -8.87 23.13
CA ILE C 246 -14.33 -9.59 22.26
C ILE C 246 -15.04 -9.86 20.94
N LEU C 247 -14.85 -8.95 19.98
CA LEU C 247 -15.51 -9.04 18.68
C LEU C 247 -15.14 -10.31 17.88
N ALA C 248 -13.84 -10.55 17.76
CA ALA C 248 -13.34 -11.70 16.99
C ALA C 248 -11.92 -12.01 17.43
N VAL C 249 -11.64 -13.29 17.69
CA VAL C 249 -10.31 -13.69 18.15
C VAL C 249 -9.24 -13.46 17.07
N SER C 250 -9.68 -13.31 15.81
CA SER C 250 -8.85 -12.74 14.73
C SER C 250 -9.53 -11.53 14.12
N GLY C 251 -8.93 -10.36 14.31
CA GLY C 251 -9.38 -9.14 13.65
C GLY C 251 -8.55 -8.75 12.43
N ASN C 252 -7.97 -9.73 11.73
CA ASN C 252 -7.11 -9.53 10.57
C ASN C 252 -5.82 -8.76 10.84
N TYR C 253 -5.47 -8.59 12.12
CA TYR C 253 -4.26 -7.87 12.49
C TYR C 253 -3.09 -8.82 12.72
N CYS C 254 -3.32 -10.11 12.45
CA CYS C 254 -2.28 -11.12 12.70
C CYS C 254 -1.03 -10.95 11.81
N THR C 255 -1.13 -10.93 10.48
CA THR C 255 -2.31 -11.22 9.65
C THR C 255 -2.11 -12.57 8.97
N ASP C 256 -3.16 -13.39 8.99
CA ASP C 256 -3.08 -14.76 8.49
C ASP C 256 -3.74 -14.95 7.12
N LYS C 257 -2.95 -15.42 6.15
CA LYS C 257 -3.42 -15.83 4.84
C LYS C 257 -4.06 -14.70 4.00
N LYS C 258 -3.72 -13.46 4.35
CA LYS C 258 -4.00 -12.29 3.52
C LYS C 258 -2.75 -11.41 3.41
N PRO C 259 -2.56 -10.74 2.28
CA PRO C 259 -1.44 -9.80 2.16
C PRO C 259 -1.60 -8.68 3.17
N ALA C 260 -0.52 -8.36 3.88
CA ALA C 260 -0.55 -7.31 4.88
C ALA C 260 0.85 -6.80 5.17
N ALA C 261 0.99 -5.48 5.21
CA ALA C 261 2.26 -4.81 5.44
C ALA C 261 2.78 -5.08 6.84
N ILE C 262 1.89 -5.38 7.79
CA ILE C 262 2.33 -5.66 9.15
C ILE C 262 3.23 -6.89 9.18
N ASN C 263 2.92 -7.90 8.39
CA ASN C 263 3.80 -9.07 8.29
C ASN C 263 5.17 -8.75 7.66
N TRP C 264 5.18 -7.84 6.70
CA TRP C 264 6.40 -7.44 6.00
C TRP C 264 7.35 -6.61 6.89
N ILE C 265 6.78 -5.87 7.83
CA ILE C 265 7.52 -4.88 8.61
C ILE C 265 7.91 -5.44 9.97
N GLU C 266 6.97 -6.14 10.62
CA GLU C 266 7.18 -6.73 11.95
C GLU C 266 7.56 -8.22 11.90
N GLY C 267 7.25 -8.88 10.80
CA GLY C 267 7.52 -10.30 10.66
C GLY C 267 6.41 -11.16 11.23
N ARG C 268 6.45 -12.44 10.87
CA ARG C 268 5.48 -13.42 11.35
C ARG C 268 6.08 -14.80 11.09
N GLY C 269 5.99 -15.69 12.07
CA GLY C 269 6.72 -16.94 12.00
C GLY C 269 8.21 -16.64 11.98
N LYS C 270 8.94 -17.25 11.04
CA LYS C 270 10.37 -17.04 10.93
C LYS C 270 10.70 -15.93 9.94
N SER C 271 11.48 -14.95 10.39
CA SER C 271 12.11 -14.01 9.49
C SER C 271 13.49 -14.56 9.22
N VAL C 272 13.96 -14.47 7.98
CA VAL C 272 15.16 -15.17 7.56
C VAL C 272 15.91 -14.39 6.49
N VAL C 273 17.23 -14.51 6.49
CA VAL C 273 18.07 -13.94 5.45
C VAL C 273 19.03 -15.00 4.94
N CYS C 274 19.37 -14.92 3.67
CA CYS C 274 20.24 -15.90 3.02
C CYS C 274 21.12 -15.19 1.98
N GLU C 275 22.35 -15.68 1.80
CA GLU C 275 23.27 -15.04 0.85
C GLU C 275 24.28 -16.02 0.23
N ALA C 276 24.89 -15.58 -0.86
CA ALA C 276 25.96 -16.31 -1.52
C ALA C 276 26.65 -15.38 -2.52
N VAL C 277 27.90 -15.71 -2.87
CA VAL C 277 28.63 -15.05 -3.94
C VAL C 277 28.89 -16.07 -5.06
N ILE C 278 28.45 -15.73 -6.27
CA ILE C 278 28.58 -16.59 -7.44
C ILE C 278 29.73 -16.00 -8.26
N PRO C 279 30.83 -16.76 -8.40
CA PRO C 279 31.96 -16.32 -9.23
C PRO C 279 31.53 -16.01 -10.66
N ALA C 280 32.22 -15.08 -11.29
CA ALA C 280 31.90 -14.65 -12.64
C ALA C 280 31.91 -15.83 -13.62
N LYS C 281 32.86 -16.73 -13.44
CA LYS C 281 32.98 -17.88 -14.35
C LYS C 281 31.76 -18.78 -14.25
N VAL C 282 31.27 -18.97 -13.03
CA VAL C 282 30.07 -19.78 -12.79
C VAL C 282 28.79 -19.12 -13.37
N VAL C 283 28.76 -17.80 -13.41
CA VAL C 283 27.63 -17.09 -14.00
C VAL C 283 27.62 -17.30 -15.52
N ARG C 284 28.79 -17.34 -16.15
CA ARG C 284 28.88 -17.48 -17.60
C ARG C 284 28.56 -18.90 -18.06
N GLU C 285 29.01 -19.89 -17.29
CA GLU C 285 29.02 -21.28 -17.72
C GLU C 285 27.77 -22.03 -17.27
N VAL C 286 27.40 -21.86 -16.01
CA VAL C 286 26.22 -22.50 -15.45
C VAL C 286 24.91 -21.71 -15.68
N LEU C 287 24.97 -20.38 -15.62
CA LEU C 287 23.78 -19.52 -15.73
C LEU C 287 23.62 -18.82 -17.10
N LYS C 288 24.64 -18.88 -17.95
CA LYS C 288 24.58 -18.41 -19.34
C LYS C 288 24.30 -16.91 -19.46
N THR C 289 24.90 -16.15 -18.57
CA THR C 289 24.74 -14.69 -18.54
C THR C 289 25.95 -14.06 -17.84
N THR C 290 25.88 -12.75 -17.58
CA THR C 290 26.93 -12.03 -16.86
C THR C 290 26.42 -11.43 -15.56
N THR C 291 27.36 -11.06 -14.69
CA THR C 291 27.01 -10.42 -13.43
C THR C 291 26.34 -9.07 -13.69
N GLU C 292 26.84 -8.33 -14.66
CA GLU C 292 26.28 -7.03 -14.99
C GLU C 292 24.80 -7.15 -15.46
N ALA C 293 24.48 -8.23 -16.18
CA ALA C 293 23.12 -8.43 -16.70
C ALA C 293 22.13 -8.86 -15.60
N MET C 294 22.59 -9.70 -14.68
CA MET C 294 21.77 -10.13 -13.55
C MET C 294 21.37 -8.93 -12.68
N ILE C 295 22.32 -8.03 -12.45
CA ILE C 295 22.10 -6.84 -11.62
C ILE C 295 21.14 -5.89 -12.29
N GLU C 296 21.32 -5.68 -13.59
CA GLU C 296 20.45 -4.78 -14.33
C GLU C 296 18.98 -5.23 -14.29
N VAL C 297 18.77 -6.54 -14.44
CA VAL C 297 17.43 -7.13 -14.47
C VAL C 297 16.83 -7.14 -13.06
N ASN C 298 17.63 -7.42 -12.04
CA ASN C 298 17.13 -7.47 -10.67
C ASN C 298 16.67 -6.10 -10.19
N ILE C 299 17.48 -5.08 -10.42
CA ILE C 299 17.08 -3.74 -10.06
C ILE C 299 15.76 -3.39 -10.75
N ASN C 300 15.67 -3.60 -12.06
CA ASN C 300 14.56 -3.06 -12.84
C ASN C 300 13.32 -3.95 -12.92
N LYS C 301 13.47 -5.20 -12.49
CA LYS C 301 12.34 -6.12 -12.39
C LYS C 301 11.89 -6.18 -10.94
N ASN C 302 12.73 -6.70 -10.07
CA ASN C 302 12.36 -6.96 -8.68
C ASN C 302 12.21 -5.75 -7.77
N LEU C 303 12.81 -4.62 -8.13
CA LEU C 303 12.68 -3.39 -7.35
C LEU C 303 11.81 -2.38 -8.07
N VAL C 304 12.29 -1.89 -9.22
CA VAL C 304 11.57 -0.85 -9.94
C VAL C 304 10.25 -1.39 -10.46
N GLY C 305 10.28 -2.57 -11.10
CA GLY C 305 9.07 -3.19 -11.65
C GLY C 305 8.01 -3.48 -10.60
N SER C 306 8.42 -4.10 -9.50
CA SER C 306 7.49 -4.38 -8.40
C SER C 306 6.94 -3.08 -7.82
N ALA C 307 7.76 -2.05 -7.82
CA ALA C 307 7.36 -0.74 -7.30
C ALA C 307 6.29 -0.09 -8.19
N MET C 308 6.46 -0.20 -9.50
CA MET C 308 5.51 0.38 -10.45
C MET C 308 4.17 -0.37 -10.40
N ALA C 309 4.20 -1.63 -9.96
CA ALA C 309 3.00 -2.46 -9.83
C ALA C 309 2.32 -2.34 -8.48
N GLY C 310 2.86 -1.51 -7.59
CA GLY C 310 2.25 -1.28 -6.29
C GLY C 310 2.41 -2.45 -5.35
N SER C 311 3.61 -3.01 -5.27
CA SER C 311 3.86 -4.20 -4.46
C SER C 311 4.28 -3.86 -3.03
N ILE C 312 3.62 -4.51 -2.07
CA ILE C 312 4.08 -4.59 -0.69
C ILE C 312 4.61 -6.01 -0.49
N GLY C 313 5.94 -6.14 -0.41
CA GLY C 313 6.59 -7.41 -0.08
C GLY C 313 6.90 -8.34 -1.24
N GLY C 314 6.54 -7.96 -2.46
CA GLY C 314 6.73 -8.81 -3.62
C GLY C 314 7.90 -8.36 -4.50
N TYR C 315 9.06 -8.13 -3.88
CA TYR C 315 10.25 -7.67 -4.60
C TYR C 315 11.16 -8.84 -4.97
N ASN C 316 10.59 -9.78 -5.74
CA ASN C 316 11.24 -11.03 -6.11
C ASN C 316 10.69 -11.58 -7.42
N ALA C 317 11.39 -12.54 -8.02
CA ALA C 317 10.96 -13.17 -9.27
C ALA C 317 9.84 -14.19 -9.07
N HIS C 318 10.10 -15.22 -8.27
CA HIS C 318 9.14 -16.31 -8.11
C HIS C 318 9.30 -17.13 -6.83
N ALA C 319 9.57 -16.45 -5.71
CA ALA C 319 9.67 -17.12 -4.41
C ALA C 319 8.48 -18.01 -4.11
N ALA C 320 7.31 -17.62 -4.58
CA ALA C 320 6.09 -18.35 -4.29
C ALA C 320 6.12 -19.75 -4.89
N ASN C 321 6.69 -19.90 -6.07
CA ASN C 321 6.88 -21.22 -6.67
C ASN C 321 7.59 -22.20 -5.74
N ILE C 322 8.71 -21.77 -5.16
CA ILE C 322 9.53 -22.62 -4.29
C ILE C 322 8.86 -22.83 -2.95
N VAL C 323 8.37 -21.75 -2.35
CA VAL C 323 7.65 -21.84 -1.09
C VAL C 323 6.48 -22.82 -1.22
N THR C 324 5.72 -22.71 -2.32
CA THR C 324 4.54 -23.54 -2.51
C THR C 324 4.86 -25.02 -2.62
N ALA C 325 5.90 -25.33 -3.39
CA ALA C 325 6.26 -26.71 -3.69
C ALA C 325 6.81 -27.39 -2.46
N ILE C 326 7.74 -26.75 -1.76
CA ILE C 326 8.27 -27.32 -0.51
C ILE C 326 7.13 -27.54 0.48
N TYR C 327 6.26 -26.54 0.60
CA TYR C 327 5.15 -26.54 1.57
C TYR C 327 4.21 -27.71 1.35
N ILE C 328 3.84 -27.97 0.11
CA ILE C 328 2.95 -29.09 -0.21
C ILE C 328 3.64 -30.42 0.13
N ALA C 329 4.92 -30.51 -0.21
CA ALA C 329 5.71 -31.71 0.02
C ALA C 329 5.91 -31.99 1.50
N CYS C 330 6.03 -30.92 2.29
CA CYS C 330 6.46 -31.04 3.68
C CYS C 330 5.33 -30.84 4.69
N GLY C 331 4.09 -30.98 4.24
CA GLY C 331 2.94 -31.00 5.12
C GLY C 331 2.56 -29.69 5.76
N GLN C 332 3.03 -28.59 5.16
CA GLN C 332 2.71 -27.25 5.62
C GLN C 332 1.32 -26.83 5.13
N ASP C 333 0.81 -25.75 5.71
CA ASP C 333 -0.40 -25.10 5.24
C ASP C 333 -0.06 -24.25 3.99
N ALA C 334 -0.41 -24.75 2.81
CA ALA C 334 -0.03 -24.11 1.55
C ALA C 334 -0.76 -22.80 1.27
N ALA C 335 -1.87 -22.57 1.97
CA ALA C 335 -2.57 -21.30 1.88
C ALA C 335 -1.75 -20.19 2.50
N GLN C 336 -0.82 -20.56 3.38
CA GLN C 336 0.11 -19.60 3.97
C GLN C 336 1.24 -19.14 3.04
N ASN C 337 1.27 -19.69 1.83
CA ASN C 337 2.08 -19.13 0.74
C ASN C 337 1.86 -17.63 0.53
N VAL C 338 0.67 -17.14 0.87
CA VAL C 338 0.31 -15.74 0.65
C VAL C 338 1.34 -14.79 1.30
N GLY C 339 1.53 -14.95 2.62
CA GLY C 339 2.51 -14.17 3.35
C GLY C 339 3.90 -14.79 3.45
N SER C 340 3.98 -16.12 3.44
CA SER C 340 5.28 -16.81 3.53
C SER C 340 6.17 -16.59 2.30
N SER C 341 5.56 -16.19 1.19
CA SER C 341 6.30 -15.85 -0.04
C SER C 341 6.90 -14.46 -0.05
N ASN C 342 6.56 -13.61 0.93
CA ASN C 342 7.16 -12.28 1.03
C ASN C 342 8.69 -12.38 0.90
N CYS C 343 9.27 -11.58 0.01
CA CYS C 343 10.68 -11.70 -0.30
C CYS C 343 11.23 -10.51 -1.04
N ILE C 344 12.45 -10.11 -0.68
CA ILE C 344 13.21 -9.14 -1.47
C ILE C 344 14.57 -9.74 -1.87
N THR C 345 14.80 -9.78 -3.19
CA THR C 345 15.98 -10.37 -3.77
C THR C 345 16.90 -9.23 -4.21
N LEU C 346 18.10 -9.19 -3.65
CA LEU C 346 19.09 -8.17 -3.99
C LEU C 346 20.30 -8.79 -4.70
N MET C 347 20.79 -8.11 -5.73
CA MET C 347 21.98 -8.52 -6.47
C MET C 347 22.91 -7.32 -6.63
N GLU C 348 24.19 -7.52 -6.34
CA GLU C 348 25.19 -6.47 -6.55
C GLU C 348 26.52 -7.03 -6.98
N ALA C 349 27.40 -6.13 -7.39
CA ALA C 349 28.75 -6.49 -7.78
C ALA C 349 29.53 -6.93 -6.56
N SER C 350 30.54 -7.76 -6.79
CA SER C 350 31.40 -8.25 -5.72
C SER C 350 32.75 -8.72 -6.29
N GLY C 351 33.73 -8.86 -5.41
CA GLY C 351 35.04 -9.37 -5.79
C GLY C 351 35.97 -8.26 -6.23
N PRO C 352 37.25 -8.61 -6.46
CA PRO C 352 38.30 -7.66 -6.83
C PRO C 352 37.89 -6.60 -7.82
N THR C 353 37.30 -7.02 -8.94
CA THR C 353 36.98 -6.16 -10.07
C THR C 353 35.47 -6.10 -10.34
N ASN C 354 34.65 -6.24 -9.30
CA ASN C 354 33.18 -6.16 -9.43
C ASN C 354 32.61 -7.08 -10.50
N GLU C 355 33.08 -8.32 -10.56
CA GLU C 355 32.65 -9.26 -11.59
C GLU C 355 31.89 -10.47 -11.06
N ASP C 356 31.98 -10.70 -9.75
CA ASP C 356 31.21 -11.75 -9.09
C ASP C 356 29.86 -11.20 -8.62
N LEU C 357 28.87 -12.08 -8.57
CA LEU C 357 27.51 -11.70 -8.22
C LEU C 357 27.22 -12.00 -6.76
N TYR C 358 27.07 -10.97 -5.93
CA TYR C 358 26.49 -11.13 -4.61
C TYR C 358 24.96 -11.18 -4.73
N ILE C 359 24.35 -12.21 -4.14
CA ILE C 359 22.89 -12.37 -4.12
C ILE C 359 22.43 -12.63 -2.70
N SER C 360 21.33 -11.97 -2.32
CA SER C 360 20.69 -12.23 -1.04
C SER C 360 19.17 -12.21 -1.17
N CYS C 361 18.53 -13.08 -0.40
CA CYS C 361 17.09 -13.10 -0.28
C CYS C 361 16.75 -12.91 1.17
N THR C 362 15.84 -11.98 1.45
CA THR C 362 15.31 -11.74 2.78
C THR C 362 13.82 -12.02 2.80
N MET C 363 13.40 -12.97 3.62
CA MET C 363 12.00 -13.40 3.72
C MET C 363 11.54 -13.26 5.17
N PRO C 364 10.80 -12.20 5.50
CA PRO C 364 10.50 -11.86 6.89
C PRO C 364 9.32 -12.57 7.54
N SER C 365 8.56 -13.36 6.80
CA SER C 365 7.34 -13.94 7.34
C SER C 365 7.07 -15.36 6.84
N ILE C 366 8.08 -16.22 6.94
CA ILE C 366 7.93 -17.64 6.62
C ILE C 366 7.19 -18.35 7.75
N GLU C 367 5.99 -18.84 7.45
CA GLU C 367 5.11 -19.47 8.44
C GLU C 367 5.19 -20.98 8.27
N ILE C 368 5.77 -21.65 9.25
CA ILE C 368 6.27 -23.00 9.06
C ILE C 368 6.39 -23.80 10.37
N GLY C 369 6.25 -25.12 10.24
CA GLY C 369 6.40 -26.05 11.35
C GLY C 369 6.75 -27.45 10.88
N THR C 370 7.27 -28.26 11.81
CA THR C 370 7.62 -29.66 11.54
C THR C 370 6.80 -30.64 12.39
N VAL C 371 5.96 -30.11 13.28
CA VAL C 371 4.94 -30.90 13.99
C VAL C 371 3.57 -30.29 13.77
N GLY C 372 2.54 -31.14 13.77
CA GLY C 372 1.17 -30.69 13.71
C GLY C 372 0.66 -30.50 12.29
N GLY C 373 -0.66 -30.44 12.13
CA GLY C 373 -1.26 -30.27 10.82
C GLY C 373 -0.94 -31.43 9.92
N GLY C 374 -0.55 -31.13 8.68
CA GLY C 374 -0.17 -32.12 7.69
C GLY C 374 1.19 -32.75 7.90
N THR C 375 1.97 -32.27 8.88
CA THR C 375 3.23 -32.91 9.21
C THR C 375 3.04 -34.16 10.08
N ASN C 376 1.80 -34.44 10.48
CA ASN C 376 1.48 -35.70 11.17
C ASN C 376 1.17 -36.86 10.20
N LEU C 377 1.22 -36.60 8.89
CA LEU C 377 0.98 -37.63 7.88
C LEU C 377 2.30 -38.15 7.35
N LEU C 378 2.37 -39.46 7.09
CA LEU C 378 3.64 -40.17 6.86
C LEU C 378 4.39 -39.83 5.57
N PRO C 379 3.71 -39.71 4.43
CA PRO C 379 4.37 -39.25 3.20
C PRO C 379 4.99 -37.87 3.37
N GLN C 380 4.28 -36.97 4.04
CA GLN C 380 4.78 -35.63 4.34
C GLN C 380 5.96 -35.72 5.32
N GLN C 381 5.90 -36.68 6.25
CA GLN C 381 6.98 -36.90 7.21
C GLN C 381 8.26 -37.40 6.53
N ALA C 382 8.10 -38.13 5.44
CA ALA C 382 9.23 -38.68 4.69
C ALA C 382 10.04 -37.58 4.04
N CYS C 383 9.35 -36.60 3.45
CA CYS C 383 9.99 -35.42 2.86
C CYS C 383 10.64 -34.53 3.93
N LEU C 384 10.02 -34.46 5.10
CA LEU C 384 10.58 -33.76 6.24
C LEU C 384 11.81 -34.52 6.74
N GLN C 385 11.78 -35.84 6.62
CA GLN C 385 12.88 -36.69 7.06
C GLN C 385 14.08 -36.58 6.13
N MET C 386 13.82 -36.41 4.83
CA MET C 386 14.87 -36.20 3.83
C MET C 386 15.79 -35.05 4.24
N LEU C 387 15.19 -34.02 4.80
CA LEU C 387 15.90 -32.78 5.18
C LEU C 387 16.44 -32.81 6.61
N GLY C 388 16.06 -33.83 7.38
CA GLY C 388 16.53 -34.00 8.75
C GLY C 388 15.85 -33.12 9.78
N VAL C 389 14.61 -32.71 9.50
CA VAL C 389 13.88 -31.79 10.37
C VAL C 389 12.48 -32.29 10.76
N GLN C 390 12.20 -33.57 10.57
CA GLN C 390 10.89 -34.11 10.96
C GLN C 390 10.71 -34.08 12.47
N GLY C 391 9.49 -33.82 12.91
CA GLY C 391 9.14 -33.85 14.32
C GLY C 391 9.78 -32.78 15.17
N ALA C 392 9.57 -32.85 16.48
CA ALA C 392 10.15 -31.90 17.43
C ALA C 392 11.63 -32.19 17.64
N CYS C 393 12.41 -31.14 17.89
CA CYS C 393 13.80 -31.27 18.32
C CYS C 393 13.86 -31.24 19.84
N LYS C 394 14.09 -32.41 20.44
CA LYS C 394 14.11 -32.59 21.89
C LYS C 394 15.08 -31.65 22.61
N ASP C 395 16.33 -31.62 22.17
CA ASP C 395 17.37 -30.87 22.86
C ASP C 395 17.25 -29.36 22.70
N ASN C 396 16.66 -28.92 21.59
CA ASN C 396 16.60 -27.50 21.24
C ASN C 396 15.26 -27.18 20.59
N PRO C 397 14.24 -26.91 21.41
CA PRO C 397 12.87 -26.74 20.90
C PRO C 397 12.72 -25.63 19.85
N GLY C 398 12.25 -26.01 18.66
CA GLY C 398 12.05 -25.08 17.56
C GLY C 398 13.17 -25.03 16.53
N GLU C 399 14.17 -25.89 16.70
CA GLU C 399 15.36 -25.88 15.86
C GLU C 399 15.09 -26.54 14.51
N ASN C 400 14.16 -27.50 14.50
CA ASN C 400 13.73 -28.15 13.27
C ASN C 400 12.95 -27.18 12.37
N ALA C 401 12.01 -26.43 12.97
CA ALA C 401 11.21 -25.45 12.22
C ALA C 401 12.04 -24.25 11.72
N ARG C 402 13.05 -23.88 12.49
CA ARG C 402 14.00 -22.85 12.07
C ARG C 402 14.85 -23.32 10.90
N GLN C 403 15.25 -24.60 10.95
CA GLN C 403 16.11 -25.16 9.92
C GLN C 403 15.36 -25.25 8.60
N LEU C 404 14.09 -25.67 8.66
CA LEU C 404 13.26 -25.76 7.47
C LEU C 404 13.05 -24.39 6.86
N ALA C 405 12.92 -23.36 7.71
CA ALA C 405 12.76 -21.98 7.23
C ALA C 405 14.02 -21.50 6.51
N ARG C 406 15.18 -21.93 6.99
CA ARG C 406 16.45 -21.60 6.34
C ARG C 406 16.58 -22.33 5.02
N ILE C 407 16.10 -23.57 4.97
CA ILE C 407 16.10 -24.33 3.72
C ILE C 407 15.17 -23.68 2.69
N VAL C 408 14.03 -23.18 3.15
CA VAL C 408 13.07 -22.52 2.27
C VAL C 408 13.71 -21.26 1.71
N CYS C 409 14.28 -20.45 2.58
CA CYS C 409 14.92 -19.22 2.12
C CYS C 409 16.10 -19.49 1.20
N GLY C 410 16.81 -20.59 1.42
CA GLY C 410 17.96 -20.94 0.62
C GLY C 410 17.59 -21.48 -0.75
N THR C 411 16.59 -22.35 -0.79
CA THR C 411 16.06 -22.88 -2.04
C THR C 411 15.43 -21.78 -2.89
N VAL C 412 14.68 -20.90 -2.25
CA VAL C 412 14.12 -19.73 -2.92
C VAL C 412 15.24 -18.98 -3.62
N MET C 413 16.34 -18.73 -2.93
CA MET C 413 17.47 -18.00 -3.52
C MET C 413 18.03 -18.70 -4.76
N ALA C 414 18.16 -20.02 -4.70
CA ALA C 414 18.58 -20.81 -5.87
C ALA C 414 17.60 -20.61 -7.02
N GLY C 415 16.30 -20.61 -6.71
CA GLY C 415 15.26 -20.35 -7.67
C GLY C 415 15.34 -18.98 -8.30
N GLU C 416 15.69 -17.97 -7.50
CA GLU C 416 15.86 -16.60 -8.01
C GLU C 416 17.07 -16.50 -8.92
N LEU C 417 18.09 -17.28 -8.64
CA LEU C 417 19.32 -17.25 -9.45
C LEU C 417 19.03 -17.77 -10.85
N SER C 418 18.38 -18.92 -10.92
CA SER C 418 18.12 -19.60 -12.19
C SER C 418 17.15 -18.83 -13.07
N LEU C 419 15.99 -18.47 -12.53
CA LEU C 419 15.00 -17.74 -13.30
C LEU C 419 15.51 -16.37 -13.77
N MET C 420 16.20 -15.65 -12.89
CA MET C 420 16.72 -14.33 -13.23
C MET C 420 17.79 -14.40 -14.31
N ALA C 421 18.55 -15.49 -14.30
CA ALA C 421 19.55 -15.71 -15.34
C ALA C 421 18.88 -16.00 -16.69
N ALA C 422 17.80 -16.77 -16.67
CA ALA C 422 17.07 -17.09 -17.90
C ALA C 422 16.36 -15.87 -18.51
N LEU C 423 15.96 -14.93 -17.66
CA LEU C 423 15.31 -13.71 -18.13
C LEU C 423 16.34 -12.75 -18.70
N ALA C 424 17.51 -12.71 -18.06
CA ALA C 424 18.61 -11.86 -18.50
C ALA C 424 19.18 -12.33 -19.84
N ALA C 425 19.22 -13.65 -20.04
CA ALA C 425 19.75 -14.25 -21.27
C ALA C 425 18.76 -14.14 -22.41
N GLY C 426 17.48 -14.01 -22.09
CA GLY C 426 16.44 -13.77 -23.09
C GLY C 426 16.07 -15.02 -23.87
N GLY D 24 19.15 -53.73 -24.02
CA GLY D 24 19.99 -52.68 -23.41
C GLY D 24 19.92 -52.65 -21.89
N ALA D 25 18.97 -51.89 -21.35
CA ALA D 25 18.89 -51.62 -19.91
C ALA D 25 18.09 -52.66 -19.12
N LYS D 26 17.15 -53.35 -19.78
CA LYS D 26 16.32 -54.35 -19.11
C LYS D 26 17.11 -55.61 -18.77
N PHE D 27 18.22 -55.83 -19.48
CA PHE D 27 19.11 -56.98 -19.23
C PHE D 27 19.88 -56.80 -17.91
N LEU D 28 20.31 -55.58 -17.61
CA LEU D 28 21.02 -55.25 -16.36
C LEU D 28 20.06 -55.30 -15.17
N SER D 29 20.62 -55.22 -13.96
CA SER D 29 19.83 -55.14 -12.73
C SER D 29 19.99 -53.77 -12.06
N ASP D 30 19.31 -53.57 -10.92
CA ASP D 30 19.30 -52.26 -10.24
C ASP D 30 20.69 -51.82 -9.79
N ALA D 31 21.39 -52.70 -9.07
CA ALA D 31 22.73 -52.40 -8.57
C ALA D 31 23.75 -52.15 -9.69
N GLU D 32 23.56 -52.81 -10.83
CA GLU D 32 24.45 -52.69 -11.98
C GLU D 32 24.35 -51.33 -12.68
N ILE D 33 23.12 -50.81 -12.79
CA ILE D 33 22.87 -49.55 -13.49
C ILE D 33 23.41 -48.38 -12.68
N ILE D 34 23.22 -48.44 -11.36
CA ILE D 34 23.78 -47.48 -10.43
C ILE D 34 25.30 -47.38 -10.59
N GLN D 35 25.95 -48.52 -10.81
CA GLN D 35 27.40 -48.59 -10.99
C GLN D 35 27.87 -47.73 -12.16
N LEU D 36 27.14 -47.77 -13.27
CA LEU D 36 27.50 -47.00 -14.46
C LEU D 36 27.31 -45.48 -14.28
N VAL D 37 26.33 -45.08 -13.46
CA VAL D 37 26.07 -43.67 -13.19
C VAL D 37 27.16 -43.06 -12.32
N ASN D 38 27.67 -43.84 -11.37
CA ASN D 38 28.77 -43.43 -10.51
C ASN D 38 30.09 -43.37 -11.26
N ALA D 39 30.19 -44.13 -12.35
CA ALA D 39 31.39 -44.15 -13.18
C ALA D 39 31.29 -43.23 -14.41
N LYS D 40 30.50 -42.15 -14.28
CA LYS D 40 30.46 -41.06 -15.27
C LYS D 40 30.06 -41.49 -16.70
N HIS D 41 28.96 -42.22 -16.83
CA HIS D 41 28.49 -42.72 -18.12
C HIS D 41 26.96 -42.71 -18.17
N LEU D 50 16.40 -43.90 -21.39
CA LEU D 50 17.60 -44.66 -21.07
C LEU D 50 17.23 -46.00 -20.42
N ILE D 51 16.46 -45.94 -19.34
CA ILE D 51 15.79 -47.12 -18.79
C ILE D 51 14.44 -47.21 -19.48
N GLU D 52 13.86 -48.42 -19.57
CA GLU D 52 12.70 -48.64 -20.44
C GLU D 52 11.35 -48.21 -19.85
N THR D 53 11.16 -48.41 -18.54
CA THR D 53 9.90 -48.07 -17.88
C THR D 53 10.09 -46.84 -16.99
N HIS D 54 9.05 -46.02 -16.87
CA HIS D 54 9.11 -44.77 -16.09
C HIS D 54 9.19 -45.03 -14.60
N GLU D 55 8.47 -46.04 -14.12
CA GLU D 55 8.45 -46.38 -12.69
C GLU D 55 9.80 -46.89 -12.19
N ARG D 56 10.57 -47.54 -13.05
CA ARG D 56 11.89 -48.04 -12.66
C ARG D 56 12.91 -46.91 -12.60
N GLY D 57 12.75 -45.92 -13.48
CA GLY D 57 13.56 -44.72 -13.44
C GLY D 57 13.35 -43.93 -12.17
N VAL D 58 12.10 -43.89 -11.69
CA VAL D 58 11.78 -43.25 -10.41
C VAL D 58 12.41 -44.05 -9.27
N SER D 59 12.43 -45.37 -9.39
CA SER D 59 12.98 -46.24 -8.34
C SER D 59 14.48 -46.07 -8.21
N ILE D 60 15.18 -46.02 -9.34
CA ILE D 60 16.63 -45.85 -9.34
C ILE D 60 17.03 -44.48 -8.82
N ARG D 61 16.23 -43.45 -9.14
CA ARG D 61 16.52 -42.09 -8.65
C ARG D 61 16.38 -42.02 -7.15
N ARG D 62 15.37 -42.69 -6.60
CA ARG D 62 15.16 -42.78 -5.16
C ARG D 62 16.37 -43.44 -4.47
N GLN D 63 16.87 -44.51 -5.08
CA GLN D 63 17.99 -45.28 -4.55
C GLN D 63 19.30 -44.51 -4.63
N LEU D 64 19.47 -43.72 -5.69
CA LEU D 64 20.64 -42.86 -5.86
C LEU D 64 20.63 -41.73 -4.82
N LEU D 65 19.45 -41.18 -4.59
CA LEU D 65 19.25 -40.08 -3.66
C LEU D 65 19.39 -40.55 -2.20
N SER D 66 19.01 -41.80 -1.96
CA SER D 66 19.08 -42.39 -0.63
C SER D 66 20.51 -42.39 -0.09
N LYS D 67 21.48 -42.55 -1.00
CA LYS D 67 22.91 -42.58 -0.66
C LYS D 67 23.45 -41.24 -0.18
N LYS D 68 22.66 -40.18 -0.34
CA LYS D 68 23.07 -38.84 0.05
C LYS D 68 22.42 -38.40 1.37
N LEU D 69 21.32 -39.03 1.75
CA LEU D 69 20.59 -38.64 2.96
C LEU D 69 21.18 -39.29 4.20
N SER D 70 21.18 -38.54 5.30
CA SER D 70 21.69 -39.05 6.56
C SER D 70 20.80 -40.18 7.12
N GLU D 71 19.50 -40.17 6.77
CA GLU D 71 18.63 -41.34 6.99
C GLU D 71 18.08 -41.84 5.64
N PRO D 72 18.74 -42.84 5.05
CA PRO D 72 18.29 -43.41 3.77
C PRO D 72 16.90 -44.07 3.77
N SER D 73 16.44 -44.54 4.92
CA SER D 73 15.14 -45.21 5.00
C SER D 73 13.95 -44.23 5.03
N SER D 74 14.24 -42.92 4.98
CA SER D 74 13.18 -41.90 5.07
C SER D 74 12.21 -41.92 3.88
N LEU D 75 12.67 -42.40 2.73
CA LEU D 75 11.84 -42.46 1.54
C LEU D 75 10.79 -43.58 1.56
N GLN D 76 10.91 -44.54 2.47
CA GLN D 76 10.11 -45.78 2.41
C GLN D 76 8.59 -45.58 2.51
N TYR D 77 8.14 -44.47 3.10
CA TYR D 77 6.70 -44.16 3.18
C TYR D 77 6.28 -43.01 2.27
N LEU D 78 7.22 -42.47 1.51
CA LEU D 78 6.91 -41.62 0.36
C LEU D 78 6.55 -42.57 -0.78
N PRO D 79 5.29 -42.59 -1.22
CA PRO D 79 4.87 -43.52 -2.26
C PRO D 79 5.41 -43.14 -3.63
N TYR D 80 5.25 -44.06 -4.58
CA TYR D 80 5.68 -43.85 -5.98
C TYR D 80 5.11 -44.92 -6.93
N ARG D 81 4.84 -46.11 -6.40
CA ARG D 81 4.33 -47.24 -7.19
C ARG D 81 2.97 -46.97 -7.83
N ASP D 82 2.82 -47.43 -9.07
CA ASP D 82 1.54 -47.44 -9.79
C ASP D 82 0.90 -46.07 -9.94
N TYR D 83 1.75 -45.08 -10.16
CA TYR D 83 1.32 -43.76 -10.58
C TYR D 83 1.62 -43.67 -12.07
N ASN D 84 0.78 -42.97 -12.81
CA ASN D 84 0.95 -42.79 -14.24
C ASN D 84 1.93 -41.66 -14.51
N TYR D 85 3.21 -41.99 -14.60
CA TYR D 85 4.28 -41.00 -14.76
C TYR D 85 4.45 -40.52 -16.20
N SER D 86 3.75 -41.13 -17.15
CA SER D 86 3.89 -40.76 -18.56
C SER D 86 3.49 -39.31 -18.89
N LEU D 87 2.47 -38.80 -18.20
CA LEU D 87 1.97 -37.43 -18.43
C LEU D 87 2.75 -36.39 -17.62
N VAL D 88 3.59 -36.86 -16.70
CA VAL D 88 4.40 -35.97 -15.85
C VAL D 88 5.77 -35.66 -16.45
N MET D 89 6.50 -36.68 -16.90
CA MET D 89 7.87 -36.50 -17.39
C MET D 89 7.90 -35.60 -18.63
N GLY D 90 8.78 -34.61 -18.62
CA GLY D 90 8.90 -33.64 -19.71
C GLY D 90 7.70 -32.72 -19.86
N ALA D 91 6.94 -32.51 -18.78
CA ALA D 91 5.74 -31.68 -18.84
C ALA D 91 5.39 -30.98 -17.52
N CYS D 92 5.44 -31.72 -16.41
CA CYS D 92 4.96 -31.24 -15.11
C CYS D 92 5.99 -31.25 -13.98
N CYS D 93 6.97 -32.13 -14.07
CA CYS D 93 7.95 -32.29 -12.99
C CYS D 93 9.23 -32.97 -13.47
N GLU D 94 10.35 -32.60 -12.86
CA GLU D 94 11.64 -33.23 -13.14
C GLU D 94 12.21 -33.84 -11.87
N ASN D 95 13.20 -34.71 -12.05
CA ASN D 95 13.86 -35.41 -10.94
C ASN D 95 12.86 -36.05 -9.99
N VAL D 96 11.85 -36.70 -10.56
CA VAL D 96 10.70 -37.19 -9.80
C VAL D 96 11.05 -38.44 -8.99
N ILE D 97 10.70 -38.41 -7.70
CA ILE D 97 11.02 -39.48 -6.76
C ILE D 97 9.77 -40.13 -6.16
N GLY D 98 8.59 -39.74 -6.64
CA GLY D 98 7.32 -40.18 -6.05
C GLY D 98 6.22 -39.14 -6.16
N TYR D 99 5.24 -39.24 -5.27
CA TYR D 99 4.13 -38.30 -5.23
C TYR D 99 3.64 -38.07 -3.80
N MET D 100 2.98 -36.93 -3.59
CA MET D 100 2.48 -36.52 -2.28
C MET D 100 0.95 -36.55 -2.24
N PRO D 101 0.38 -37.51 -1.52
CA PRO D 101 -1.08 -37.56 -1.32
C PRO D 101 -1.62 -36.43 -0.44
N ILE D 102 -2.54 -35.64 -0.99
CA ILE D 102 -3.23 -34.61 -0.24
C ILE D 102 -4.68 -35.06 -0.14
N PRO D 103 -5.19 -35.25 1.07
CA PRO D 103 -6.60 -35.58 1.27
C PRO D 103 -7.55 -34.66 0.49
N VAL D 104 -8.61 -35.23 -0.07
CA VAL D 104 -9.60 -34.49 -0.83
C VAL D 104 -10.98 -34.65 -0.18
N GLY D 105 -11.51 -33.55 0.36
CA GLY D 105 -12.86 -33.53 0.90
C GLY D 105 -13.82 -32.94 -0.11
N VAL D 106 -15.11 -32.94 0.22
CA VAL D 106 -16.12 -32.40 -0.67
C VAL D 106 -17.04 -31.49 0.11
N ALA D 107 -17.12 -30.24 -0.36
CA ALA D 107 -18.08 -29.26 0.14
C ALA D 107 -19.17 -29.10 -0.90
N GLY D 108 -20.39 -29.42 -0.52
CA GLY D 108 -21.52 -29.28 -1.40
C GLY D 108 -22.80 -29.86 -0.81
N PRO D 109 -23.93 -29.66 -1.48
CA PRO D 109 -23.99 -28.95 -2.76
C PRO D 109 -23.92 -27.44 -2.57
N LEU D 110 -23.16 -26.78 -3.44
CA LEU D 110 -23.12 -25.32 -3.54
C LEU D 110 -24.09 -24.91 -4.65
N CYS D 111 -25.12 -24.15 -4.29
CA CYS D 111 -26.12 -23.70 -5.24
C CYS D 111 -25.68 -22.38 -5.87
N LEU D 112 -25.21 -22.47 -7.11
CA LEU D 112 -24.63 -21.33 -7.79
C LEU D 112 -25.23 -21.18 -9.19
N ASP D 113 -25.81 -20.02 -9.46
CA ASP D 113 -26.45 -19.74 -10.74
C ASP D 113 -27.43 -20.85 -11.17
N GLU D 114 -28.30 -21.26 -10.24
CA GLU D 114 -29.34 -22.26 -10.48
C GLU D 114 -28.81 -23.67 -10.79
N LYS D 115 -27.58 -23.95 -10.41
CA LYS D 115 -27.01 -25.29 -10.52
C LYS D 115 -26.48 -25.70 -9.16
N GLU D 116 -26.03 -26.94 -9.06
CA GLU D 116 -25.42 -27.46 -7.84
C GLU D 116 -24.06 -28.04 -8.17
N PHE D 117 -23.07 -27.73 -7.33
CA PHE D 117 -21.70 -28.19 -7.53
C PHE D 117 -21.23 -28.92 -6.29
N GLN D 118 -20.60 -30.06 -6.50
CA GLN D 118 -19.90 -30.77 -5.45
C GLN D 118 -18.44 -30.38 -5.61
N VAL D 119 -17.97 -29.52 -4.72
CA VAL D 119 -16.67 -28.87 -4.84
C VAL D 119 -15.58 -29.66 -4.13
N PRO D 120 -14.58 -30.13 -4.87
CA PRO D 120 -13.46 -30.87 -4.24
C PRO D 120 -12.46 -29.89 -3.64
N MET D 121 -11.91 -30.24 -2.48
CA MET D 121 -10.97 -29.40 -1.75
C MET D 121 -9.83 -30.26 -1.21
N ALA D 122 -8.62 -30.04 -1.70
CA ALA D 122 -7.43 -30.71 -1.20
C ALA D 122 -6.79 -29.90 -0.08
N THR D 123 -6.81 -30.44 1.14
CA THR D 123 -6.26 -29.75 2.30
C THR D 123 -5.81 -30.73 3.39
N THR D 124 -4.91 -30.27 4.26
CA THR D 124 -4.57 -30.99 5.50
C THR D 124 -4.96 -30.19 6.75
N GLU D 125 -5.82 -29.19 6.58
CA GLU D 125 -6.29 -28.38 7.69
C GLU D 125 -7.65 -28.88 8.16
N GLY D 126 -7.72 -29.29 9.42
CA GLY D 126 -8.94 -29.81 9.98
C GLY D 126 -10.00 -28.75 10.08
N CYS D 127 -11.24 -29.18 9.87
CA CYS D 127 -12.46 -28.36 9.91
C CYS D 127 -12.71 -27.47 8.71
N LEU D 128 -11.73 -27.31 7.83
CA LEU D 128 -11.86 -26.40 6.69
C LEU D 128 -12.97 -26.85 5.75
N VAL D 129 -12.99 -28.14 5.42
CA VAL D 129 -13.99 -28.65 4.49
C VAL D 129 -15.37 -28.63 5.14
N ALA D 130 -15.45 -29.04 6.40
CA ALA D 130 -16.73 -29.06 7.10
C ALA D 130 -17.28 -27.65 7.30
N SER D 131 -16.40 -26.67 7.45
CA SER D 131 -16.82 -25.29 7.66
C SER D 131 -17.34 -24.68 6.36
N THR D 132 -16.61 -24.92 5.27
CA THR D 132 -17.06 -24.56 3.93
C THR D 132 -18.40 -25.20 3.64
N ASN D 133 -18.52 -26.47 4.01
CA ASN D 133 -19.73 -27.27 3.85
C ASN D 133 -20.94 -26.61 4.54
N ARG D 134 -20.73 -26.09 5.74
CA ARG D 134 -21.78 -25.40 6.48
C ARG D 134 -22.18 -24.09 5.79
N GLY D 135 -21.21 -23.42 5.19
CA GLY D 135 -21.47 -22.20 4.41
C GLY D 135 -22.29 -22.48 3.17
N CYS D 136 -22.03 -23.62 2.53
CA CYS D 136 -22.81 -24.07 1.40
C CYS D 136 -24.25 -24.33 1.81
N ARG D 137 -24.44 -24.91 2.99
CA ARG D 137 -25.78 -25.24 3.48
C ARG D 137 -26.56 -23.96 3.65
N ALA D 138 -25.94 -22.98 4.29
CA ALA D 138 -26.57 -21.68 4.56
C ALA D 138 -27.02 -21.01 3.27
N ILE D 139 -26.17 -21.06 2.24
CA ILE D 139 -26.49 -20.45 0.95
C ILE D 139 -27.63 -21.20 0.24
N GLY D 140 -27.68 -22.52 0.42
CA GLY D 140 -28.71 -23.35 -0.17
C GLY D 140 -30.09 -22.96 0.34
N LEU D 141 -30.21 -22.83 1.66
CA LEU D 141 -31.46 -22.45 2.32
C LEU D 141 -31.84 -20.99 2.11
N GLY D 142 -30.97 -20.21 1.49
CA GLY D 142 -31.26 -18.84 1.11
C GLY D 142 -31.58 -18.62 -0.35
N GLY D 143 -31.86 -19.71 -1.09
CA GLY D 143 -32.16 -19.62 -2.51
C GLY D 143 -30.95 -19.67 -3.44
N GLY D 144 -29.76 -19.77 -2.86
CA GLY D 144 -28.55 -19.94 -3.64
C GLY D 144 -27.82 -18.64 -3.93
N ALA D 145 -26.70 -18.80 -4.64
CA ALA D 145 -25.81 -17.69 -4.96
C ALA D 145 -25.87 -17.38 -6.45
N SER D 146 -25.61 -16.12 -6.79
CA SER D 146 -25.49 -15.68 -8.17
C SER D 146 -24.12 -15.04 -8.35
N SER D 147 -23.49 -15.27 -9.50
CA SER D 147 -22.16 -14.74 -9.77
C SER D 147 -22.07 -14.28 -11.21
N ARG D 148 -21.16 -13.35 -11.45
CA ARG D 148 -20.86 -12.87 -12.79
C ARG D 148 -19.35 -12.74 -13.00
N VAL D 149 -18.89 -12.98 -14.24
CA VAL D 149 -17.50 -12.71 -14.58
C VAL D 149 -17.45 -11.32 -15.22
N LEU D 150 -16.64 -10.45 -14.61
CA LEU D 150 -16.60 -9.05 -14.97
C LEU D 150 -15.55 -8.74 -16.00
N ALA D 151 -14.44 -9.48 -15.95
CA ALA D 151 -13.36 -9.36 -16.94
C ALA D 151 -12.62 -10.67 -17.09
N ASP D 152 -11.86 -10.79 -18.18
CA ASP D 152 -11.17 -12.03 -18.51
C ASP D 152 -9.96 -11.75 -19.40
N GLY D 153 -8.77 -11.99 -18.86
CA GLY D 153 -7.53 -11.82 -19.58
C GLY D 153 -6.31 -12.06 -18.70
N MET D 154 -5.52 -13.07 -19.06
CA MET D 154 -4.23 -13.31 -18.42
C MET D 154 -3.26 -12.21 -18.90
N THR D 155 -2.19 -11.95 -18.15
CA THR D 155 -1.21 -10.93 -18.57
C THR D 155 0.25 -11.34 -18.51
N ARG D 156 1.07 -10.52 -19.14
CA ARG D 156 2.52 -10.55 -19.00
C ARG D 156 3.00 -9.12 -19.07
N GLY D 157 3.95 -8.77 -18.21
CA GLY D 157 4.34 -7.38 -18.01
C GLY D 157 5.83 -7.17 -18.19
N PRO D 158 6.33 -7.31 -19.43
CA PRO D 158 7.76 -7.13 -19.72
C PRO D 158 8.26 -5.74 -19.40
N VAL D 159 9.55 -5.63 -19.09
CA VAL D 159 10.22 -4.34 -18.94
C VAL D 159 11.20 -4.15 -20.12
N VAL D 160 11.10 -3.00 -20.78
CA VAL D 160 12.03 -2.61 -21.84
C VAL D 160 12.74 -1.31 -21.45
N ARG D 161 13.82 -0.99 -22.15
CA ARG D 161 14.62 0.20 -21.88
C ARG D 161 14.98 0.95 -23.15
N LEU D 162 15.00 2.27 -23.07
CA LEU D 162 15.46 3.10 -24.18
C LEU D 162 16.61 3.98 -23.71
N PRO D 163 17.39 4.53 -24.64
CA PRO D 163 18.53 5.37 -24.28
C PRO D 163 18.15 6.47 -23.30
N ARG D 164 17.05 7.16 -23.60
CA ARG D 164 16.56 8.27 -22.79
C ARG D 164 15.08 8.07 -22.43
N ALA D 165 14.65 8.78 -21.39
CA ALA D 165 13.25 8.83 -20.97
C ALA D 165 12.40 9.49 -22.04
N CYS D 166 13.00 10.41 -22.79
CA CYS D 166 12.32 11.05 -23.90
C CYS D 166 11.97 10.03 -24.98
N ASP D 167 12.85 9.05 -25.18
CA ASP D 167 12.59 7.96 -26.13
C ASP D 167 11.52 6.99 -25.62
N SER D 168 11.60 6.57 -24.35
CA SER D 168 10.56 5.68 -23.82
C SER D 168 9.18 6.37 -23.79
N ALA D 169 9.17 7.68 -23.60
CA ALA D 169 7.95 8.47 -23.67
C ALA D 169 7.39 8.42 -25.08
N GLU D 170 8.27 8.47 -26.07
CA GLU D 170 7.89 8.36 -27.48
C GLU D 170 7.27 7.01 -27.78
N VAL D 171 7.82 5.95 -27.18
CA VAL D 171 7.30 4.61 -27.40
C VAL D 171 5.90 4.46 -26.76
N LYS D 172 5.71 5.04 -25.56
CA LYS D 172 4.43 5.02 -24.87
C LYS D 172 3.36 5.69 -25.73
N ALA D 173 3.67 6.88 -26.23
CA ALA D 173 2.78 7.62 -27.11
C ALA D 173 2.40 6.83 -28.38
N TRP D 174 3.39 6.17 -28.97
CA TRP D 174 3.16 5.35 -30.16
C TRP D 174 2.26 4.17 -29.88
N LEU D 175 2.45 3.54 -28.72
CA LEU D 175 1.62 2.39 -28.32
C LEU D 175 0.16 2.78 -28.05
N GLU D 176 -0.08 4.07 -27.75
CA GLU D 176 -1.43 4.56 -27.48
C GLU D 176 -2.16 5.09 -28.71
N THR D 177 -1.50 5.15 -29.86
CA THR D 177 -2.18 5.41 -31.12
C THR D 177 -2.90 4.14 -31.56
N SER D 178 -4.01 4.31 -32.25
CA SER D 178 -4.74 3.16 -32.78
C SER D 178 -3.97 2.45 -33.88
N GLU D 179 -3.07 3.16 -34.56
CA GLU D 179 -2.21 2.53 -35.58
C GLU D 179 -1.14 1.68 -34.89
N GLY D 180 -0.58 2.20 -33.80
CA GLY D 180 0.47 1.51 -33.08
C GLY D 180 -0.06 0.25 -32.42
N PHE D 181 -1.11 0.40 -31.63
CA PHE D 181 -1.77 -0.74 -31.00
C PHE D 181 -2.15 -1.80 -32.03
N ALA D 182 -2.62 -1.38 -33.20
CA ALA D 182 -3.06 -2.31 -34.25
C ALA D 182 -1.93 -3.20 -34.75
N VAL D 183 -0.76 -2.61 -35.00
CA VAL D 183 0.39 -3.40 -35.48
C VAL D 183 0.92 -4.36 -34.40
N ILE D 184 0.89 -3.91 -33.15
CA ILE D 184 1.29 -4.74 -32.01
C ILE D 184 0.27 -5.86 -31.77
N LYS D 185 -1.00 -5.57 -32.08
CA LYS D 185 -2.07 -6.56 -31.95
C LYS D 185 -1.92 -7.66 -33.01
N GLU D 186 -1.63 -7.25 -34.25
CA GLU D 186 -1.46 -8.21 -35.36
C GLU D 186 -0.36 -9.20 -35.02
N ALA D 187 0.71 -8.69 -34.43
CA ALA D 187 1.88 -9.50 -34.09
C ALA D 187 1.56 -10.48 -32.97
N PHE D 188 0.97 -9.97 -31.90
CA PHE D 188 0.55 -10.79 -30.77
C PHE D 188 -0.38 -11.91 -31.22
N ASP D 189 -1.39 -11.55 -32.00
CA ASP D 189 -2.47 -12.46 -32.39
C ASP D 189 -2.07 -13.53 -33.40
N SER D 190 -0.94 -13.35 -34.08
CA SER D 190 -0.46 -14.34 -35.04
C SER D 190 0.15 -15.59 -34.40
N THR D 191 0.50 -15.53 -33.11
CA THR D 191 1.25 -16.62 -32.47
C THR D 191 0.40 -17.82 -32.04
N SER D 192 -0.91 -17.67 -32.05
CA SER D 192 -1.79 -18.67 -31.46
C SER D 192 -3.26 -18.38 -31.79
N ARG D 193 -4.11 -19.41 -31.69
CA ARG D 193 -5.53 -19.28 -32.05
C ARG D 193 -6.27 -18.35 -31.10
N PHE D 194 -6.04 -18.55 -29.79
CA PHE D 194 -6.75 -17.80 -28.76
C PHE D 194 -6.11 -16.44 -28.43
N ALA D 195 -4.97 -16.14 -29.05
CA ALA D 195 -4.29 -14.87 -28.81
C ALA D 195 -5.11 -13.71 -29.36
N ARG D 196 -5.87 -13.05 -28.49
CA ARG D 196 -6.63 -11.87 -28.88
C ARG D 196 -6.34 -10.73 -27.91
N LEU D 197 -5.47 -9.81 -28.34
CA LEU D 197 -4.94 -8.76 -27.49
C LEU D 197 -5.99 -7.70 -27.17
N GLN D 198 -6.09 -7.36 -25.89
CA GLN D 198 -6.97 -6.30 -25.41
C GLN D 198 -6.12 -5.04 -25.15
N LYS D 199 -6.77 -3.96 -24.72
CA LYS D 199 -6.08 -2.70 -24.42
C LYS D 199 -4.76 -2.92 -23.67
N LEU D 200 -3.71 -2.21 -24.06
CA LEU D 200 -2.42 -2.24 -23.37
C LEU D 200 -2.44 -1.28 -22.19
N HIS D 201 -1.71 -1.62 -21.14
CA HIS D 201 -1.43 -0.69 -20.05
C HIS D 201 0.09 -0.49 -19.92
N THR D 202 0.53 0.76 -19.80
CA THR D 202 1.97 1.04 -19.69
C THR D 202 2.32 1.99 -18.55
N SER D 203 3.54 1.84 -18.05
CA SER D 203 4.14 2.76 -17.11
C SER D 203 5.60 3.01 -17.45
N ILE D 204 6.01 4.27 -17.35
CA ILE D 204 7.39 4.65 -17.49
C ILE D 204 8.01 4.80 -16.11
N ALA D 205 9.30 4.48 -16.02
CA ALA D 205 10.12 4.82 -14.87
C ALA D 205 11.43 5.30 -15.46
N GLY D 206 11.45 6.55 -15.90
CA GLY D 206 12.62 7.11 -16.55
C GLY D 206 12.76 6.53 -17.96
N ARG D 207 13.90 5.90 -18.23
CA ARG D 207 14.12 5.28 -19.54
C ARG D 207 13.57 3.86 -19.60
N ASN D 208 13.05 3.36 -18.48
CA ASN D 208 12.29 2.11 -18.48
C ASN D 208 10.85 2.30 -18.99
N LEU D 209 10.32 1.27 -19.66
CA LEU D 209 8.91 1.21 -20.03
C LEU D 209 8.40 -0.20 -19.72
N TYR D 210 7.40 -0.27 -18.85
CA TYR D 210 6.73 -1.52 -18.51
C TYR D 210 5.45 -1.58 -19.34
N ILE D 211 5.23 -2.73 -19.99
CA ILE D 211 4.11 -2.90 -20.89
C ILE D 211 3.32 -4.13 -20.47
N ARG D 212 2.03 -3.92 -20.19
CA ARG D 212 1.15 -4.96 -19.73
C ARG D 212 0.27 -5.44 -20.89
N PHE D 213 0.58 -6.64 -21.39
CA PHE D 213 -0.20 -7.32 -22.42
C PHE D 213 -1.26 -8.18 -21.75
N GLN D 214 -2.48 -8.12 -22.27
CA GLN D 214 -3.59 -8.90 -21.75
C GLN D 214 -4.35 -9.57 -22.89
N SER D 215 -4.58 -10.87 -22.77
CA SER D 215 -5.36 -11.59 -23.75
C SER D 215 -6.07 -12.78 -23.11
N ARG D 216 -7.19 -13.18 -23.70
CA ARG D 216 -7.82 -14.44 -23.32
C ARG D 216 -6.97 -15.54 -23.91
N SER D 217 -7.25 -16.77 -23.52
CA SER D 217 -6.34 -17.89 -23.76
C SER D 217 -7.07 -19.21 -23.87
N GLY D 218 -8.28 -19.17 -24.42
CA GLY D 218 -9.14 -20.34 -24.44
C GLY D 218 -9.45 -20.77 -23.02
N ASP D 219 -9.38 -22.07 -22.76
CA ASP D 219 -9.62 -22.60 -21.43
C ASP D 219 -8.33 -22.80 -20.62
N ALA D 220 -7.18 -22.50 -21.22
CA ALA D 220 -5.91 -22.56 -20.51
C ALA D 220 -5.73 -21.33 -19.63
N MET D 221 -5.00 -21.50 -18.54
CA MET D 221 -4.61 -20.38 -17.67
C MET D 221 -3.94 -19.28 -18.49
N GLY D 222 -3.09 -19.68 -19.43
CA GLY D 222 -2.63 -18.80 -20.49
C GLY D 222 -1.22 -18.27 -20.43
N MET D 223 -0.46 -18.64 -19.39
CA MET D 223 0.89 -18.08 -19.17
C MET D 223 1.78 -18.24 -20.40
N ASN D 224 1.93 -19.47 -20.88
CA ASN D 224 2.87 -19.76 -21.97
C ASN D 224 2.46 -19.13 -23.29
N MET D 225 1.15 -19.07 -23.50
CA MET D 225 0.58 -18.50 -24.71
C MET D 225 0.79 -16.98 -24.74
N ILE D 226 0.53 -16.32 -23.62
CA ILE D 226 0.66 -14.86 -23.53
C ILE D 226 2.13 -14.42 -23.55
N SER D 227 3.02 -15.28 -23.07
CA SER D 227 4.46 -15.02 -23.12
C SER D 227 4.97 -15.09 -24.56
N LYS D 228 4.49 -16.08 -25.30
CA LYS D 228 4.84 -16.30 -26.69
C LYS D 228 4.34 -15.15 -27.57
N GLY D 229 3.11 -14.70 -27.29
CA GLY D 229 2.56 -13.54 -27.95
C GLY D 229 3.32 -12.29 -27.60
N THR D 230 3.75 -12.18 -26.35
CA THR D 230 4.51 -11.02 -25.90
C THR D 230 5.86 -10.95 -26.60
N GLU D 231 6.44 -12.12 -26.90
CA GLU D 231 7.79 -12.18 -27.50
C GLU D 231 7.80 -11.64 -28.92
N LYS D 232 6.83 -12.05 -29.74
CA LYS D 232 6.72 -11.56 -31.10
C LYS D 232 6.24 -10.11 -31.16
N ALA D 233 5.41 -9.71 -30.21
CA ALA D 233 4.96 -8.31 -30.16
C ALA D 233 6.12 -7.38 -29.83
N LEU D 234 6.98 -7.79 -28.90
CA LEU D 234 8.15 -6.99 -28.51
C LEU D 234 9.18 -6.96 -29.63
N SER D 235 9.26 -8.04 -30.39
CA SER D 235 10.17 -8.12 -31.54
C SER D 235 9.68 -7.18 -32.65
N LYS D 236 8.37 -7.07 -32.80
CA LYS D 236 7.77 -6.15 -33.76
C LYS D 236 7.95 -4.70 -33.32
N LEU D 237 7.88 -4.45 -32.02
CA LEU D 237 8.09 -3.11 -31.47
C LEU D 237 9.56 -2.73 -31.66
N HIS D 238 10.44 -3.72 -31.61
CA HIS D 238 11.88 -3.49 -31.78
C HIS D 238 12.24 -3.00 -33.18
N GLU D 239 11.45 -3.42 -34.17
CA GLU D 239 11.62 -2.92 -35.53
C GLU D 239 11.32 -1.43 -35.59
N TYR D 240 10.25 -0.99 -34.94
CA TYR D 240 9.89 0.42 -34.90
C TYR D 240 10.87 1.23 -34.05
N PHE D 241 11.49 0.58 -33.07
CA PHE D 241 12.44 1.24 -32.18
C PHE D 241 13.66 0.34 -32.00
N PRO D 242 14.60 0.38 -32.94
CA PRO D 242 15.74 -0.54 -32.95
C PRO D 242 16.75 -0.35 -31.80
N GLU D 243 16.76 0.82 -31.18
CA GLU D 243 17.59 1.06 -30.00
C GLU D 243 16.91 0.60 -28.69
N MET D 244 15.81 -0.15 -28.81
CA MET D 244 15.13 -0.69 -27.64
C MET D 244 15.79 -1.97 -27.16
N GLN D 245 16.17 -1.99 -25.88
CA GLN D 245 16.66 -3.20 -25.25
C GLN D 245 15.44 -3.89 -24.64
N ILE D 246 15.39 -5.21 -24.76
CA ILE D 246 14.37 -6.00 -24.08
C ILE D 246 15.06 -6.59 -22.86
N LEU D 247 14.92 -5.93 -21.73
CA LEU D 247 15.63 -6.33 -20.54
C LEU D 247 15.11 -7.68 -20.01
N ALA D 248 13.80 -7.83 -19.95
CA ALA D 248 13.18 -9.05 -19.44
C ALA D 248 11.74 -9.18 -19.91
N VAL D 249 11.33 -10.39 -20.27
CA VAL D 249 9.98 -10.64 -20.80
C VAL D 249 8.94 -10.56 -19.67
N SER D 250 9.36 -10.81 -18.43
CA SER D 250 8.60 -10.42 -17.24
C SER D 250 9.40 -9.46 -16.39
N GLY D 251 8.97 -8.20 -16.40
CA GLY D 251 9.50 -7.16 -15.53
C GLY D 251 8.65 -6.91 -14.31
N ASN D 252 7.95 -7.94 -13.82
CA ASN D 252 7.11 -7.86 -12.61
C ASN D 252 5.91 -6.90 -12.72
N TYR D 253 5.57 -6.48 -13.93
CA TYR D 253 4.40 -5.63 -14.16
C TYR D 253 3.15 -6.44 -14.53
N CYS D 254 3.24 -7.78 -14.43
CA CYS D 254 2.13 -8.65 -14.85
C CYS D 254 0.87 -8.51 -13.95
N THR D 255 0.94 -8.71 -12.64
CA THR D 255 2.08 -9.26 -11.89
C THR D 255 1.78 -10.71 -11.55
N ASP D 256 2.80 -11.56 -11.65
CA ASP D 256 2.65 -13.00 -11.48
C ASP D 256 3.31 -13.51 -10.21
N LYS D 257 2.49 -14.09 -9.33
CA LYS D 257 2.92 -14.77 -8.11
C LYS D 257 3.60 -13.87 -7.07
N LYS D 258 3.38 -12.56 -7.17
CA LYS D 258 3.75 -11.60 -6.13
C LYS D 258 2.56 -10.66 -5.84
N PRO D 259 2.39 -10.21 -4.60
CA PRO D 259 1.32 -9.23 -4.31
C PRO D 259 1.55 -7.97 -5.12
N ALA D 260 0.48 -7.37 -5.63
CA ALA D 260 0.60 -6.16 -6.44
C ALA D 260 -0.73 -5.47 -6.62
N ALA D 261 -0.75 -4.18 -6.34
CA ALA D 261 -1.94 -3.36 -6.49
C ALA D 261 -2.47 -3.35 -7.93
N ILE D 262 -1.60 -3.56 -8.92
CA ILE D 262 -2.04 -3.55 -10.32
C ILE D 262 -3.01 -4.70 -10.62
N ASN D 263 -2.83 -5.86 -10.00
CA ASN D 263 -3.79 -6.97 -10.17
C ASN D 263 -5.13 -6.68 -9.50
N TRP D 264 -5.08 -6.01 -8.35
CA TRP D 264 -6.27 -5.66 -7.59
C TRP D 264 -7.14 -4.64 -8.35
N ILE D 265 -6.50 -3.68 -9.01
CA ILE D 265 -7.19 -2.55 -9.64
C ILE D 265 -7.59 -2.83 -11.10
N GLU D 266 -6.72 -3.50 -11.84
CA GLU D 266 -6.92 -3.78 -13.26
C GLU D 266 -7.41 -5.19 -13.50
N GLY D 267 -7.20 -6.06 -12.53
CA GLY D 267 -7.60 -7.45 -12.64
C GLY D 267 -6.53 -8.24 -13.35
N ARG D 268 -6.62 -9.56 -13.24
CA ARG D 268 -5.74 -10.47 -13.95
C ARG D 268 -6.42 -11.83 -13.97
N GLY D 269 -6.39 -12.51 -15.10
CA GLY D 269 -7.23 -13.68 -15.28
C GLY D 269 -8.70 -13.29 -15.19
N LYS D 270 -9.46 -14.01 -14.38
CA LYS D 270 -10.90 -13.74 -14.26
C LYS D 270 -11.19 -12.81 -13.09
N SER D 271 -11.88 -11.70 -13.36
CA SER D 271 -12.47 -10.87 -12.33
C SER D 271 -13.89 -11.36 -12.17
N VAL D 272 -14.28 -11.68 -10.94
CA VAL D 272 -15.55 -12.32 -10.66
C VAL D 272 -16.22 -11.65 -9.45
N VAL D 273 -17.55 -11.66 -9.45
CA VAL D 273 -18.34 -11.22 -8.31
C VAL D 273 -19.36 -12.29 -8.00
N CYS D 274 -19.70 -12.41 -6.71
CA CYS D 274 -20.65 -13.42 -6.25
C CYS D 274 -21.45 -12.89 -5.07
N GLU D 275 -22.70 -13.34 -4.93
CA GLU D 275 -23.56 -12.82 -3.89
C GLU D 275 -24.66 -13.80 -3.47
N ALA D 276 -25.29 -13.48 -2.35
CA ALA D 276 -26.30 -14.32 -1.75
C ALA D 276 -26.98 -13.56 -0.60
N VAL D 277 -28.28 -13.78 -0.42
CA VAL D 277 -29.00 -13.29 0.76
C VAL D 277 -29.35 -14.49 1.64
N ILE D 278 -28.90 -14.47 2.90
CA ILE D 278 -29.19 -15.52 3.88
C ILE D 278 -30.36 -15.07 4.78
N PRO D 279 -31.49 -15.78 4.79
CA PRO D 279 -32.60 -15.49 5.71
C PRO D 279 -32.18 -15.48 7.19
N ALA D 280 -32.75 -14.56 7.97
CA ALA D 280 -32.41 -14.40 9.39
C ALA D 280 -32.53 -15.71 10.17
N LYS D 281 -33.58 -16.48 9.83
CA LYS D 281 -33.80 -17.80 10.41
C LYS D 281 -32.60 -18.72 10.19
N VAL D 282 -32.06 -18.71 8.98
CA VAL D 282 -30.89 -19.52 8.62
C VAL D 282 -29.58 -19.07 9.30
N VAL D 283 -29.38 -17.77 9.46
CA VAL D 283 -28.23 -17.25 10.20
C VAL D 283 -28.28 -17.68 11.68
N ARG D 284 -29.50 -17.73 12.21
CA ARG D 284 -29.74 -18.15 13.58
C ARG D 284 -29.43 -19.64 13.77
N GLU D 285 -30.06 -20.47 12.96
CA GLU D 285 -30.13 -21.92 13.22
C GLU D 285 -28.95 -22.67 12.61
N VAL D 286 -28.61 -22.37 11.36
CA VAL D 286 -27.46 -23.00 10.71
C VAL D 286 -26.13 -22.35 11.10
N LEU D 287 -26.08 -21.01 11.25
CA LEU D 287 -24.82 -20.31 11.50
C LEU D 287 -24.57 -19.89 12.95
N LYS D 288 -25.59 -19.99 13.81
CA LYS D 288 -25.44 -19.82 15.25
C LYS D 288 -25.05 -18.40 15.67
N THR D 289 -25.63 -17.42 14.99
CA THR D 289 -25.34 -16.00 15.25
C THR D 289 -26.47 -15.13 14.67
N THR D 290 -26.26 -13.83 14.52
CA THR D 290 -27.27 -12.94 13.91
C THR D 290 -26.71 -12.18 12.72
N THR D 291 -27.59 -11.58 11.95
CA THR D 291 -27.22 -10.72 10.84
C THR D 291 -26.48 -9.48 11.35
N GLU D 292 -26.99 -8.87 12.42
CA GLU D 292 -26.37 -7.69 13.01
C GLU D 292 -24.94 -7.99 13.47
N ALA D 293 -24.75 -9.14 14.09
CA ALA D 293 -23.43 -9.56 14.57
C ALA D 293 -22.44 -9.83 13.43
N MET D 294 -22.91 -10.45 12.35
CA MET D 294 -22.07 -10.76 11.19
C MET D 294 -21.53 -9.48 10.53
N ILE D 295 -22.37 -8.46 10.46
CA ILE D 295 -22.03 -7.18 9.85
C ILE D 295 -20.99 -6.44 10.68
N GLU D 296 -21.10 -6.53 12.01
CA GLU D 296 -20.18 -5.86 12.90
C GLU D 296 -18.77 -6.45 12.79
N VAL D 297 -18.68 -7.78 12.73
CA VAL D 297 -17.40 -8.47 12.60
C VAL D 297 -16.79 -8.24 11.21
N ASN D 298 -17.62 -8.29 10.17
CA ASN D 298 -17.13 -8.12 8.80
C ASN D 298 -16.53 -6.73 8.58
N ILE D 299 -17.20 -5.71 9.09
CA ILE D 299 -16.73 -4.35 8.93
C ILE D 299 -15.43 -4.17 9.68
N ASN D 300 -15.36 -4.65 10.91
CA ASN D 300 -14.25 -4.32 11.79
C ASN D 300 -13.04 -5.26 11.70
N LYS D 301 -13.27 -6.45 11.15
CA LYS D 301 -12.21 -7.39 10.82
C LYS D 301 -11.80 -7.25 9.34
N ASN D 302 -12.69 -7.62 8.43
CA ASN D 302 -12.35 -7.66 7.00
C ASN D 302 -12.06 -6.30 6.37
N LEU D 303 -12.61 -5.21 6.91
CA LEU D 303 -12.34 -3.87 6.38
C LEU D 303 -11.40 -3.07 7.27
N VAL D 304 -11.79 -2.84 8.52
CA VAL D 304 -11.04 -1.93 9.39
C VAL D 304 -9.74 -2.59 9.89
N GLY D 305 -9.78 -3.89 10.15
CA GLY D 305 -8.61 -4.63 10.60
C GLY D 305 -7.58 -4.80 9.49
N SER D 306 -8.03 -5.24 8.33
CA SER D 306 -7.16 -5.39 7.17
C SER D 306 -6.54 -4.05 6.81
N ALA D 307 -7.31 -2.97 6.99
CA ALA D 307 -6.81 -1.62 6.74
C ALA D 307 -5.73 -1.22 7.75
N MET D 308 -5.92 -1.55 9.03
CA MET D 308 -4.93 -1.22 10.07
C MET D 308 -3.63 -2.01 9.88
N ALA D 309 -3.74 -3.18 9.24
CA ALA D 309 -2.61 -4.06 8.95
C ALA D 309 -1.87 -3.66 7.67
N GLY D 310 -2.39 -2.66 6.97
CA GLY D 310 -1.79 -2.21 5.73
C GLY D 310 -1.97 -3.19 4.58
N SER D 311 -3.17 -3.74 4.42
CA SER D 311 -3.44 -4.75 3.39
C SER D 311 -3.83 -4.12 2.06
N ILE D 312 -3.32 -4.69 0.98
CA ILE D 312 -3.79 -4.39 -0.38
C ILE D 312 -4.44 -5.66 -0.92
N GLY D 313 -5.77 -5.65 -0.99
CA GLY D 313 -6.52 -6.74 -1.57
C GLY D 313 -6.84 -7.90 -0.65
N GLY D 314 -6.47 -7.80 0.62
CA GLY D 314 -6.73 -8.84 1.61
C GLY D 314 -7.87 -8.49 2.54
N TYR D 315 -8.98 -8.00 1.98
CA TYR D 315 -10.12 -7.59 2.79
C TYR D 315 -11.12 -8.73 2.96
N ASN D 316 -10.64 -9.85 3.48
CA ASN D 316 -11.42 -11.07 3.63
C ASN D 316 -10.90 -11.88 4.79
N ALA D 317 -11.69 -12.86 5.23
CA ALA D 317 -11.31 -13.71 6.35
C ALA D 317 -10.29 -14.79 5.97
N HIS D 318 -10.65 -15.64 5.01
CA HIS D 318 -9.78 -16.77 4.67
C HIS D 318 -10.03 -17.31 3.24
N ALA D 319 -10.21 -16.42 2.28
CA ALA D 319 -10.34 -16.83 0.87
C ALA D 319 -9.19 -17.75 0.40
N ALA D 320 -7.97 -17.48 0.85
CA ALA D 320 -6.80 -18.27 0.48
C ALA D 320 -6.91 -19.75 0.85
N ASN D 321 -7.58 -20.07 1.96
CA ASN D 321 -7.85 -21.48 2.30
C ASN D 321 -8.61 -22.19 1.19
N ILE D 322 -9.70 -21.57 0.73
CA ILE D 322 -10.59 -22.19 -0.23
C ILE D 322 -9.95 -22.24 -1.60
N VAL D 323 -9.38 -21.13 -2.04
CA VAL D 323 -8.69 -21.07 -3.33
C VAL D 323 -7.60 -22.13 -3.39
N THR D 324 -6.76 -22.18 -2.36
CA THR D 324 -5.64 -23.10 -2.32
C THR D 324 -6.08 -24.55 -2.44
N ALA D 325 -7.15 -24.91 -1.74
CA ALA D 325 -7.62 -26.30 -1.71
C ALA D 325 -8.24 -26.71 -3.03
N ILE D 326 -8.99 -25.81 -3.65
CA ILE D 326 -9.62 -26.13 -4.91
C ILE D 326 -8.53 -26.25 -5.96
N TYR D 327 -7.56 -25.33 -5.90
CA TYR D 327 -6.44 -25.30 -6.83
C TYR D 327 -5.61 -26.59 -6.81
N ILE D 328 -5.23 -27.07 -5.64
CA ILE D 328 -4.46 -28.30 -5.56
C ILE D 328 -5.27 -29.48 -6.11
N ALA D 329 -6.54 -29.56 -5.76
CA ALA D 329 -7.41 -30.63 -6.22
C ALA D 329 -7.66 -30.62 -7.73
N CYS D 330 -7.72 -29.44 -8.33
CA CYS D 330 -8.10 -29.29 -9.73
C CYS D 330 -6.94 -28.97 -10.67
N GLY D 331 -5.71 -29.25 -10.26
CA GLY D 331 -4.56 -29.13 -11.15
C GLY D 331 -4.13 -27.71 -11.51
N GLN D 332 -4.54 -26.75 -10.70
CA GLN D 332 -4.13 -25.37 -10.89
C GLN D 332 -2.69 -25.19 -10.38
N ASP D 333 -2.08 -24.08 -10.77
CA ASP D 333 -0.81 -23.65 -10.22
C ASP D 333 -1.05 -23.05 -8.82
N ALA D 334 -0.71 -23.80 -7.77
CA ALA D 334 -1.03 -23.38 -6.40
C ALA D 334 -0.26 -22.14 -5.95
N ALA D 335 0.87 -21.86 -6.59
CA ALA D 335 1.66 -20.66 -6.30
C ALA D 335 0.88 -19.40 -6.66
N GLN D 336 -0.05 -19.55 -7.59
CA GLN D 336 -0.90 -18.43 -7.98
C GLN D 336 -2.02 -18.10 -6.98
N ASN D 337 -1.98 -18.68 -5.78
CA ASN D 337 -2.92 -18.27 -4.72
C ASN D 337 -2.55 -16.91 -4.12
N VAL D 338 -1.31 -16.48 -4.32
CA VAL D 338 -0.85 -15.17 -3.87
C VAL D 338 -1.80 -14.10 -4.37
N GLY D 339 -2.01 -14.05 -5.69
CA GLY D 339 -2.91 -13.10 -6.31
C GLY D 339 -4.35 -13.56 -6.49
N SER D 340 -4.55 -14.86 -6.67
CA SER D 340 -5.89 -15.41 -6.86
C SER D 340 -6.77 -15.29 -5.62
N SER D 341 -6.15 -15.19 -4.45
CA SER D 341 -6.86 -15.03 -3.17
C SER D 341 -7.40 -13.63 -2.94
N ASN D 342 -6.92 -12.65 -3.69
CA ASN D 342 -7.43 -11.27 -3.59
C ASN D 342 -8.96 -11.29 -3.50
N CYS D 343 -9.49 -10.74 -2.41
CA CYS D 343 -10.92 -10.77 -2.13
C CYS D 343 -11.36 -9.67 -1.16
N ILE D 344 -12.47 -9.00 -1.50
CA ILE D 344 -13.17 -8.16 -0.55
C ILE D 344 -14.57 -8.75 -0.28
N THR D 345 -14.81 -9.04 1.00
CA THR D 345 -16.05 -9.65 1.45
C THR D 345 -16.88 -8.58 2.13
N LEU D 346 -18.07 -8.33 1.60
CA LEU D 346 -18.97 -7.30 2.13
C LEU D 346 -20.24 -7.91 2.68
N MET D 347 -20.74 -7.32 3.77
CA MET D 347 -21.94 -7.81 4.43
C MET D 347 -22.84 -6.63 4.81
N GLU D 348 -24.10 -6.69 4.37
CA GLU D 348 -25.09 -5.65 4.66
C GLU D 348 -26.37 -6.24 5.26
N ALA D 349 -27.19 -5.37 5.84
CA ALA D 349 -28.54 -5.74 6.26
C ALA D 349 -29.44 -5.72 5.03
N SER D 350 -30.44 -6.58 5.03
CA SER D 350 -31.26 -6.83 3.85
C SER D 350 -32.68 -7.25 4.24
N GLY D 351 -33.58 -7.22 3.26
CA GLY D 351 -34.94 -7.70 3.48
C GLY D 351 -35.88 -6.72 4.15
N PRO D 352 -37.13 -7.15 4.37
CA PRO D 352 -38.21 -6.24 4.80
C PRO D 352 -37.97 -5.62 6.18
N THR D 353 -37.66 -6.47 7.16
CA THR D 353 -37.37 -6.00 8.53
C THR D 353 -35.89 -5.65 8.72
N ASN D 354 -35.13 -5.63 7.63
CA ASN D 354 -33.71 -5.28 7.67
C ASN D 354 -32.91 -6.33 8.46
N GLU D 355 -33.42 -7.56 8.50
CA GLU D 355 -32.88 -8.63 9.36
C GLU D 355 -32.16 -9.77 8.61
N ASP D 356 -32.25 -9.76 7.29
CA ASP D 356 -31.57 -10.76 6.46
C ASP D 356 -30.14 -10.28 6.09
N LEU D 357 -29.24 -11.25 5.88
CA LEU D 357 -27.82 -10.99 5.63
C LEU D 357 -27.48 -11.05 4.14
N TYR D 358 -27.27 -9.89 3.52
CA TYR D 358 -26.67 -9.82 2.18
C TYR D 358 -25.15 -10.03 2.31
N ILE D 359 -24.60 -10.93 1.50
CA ILE D 359 -23.16 -11.16 1.43
C ILE D 359 -22.70 -11.14 -0.03
N SER D 360 -21.53 -10.56 -0.28
CA SER D 360 -20.87 -10.63 -1.58
C SER D 360 -19.36 -10.78 -1.42
N CYS D 361 -18.76 -11.58 -2.30
CA CYS D 361 -17.32 -11.60 -2.44
C CYS D 361 -16.95 -11.12 -3.82
N THR D 362 -15.92 -10.30 -3.89
CA THR D 362 -15.43 -9.78 -5.15
C THR D 362 -13.94 -10.10 -5.27
N MET D 363 -13.59 -10.83 -6.33
CA MET D 363 -12.26 -11.37 -6.52
C MET D 363 -11.74 -10.99 -7.91
N PRO D 364 -10.96 -9.92 -8.01
CA PRO D 364 -10.62 -9.36 -9.33
C PRO D 364 -9.51 -10.08 -10.11
N SER D 365 -8.87 -11.10 -9.54
CA SER D 365 -7.67 -11.68 -10.14
C SER D 365 -7.49 -13.20 -9.90
N ILE D 366 -8.52 -13.95 -10.26
CA ILE D 366 -8.48 -15.41 -10.21
C ILE D 366 -7.78 -15.96 -11.45
N GLU D 367 -6.58 -16.53 -11.25
CA GLU D 367 -5.76 -17.07 -12.33
C GLU D 367 -5.98 -18.58 -12.44
N ILE D 368 -6.59 -19.01 -13.54
CA ILE D 368 -7.20 -20.32 -13.59
C ILE D 368 -7.36 -20.88 -15.02
N GLY D 369 -7.50 -22.21 -15.11
CA GLY D 369 -7.56 -22.91 -16.37
C GLY D 369 -8.03 -24.35 -16.21
N THR D 370 -8.62 -24.90 -17.26
CA THR D 370 -9.11 -26.28 -17.26
C THR D 370 -8.41 -27.15 -18.29
N VAL D 371 -7.48 -26.57 -19.04
CA VAL D 371 -6.54 -27.32 -19.86
C VAL D 371 -5.11 -26.87 -19.57
N GLY D 372 -4.14 -27.76 -19.79
CA GLY D 372 -2.73 -27.46 -19.60
C GLY D 372 -2.28 -27.67 -18.18
N GLY D 373 -0.98 -27.63 -17.97
CA GLY D 373 -0.37 -27.84 -16.66
C GLY D 373 -0.85 -29.10 -15.97
N GLY D 374 -1.17 -28.98 -14.68
CA GLY D 374 -1.63 -30.10 -13.88
C GLY D 374 -3.01 -30.62 -14.20
N THR D 375 -3.77 -29.91 -15.05
CA THR D 375 -5.06 -30.41 -15.53
C THR D 375 -4.93 -31.47 -16.64
N ASN D 376 -3.72 -31.72 -17.12
CA ASN D 376 -3.46 -32.83 -18.05
C ASN D 376 -3.33 -34.18 -17.32
N LEU D 377 -3.30 -34.17 -16.00
CA LEU D 377 -3.19 -35.40 -15.21
C LEU D 377 -4.57 -35.92 -14.84
N LEU D 378 -4.71 -37.25 -14.77
CA LEU D 378 -6.02 -37.87 -14.66
C LEU D 378 -6.72 -37.66 -13.31
N PRO D 379 -6.00 -37.77 -12.20
CA PRO D 379 -6.59 -37.47 -10.88
C PRO D 379 -7.13 -36.06 -10.80
N GLN D 380 -6.34 -35.10 -11.26
CA GLN D 380 -6.74 -33.71 -11.29
C GLN D 380 -7.98 -33.53 -12.18
N GLN D 381 -8.05 -34.27 -13.28
CA GLN D 381 -9.20 -34.24 -14.19
C GLN D 381 -10.44 -34.85 -13.58
N ALA D 382 -10.28 -35.73 -12.61
CA ALA D 382 -11.41 -36.32 -11.92
C ALA D 382 -12.17 -35.25 -11.17
N CYS D 383 -11.42 -34.34 -10.54
CA CYS D 383 -12.01 -33.24 -9.76
C CYS D 383 -12.61 -32.18 -10.67
N LEU D 384 -11.99 -31.94 -11.83
CA LEU D 384 -12.55 -31.01 -12.81
C LEU D 384 -13.85 -31.58 -13.40
N GLN D 385 -13.93 -32.91 -13.49
CA GLN D 385 -15.11 -33.58 -14.04
C GLN D 385 -16.29 -33.57 -13.07
N MET D 386 -16.01 -33.66 -11.78
CA MET D 386 -17.06 -33.53 -10.76
C MET D 386 -17.82 -32.23 -11.03
N LEU D 387 -17.06 -31.17 -11.26
CA LEU D 387 -17.58 -29.83 -11.43
C LEU D 387 -18.12 -29.57 -12.84
N GLY D 388 -17.84 -30.48 -13.76
CA GLY D 388 -18.34 -30.39 -15.13
C GLY D 388 -17.57 -29.41 -15.98
N VAL D 389 -16.32 -29.11 -15.60
CA VAL D 389 -15.54 -28.09 -16.29
C VAL D 389 -14.23 -28.60 -16.88
N GLN D 390 -14.08 -29.92 -16.97
CA GLN D 390 -12.81 -30.51 -17.42
C GLN D 390 -12.56 -30.26 -18.89
N GLY D 391 -11.33 -29.89 -19.22
CA GLY D 391 -10.92 -29.71 -20.60
C GLY D 391 -11.49 -28.47 -21.25
N ALA D 392 -11.31 -28.38 -22.57
CA ALA D 392 -11.80 -27.26 -23.34
C ALA D 392 -13.30 -27.36 -23.55
N CYS D 393 -13.96 -26.21 -23.59
CA CYS D 393 -15.38 -26.13 -23.94
C CYS D 393 -15.43 -25.85 -25.43
N LYS D 394 -15.79 -26.87 -26.19
CA LYS D 394 -15.77 -26.79 -27.66
C LYS D 394 -16.82 -25.82 -28.22
N ASP D 395 -17.96 -25.70 -27.55
CA ASP D 395 -19.03 -24.83 -28.01
C ASP D 395 -18.70 -23.34 -27.80
N ASN D 396 -17.87 -23.04 -26.81
CA ASN D 396 -17.55 -21.65 -26.45
C ASN D 396 -16.21 -21.57 -25.71
N PRO D 397 -15.09 -21.57 -26.44
CA PRO D 397 -13.74 -21.58 -25.85
C PRO D 397 -13.56 -20.58 -24.69
N GLY D 398 -13.15 -21.10 -23.53
CA GLY D 398 -12.92 -20.30 -22.34
C GLY D 398 -14.04 -20.37 -21.33
N GLU D 399 -15.14 -21.03 -21.68
CA GLU D 399 -16.32 -21.09 -20.83
C GLU D 399 -16.15 -22.06 -19.65
N ASN D 400 -15.29 -23.06 -19.80
CA ASN D 400 -15.01 -23.97 -18.70
C ASN D 400 -14.15 -23.32 -17.60
N ALA D 401 -13.15 -22.55 -18.03
CA ALA D 401 -12.28 -21.84 -17.10
C ALA D 401 -13.05 -20.73 -16.42
N ARG D 402 -13.97 -20.12 -17.15
CA ARG D 402 -14.81 -19.06 -16.59
C ARG D 402 -15.74 -19.67 -15.54
N GLN D 403 -16.33 -20.82 -15.87
CA GLN D 403 -17.18 -21.55 -14.93
C GLN D 403 -16.42 -21.93 -13.66
N LEU D 404 -15.16 -22.36 -13.81
CA LEU D 404 -14.37 -22.76 -12.64
C LEU D 404 -14.09 -21.56 -11.74
N ALA D 405 -13.81 -20.41 -12.34
CA ALA D 405 -13.56 -19.20 -11.58
C ALA D 405 -14.80 -18.80 -10.79
N ARG D 406 -15.97 -18.83 -11.43
CA ARG D 406 -17.25 -18.61 -10.75
C ARG D 406 -17.42 -19.56 -9.56
N ILE D 407 -17.06 -20.83 -9.73
CA ILE D 407 -17.20 -21.82 -8.65
C ILE D 407 -16.28 -21.49 -7.48
N VAL D 408 -15.07 -21.00 -7.78
CA VAL D 408 -14.11 -20.66 -6.74
C VAL D 408 -14.65 -19.48 -5.92
N CYS D 409 -15.24 -18.51 -6.60
CA CYS D 409 -15.74 -17.30 -5.95
C CYS D 409 -16.91 -17.64 -5.05
N GLY D 410 -17.78 -18.53 -5.51
CA GLY D 410 -18.95 -18.94 -4.74
C GLY D 410 -18.57 -19.76 -3.53
N THR D 411 -17.60 -20.66 -3.71
CA THR D 411 -17.10 -21.49 -2.64
C THR D 411 -16.30 -20.68 -1.62
N VAL D 412 -15.65 -19.61 -2.08
CA VAL D 412 -14.97 -18.69 -1.18
C VAL D 412 -16.02 -17.95 -0.34
N MET D 413 -17.12 -17.55 -0.96
CA MET D 413 -18.19 -16.89 -0.21
C MET D 413 -18.78 -17.83 0.84
N ALA D 414 -18.97 -19.10 0.48
CA ALA D 414 -19.44 -20.11 1.43
C ALA D 414 -18.52 -20.15 2.64
N GLY D 415 -17.22 -20.21 2.38
CA GLY D 415 -16.22 -20.25 3.43
C GLY D 415 -16.23 -19.02 4.33
N GLU D 416 -16.40 -17.85 3.72
CA GLU D 416 -16.44 -16.59 4.48
C GLU D 416 -17.63 -16.58 5.41
N LEU D 417 -18.75 -17.14 4.98
CA LEU D 417 -19.98 -17.13 5.77
C LEU D 417 -19.79 -17.90 7.06
N SER D 418 -19.21 -19.09 6.96
CA SER D 418 -19.10 -20.01 8.09
C SER D 418 -18.07 -19.55 9.10
N LEU D 419 -16.89 -19.20 8.62
CA LEU D 419 -15.81 -18.77 9.52
C LEU D 419 -16.19 -17.48 10.23
N MET D 420 -16.81 -16.56 9.52
CA MET D 420 -17.23 -15.29 10.11
C MET D 420 -18.35 -15.49 11.14
N ALA D 421 -19.19 -16.48 10.90
CA ALA D 421 -20.22 -16.85 11.86
C ALA D 421 -19.58 -17.43 13.12
N ALA D 422 -18.57 -18.28 12.92
CA ALA D 422 -17.87 -18.90 14.04
C ALA D 422 -17.14 -17.86 14.87
N LEU D 423 -16.56 -16.86 14.21
CA LEU D 423 -15.79 -15.83 14.88
C LEU D 423 -16.72 -14.88 15.64
N ALA D 424 -17.89 -14.60 15.06
CA ALA D 424 -18.86 -13.70 15.66
C ALA D 424 -19.54 -14.33 16.87
N ALA D 425 -19.66 -15.67 16.87
CA ALA D 425 -20.35 -16.41 17.92
C ALA D 425 -19.47 -16.69 19.13
N GLY D 426 -18.15 -16.60 18.96
CA GLY D 426 -17.21 -16.65 20.09
C GLY D 426 -16.48 -17.96 20.31
N HIS D 427 -15.92 -18.52 19.22
CA HIS D 427 -15.10 -19.74 19.29
C HIS D 427 -13.73 -19.50 18.62
N3 6HI E . 20.05 17.91 4.29
C4 6HI E . 16.96 21.19 3.94
C5 6HI E . 19.06 17.57 5.11
C6 6HI E . 17.48 20.14 2.97
C7 6HI E . 16.47 18.30 5.41
C8 6HI E . 15.82 16.95 5.05
C10 6HI E . 13.83 15.66 4.22
C13 6HI E . 16.38 19.48 2.11
C15 6HI E . 18.84 15.96 8.53
C17 6HI E . 22.28 22.35 2.15
C20 6HI E . 22.38 23.69 1.79
C21 6HI E . 19.51 15.29 5.91
C24 6HI E . 19.57 14.33 6.93
C26 6HI E . 23.42 21.72 0.14
F2 6HI E . 23.13 25.34 0.22
C29 6HI E . 23.01 24.05 0.59
C23 6HI E . 23.53 23.06 -0.23
C32 6HI E . 22.79 21.35 1.33
C1 6HI E . 22.72 19.88 1.67
N2 6HI E . 21.72 19.60 2.68
C3 6HI E . 20.42 19.45 2.40
O2 6HI E . 20.00 19.51 1.25
C2 6HI E . 19.56 18.85 3.46
N4 6HI E . 18.26 19.12 3.73
C12 6HI E . 17.85 18.36 4.76
C27 6HI E . 19.09 16.58 6.21
C30 6HI E . 19.24 14.66 8.23
F1 6HI E . 19.31 13.73 9.19
C18 6HI E . 18.77 16.93 7.52
C9 6HI E . 14.28 16.83 5.10
O4 6HI E . 13.60 17.99 4.64
C11 6HI E . 14.41 14.31 4.65
O3 6HI E . 14.14 14.12 6.03
C35 6HI E . 13.80 13.20 3.78
C36 6HI E . 14.58 11.89 3.86
O7 6HI E . 14.15 10.95 4.53
O6 6HI E . 15.72 11.72 3.19
N3 6HI F . -18.04 19.85 -0.81
C4 6HI F . -14.41 22.50 0.33
C5 6HI F . -17.06 19.56 -1.66
C6 6HI F . -15.31 21.47 1.01
C7 6HI F . -14.41 20.07 -1.81
C8 6HI F . -13.72 18.82 -1.28
C10 6HI F . -11.82 17.21 -1.23
C13 6HI F . -14.56 20.48 1.91
C15 6HI F . -16.96 18.79 -5.35
C17 6HI F . -20.04 24.01 2.03
C20 6HI F . -20.02 25.27 2.64
C21 6HI F . -17.76 17.59 -2.97
C24 6HI F . -17.92 16.92 -4.19
C26 6HI F . -20.94 23.05 4.05
F2 6HI F . -20.45 26.62 4.53
C29 6HI F . -20.46 25.41 3.95
C23 6HI F . -20.92 24.31 4.66
C32 6HI F . -20.50 22.91 2.75
C1 6HI F . -20.53 21.53 2.12
N2 6HI F . -19.49 21.44 1.11
C3 6HI F . -18.26 21.01 1.37
O2 6HI F . -17.92 20.65 2.48
C2 6HI F . -17.47 20.53 0.20
N4 6HI F . -16.14 20.73 0.01
C12 6HI F . -15.78 20.15 -1.16
C27 6HI F . -17.18 18.85 -2.96
C30 6HI F . -17.53 17.52 -5.36
F1 6HI F . -17.67 16.87 -6.52
C18 6HI F . -16.80 19.46 -4.15
C9 6HI F . -12.30 18.54 -1.82
O4 6HI F . -11.34 19.51 -1.44
C11 6HI F . -12.56 16.03 -1.82
O3 6HI F . -12.35 16.04 -3.22
C35 6HI F . -12.03 14.72 -1.24
C36 6HI F . -12.98 13.59 -1.56
O7 6HI F . -12.65 12.72 -2.36
O6 6HI F . -14.17 13.52 -0.99
N3 6HI G . -12.61 -21.60 12.89
C4 6HI G . -10.70 -24.41 9.74
C5 6HI G . -11.31 -21.31 12.83
C6 6HI G . -11.82 -23.37 9.78
C7 6HI G . -9.27 -21.83 11.17
C8 6HI G . -9.13 -20.58 10.30
C10 6HI G . -7.72 -18.98 9.01
C13 6HI G . -11.84 -22.41 8.58
C15 6HI G . -9.18 -20.21 15.76
C17 6HI G . -15.98 -25.72 12.12
C20 6HI G . -16.34 -27.02 11.78
C21 6HI G . -10.38 -19.12 13.50
C24 6HI G . -9.65 -18.31 14.34
C26 6HI G . -18.17 -24.94 11.48
F2 6HI G . -17.95 -28.54 10.96
C29 6HI G . -17.61 -27.29 11.29
C23 6HI G . -18.53 -26.24 11.14
C32 6HI G . -16.90 -24.67 11.98
C1 6HI G . -16.53 -23.24 12.35
N2 6HI G . -15.08 -23.11 12.53
C3 6HI G . -14.25 -22.87 11.51
O2 6HI G . -14.68 -22.70 10.38
C2 6HI G . -12.88 -22.36 11.80
N4 6HI G . -11.78 -22.55 11.05
C12 6HI G . -10.72 -21.92 11.61
C27 6HI G . -10.49 -20.48 13.76
C30 6HI G . -9.06 -18.85 15.47
F1 6HI G . -8.36 -18.05 16.28
C18 6HI G . -9.91 -21.02 14.90
C9 6HI G . -7.72 -20.29 9.79
O4 6HI G . -7.29 -21.26 8.84
C11 6HI G . -7.72 -17.76 9.92
O3 6HI G . -6.46 -17.67 10.55
C35 6HI G . -8.00 -16.52 9.09
C36 6HI G . -8.43 -15.39 9.98
O7 6HI G . -7.61 -14.57 10.35
O6 6HI G . -9.70 -15.25 10.32
N3 6HI H . 11.48 -19.75 -17.19
C4 6HI H . 9.22 -22.74 -14.47
C5 6HI H . 10.24 -19.30 -17.05
C6 6HI H . 10.49 -21.89 -14.41
C7 6HI H . 8.15 -19.82 -15.48
C8 6HI H . 8.18 -18.85 -14.32
C10 6HI H . 6.89 -17.33 -12.79
C13 6HI H . 10.67 -21.20 -13.06
C15 6HI H . 8.02 -17.64 -19.59
C17 6HI H . 14.56 -24.33 -17.26
C20 6HI H . 14.93 -25.66 -17.06
C21 6HI H . 9.77 -16.93 -17.55
C24 6HI H . 9.13 -15.94 -18.28
C26 6HI H . 16.73 -23.60 -16.51
F2 6HI H . 16.55 -27.23 -16.38
C29 6HI H . 16.20 -25.95 -16.59
C23 6HI H . 17.10 -24.94 -16.31
C32 6HI H . 15.45 -23.30 -17.00
C1 6HI H . 15.08 -21.86 -17.22
N2 6HI H . 13.63 -21.71 -17.20
C3 6HI H . 12.95 -21.42 -16.09
O2 6HI H . 13.55 -21.25 -15.03
C2 6HI H . 11.66 -20.71 -16.26
N4 6HI H . 10.53 -20.89 -15.51
C12 6HI H . 9.57 -20.04 -15.96
C27 6HI H . 9.53 -18.27 -17.83
C30 6HI H . 8.26 -16.30 -19.30
F1 6HI H . 7.64 -15.34 -19.99
C18 6HI H . 8.66 -18.63 -18.86
C9 6HI H . 6.79 -18.50 -13.78
O4 6HI H . 6.24 -19.61 -13.09
C11 6HI H . 7.14 -16.00 -13.48
O3 6HI H . 6.01 -15.60 -14.23
C35 6HI H . 7.44 -14.96 -12.43
C36 6HI H . 7.86 -13.65 -13.05
O7 6HI H . 7.04 -12.78 -13.25
O6 6HI H . 9.15 -13.45 -13.35
#